data_2VRT
#
_entry.id   2VRT
#
_cell.length_a   93.894
_cell.length_b   121.252
_cell.length_c   242.228
_cell.angle_alpha   90.00
_cell.angle_beta   99.47
_cell.angle_gamma   90.00
#
_symmetry.space_group_name_H-M   'C 1 2 1'
#
loop_
_entity.id
_entity.type
_entity.pdbx_description
1 polymer 'RIBONUCLEASE E'
2 polymer "5'-R(*UP*UP)-3'"
3 polymer "5'-R(*UP*UP*GP)-3'"
4 non-polymer 'ZINC ION'
#
loop_
_entity_poly.entity_id
_entity_poly.type
_entity_poly.pdbx_seq_one_letter_code
_entity_poly.pdbx_strand_id
1 'polypeptide(L)'
;MKRMLINATQQEELRVALVDGQRLYDLDIESPGHEQKKANIYKGKITRIEPSLEAAFVDYGAERHGFLPLKEIAREYFPA
NYSAHGRPNIKDVLREGQEVIVQIDKEERGNKGAALTTFISLAGSYLVLMPNNPRAGGISRRIEGDDRTELKEALASLEL
PEGMGLIVRTAGVGKSAEALQWDLSFRLKHWEAIKKAAESRPAPFLIHQESNVIVRAFRDYLRQDIGEILIDNPKVLELA
RQHIAALGRPDFSSKIKLYTGEIPLFSHYQIESQIESAFQREVRLPSGGSIVIDSTEALTAIDINSARATRGGDIEETAF
NTNLEAADEIARQLRLRDLGGLIVIDFIDMTPVRHQRAVENRLREAVRQDRARIQISHISRFGLLEMSRQRLSPSLGESS
HHVCPRCSGTGTVRDNESLSLSILRLIEEEALKENTQEVHAIVPVPIASYLLNEKRSAVNAIETRQDGVRCVIVPNDQME
TPHYHVLRVRKGEETPTLSYMLPKLHEEA
;
A,B,C,D
2 'polyribonucleotide' UU E,F
3 'polyribonucleotide' UUG G,H
#
# COMPACT_ATOMS: atom_id res chain seq x y z
N MET A 1 -46.12 -21.90 -21.32
CA MET A 1 -46.44 -21.59 -19.90
C MET A 1 -45.61 -20.46 -19.32
N LYS A 2 -46.29 -19.42 -18.83
CA LYS A 2 -45.64 -18.33 -18.10
C LYS A 2 -45.68 -18.64 -16.61
N ARG A 3 -44.53 -18.52 -15.94
CA ARG A 3 -44.44 -18.84 -14.51
C ARG A 3 -43.86 -17.70 -13.69
N MET A 4 -44.36 -17.55 -12.47
CA MET A 4 -43.70 -16.72 -11.47
C MET A 4 -42.80 -17.62 -10.64
N LEU A 5 -41.51 -17.33 -10.65
CA LEU A 5 -40.55 -18.03 -9.80
C LEU A 5 -40.07 -17.15 -8.65
N ILE A 6 -40.10 -17.68 -7.44
CA ILE A 6 -39.69 -16.94 -6.26
C ILE A 6 -38.57 -17.66 -5.51
N ASN A 7 -37.42 -17.01 -5.41
CA ASN A 7 -36.31 -17.55 -4.63
C ASN A 7 -35.97 -16.90 -3.30
N ALA A 8 -36.25 -17.61 -2.22
CA ALA A 8 -35.92 -17.14 -0.88
C ALA A 8 -35.02 -17.97 0.03
N THR A 9 -34.20 -18.83 -0.57
CA THR A 9 -33.21 -19.55 0.22
C THR A 9 -32.18 -18.59 0.82
N GLN A 10 -31.99 -17.44 0.18
CA GLN A 10 -31.05 -16.45 0.66
C GLN A 10 -31.76 -15.32 1.40
N GLN A 11 -31.40 -15.13 2.66
CA GLN A 11 -32.15 -14.25 3.56
C GLN A 11 -32.02 -12.79 3.12
N GLU A 12 -30.94 -12.49 2.41
CA GLU A 12 -30.56 -11.10 2.15
C GLU A 12 -30.86 -10.71 0.71
N GLU A 13 -31.55 -11.58 0.00
CA GLU A 13 -32.10 -11.23 -1.34
C GLU A 13 -33.28 -12.11 -1.74
N LEU A 14 -34.48 -11.57 -1.59
CA LEU A 14 -35.70 -12.23 -2.07
C LEU A 14 -35.93 -11.85 -3.52
N ARG A 15 -35.98 -12.85 -4.39
CA ARG A 15 -36.04 -12.62 -5.83
C ARG A 15 -37.33 -13.16 -6.45
N VAL A 16 -37.94 -12.35 -7.30
CA VAL A 16 -39.17 -12.73 -8.00
C VAL A 16 -38.95 -12.55 -9.50
N ALA A 17 -39.20 -13.61 -10.27
CA ALA A 17 -39.00 -13.58 -11.70
C ALA A 17 -40.22 -14.09 -12.46
N LEU A 18 -40.75 -13.25 -13.35
CA LEU A 18 -41.76 -13.71 -14.29
C LEU A 18 -41.06 -14.28 -15.51
N VAL A 19 -41.35 -15.55 -15.80
CA VAL A 19 -40.64 -16.28 -16.85
C VAL A 19 -41.61 -16.97 -17.82
N ASP A 20 -41.55 -16.57 -19.08
CA ASP A 20 -42.29 -17.23 -20.16
C ASP A 20 -41.43 -18.36 -20.71
N GLY A 21 -41.81 -19.60 -20.37
CA GLY A 21 -41.01 -20.78 -20.70
C GLY A 21 -39.70 -20.75 -19.93
N GLN A 22 -38.63 -20.38 -20.62
CA GLN A 22 -37.33 -20.16 -20.00
C GLN A 22 -36.85 -18.72 -20.23
N ARG A 23 -37.67 -17.95 -20.95
CA ARG A 23 -37.32 -16.57 -21.24
C ARG A 23 -37.79 -15.63 -20.14
N LEU A 24 -36.82 -15.12 -19.37
CA LEU A 24 -37.05 -14.12 -18.35
C LEU A 24 -37.59 -12.85 -19.00
N TYR A 25 -38.69 -12.32 -18.45
CA TYR A 25 -39.27 -11.10 -19.03
C TYR A 25 -39.62 -10.03 -17.98
N ASP A 26 -39.44 -10.37 -16.71
CA ASP A 26 -39.55 -9.40 -15.62
C ASP A 26 -38.82 -9.92 -14.39
N LEU A 27 -38.35 -9.00 -13.55
CA LEU A 27 -37.60 -9.35 -12.36
C LEU A 27 -37.80 -8.32 -11.25
N ASP A 28 -38.02 -8.82 -10.04
CA ASP A 28 -38.14 -7.97 -8.87
C ASP A 28 -37.27 -8.52 -7.75
N ILE A 29 -36.44 -7.66 -7.17
CA ILE A 29 -35.48 -8.05 -6.15
C ILE A 29 -35.68 -7.21 -4.90
N GLU A 30 -35.78 -7.88 -3.75
CA GLU A 30 -35.96 -7.18 -2.48
C GLU A 30 -35.01 -7.65 -1.38
N SER A 31 -34.07 -6.78 -1.04
CA SER A 31 -33.17 -6.99 0.09
C SER A 31 -33.74 -6.28 1.33
N PRO A 32 -33.47 -6.83 2.53
CA PRO A 32 -33.70 -6.18 3.82
C PRO A 32 -33.47 -4.66 3.80
N GLU A 35 -39.45 -0.73 7.98
CA GLU A 35 -40.19 -0.11 6.88
C GLU A 35 -41.60 0.31 7.32
N GLN A 36 -42.27 1.07 6.46
CA GLN A 36 -43.50 1.81 6.79
C GLN A 36 -44.78 0.97 7.03
N LYS A 37 -45.65 1.47 7.90
CA LYS A 37 -46.95 0.84 8.21
C LYS A 37 -48.16 1.74 7.88
N LYS A 38 -48.50 1.81 6.59
CA LYS A 38 -49.63 2.63 6.09
C LYS A 38 -50.37 1.94 4.94
N ALA A 39 -51.69 2.10 4.93
CA ALA A 39 -52.64 1.46 4.01
C ALA A 39 -53.03 0.06 4.50
N ASN A 40 -52.49 -0.30 5.66
CA ASN A 40 -52.79 -1.56 6.35
C ASN A 40 -54.25 -1.54 6.79
N ILE A 41 -54.93 -2.67 6.60
CA ILE A 41 -56.34 -2.77 6.98
C ILE A 41 -56.51 -3.66 8.21
N TYR A 42 -57.30 -3.19 9.16
CA TYR A 42 -57.56 -3.90 10.41
C TYR A 42 -59.05 -3.89 10.75
N LYS A 43 -59.44 -4.75 11.68
CA LYS A 43 -60.66 -4.56 12.43
C LYS A 43 -60.25 -3.97 13.76
N GLY A 44 -60.80 -2.80 14.09
CA GLY A 44 -60.48 -2.12 15.34
C GLY A 44 -61.72 -1.90 16.18
N LYS A 45 -61.52 -1.79 17.50
CA LYS A 45 -62.61 -1.49 18.43
C LYS A 45 -62.58 -0.02 18.79
N ILE A 46 -63.76 0.60 18.89
CA ILE A 46 -63.83 2.01 19.27
C ILE A 46 -63.55 2.18 20.76
N THR A 47 -62.33 2.57 21.07
CA THR A 47 -61.93 2.80 22.46
C THR A 47 -62.79 3.86 23.12
N ARG A 48 -62.74 5.07 22.58
CA ARG A 48 -63.40 6.22 23.21
C ARG A 48 -63.83 7.25 22.16
N ILE A 49 -64.89 7.98 22.46
CA ILE A 49 -65.42 8.98 21.54
C ILE A 49 -65.22 10.39 22.08
N GLU A 50 -65.13 11.35 21.19
CA GLU A 50 -65.04 12.75 21.57
C GLU A 50 -65.96 13.57 20.65
N PRO A 51 -66.98 14.24 21.23
CA PRO A 51 -67.72 15.22 20.43
C PRO A 51 -66.90 16.50 20.30
N SER A 52 -65.95 16.68 21.22
CA SER A 52 -65.03 17.81 21.26
C SER A 52 -64.17 17.92 20.01
N LEU A 53 -63.84 16.79 19.41
CA LEU A 53 -63.01 16.75 18.21
C LEU A 53 -63.76 16.19 17.01
N GLU A 54 -65.06 15.92 17.21
CA GLU A 54 -65.91 15.26 16.21
C GLU A 54 -65.21 14.03 15.63
N ALA A 55 -64.67 13.19 16.53
CA ALA A 55 -63.80 12.08 16.15
C ALA A 55 -63.64 11.07 17.28
N ALA A 56 -63.42 9.80 16.92
CA ALA A 56 -63.27 8.73 17.90
C ALA A 56 -61.89 8.05 17.81
N PHE A 57 -61.60 7.17 18.78
CA PHE A 57 -60.33 6.46 18.84
C PHE A 57 -60.50 4.95 18.65
N VAL A 58 -59.59 4.37 17.88
CA VAL A 58 -59.72 2.98 17.47
C VAL A 58 -58.48 2.14 17.80
N ASP A 59 -58.68 1.12 18.61
CA ASP A 59 -57.65 0.14 18.94
C ASP A 59 -57.59 -0.89 17.82
N TYR A 60 -56.74 -0.65 16.83
CA TYR A 60 -56.54 -1.62 15.75
C TYR A 60 -55.45 -2.64 16.10
N GLY A 61 -54.86 -2.50 17.30
CA GLY A 61 -53.90 -3.46 17.79
C GLY A 61 -52.52 -2.93 18.16
N ALA A 62 -52.21 -1.70 17.74
CA ALA A 62 -50.97 -1.05 18.13
C ALA A 62 -51.03 -0.62 19.60
N GLU A 63 -49.87 -0.51 20.22
CA GLU A 63 -49.78 -0.02 21.59
C GLU A 63 -50.33 1.40 21.70
N ARG A 64 -50.57 2.03 20.56
CA ARG A 64 -51.23 3.33 20.53
C ARG A 64 -52.52 3.27 19.72
N HIS A 65 -53.53 4.01 20.17
CA HIS A 65 -54.85 3.97 19.54
C HIS A 65 -54.95 4.99 18.42
N GLY A 66 -55.54 4.57 17.30
CA GLY A 66 -55.60 5.43 16.12
C GLY A 66 -56.71 6.47 16.21
N PHE A 67 -56.91 7.20 15.12
CA PHE A 67 -57.74 8.39 15.14
C PHE A 67 -58.74 8.40 13.98
N LEU A 68 -60.03 8.49 14.30
CA LEU A 68 -61.10 8.37 13.31
C LEU A 68 -62.06 9.56 13.30
N PRO A 69 -61.75 10.60 12.49
CA PRO A 69 -62.61 11.77 12.28
C PRO A 69 -64.02 11.44 11.78
N LEU A 70 -64.97 12.33 12.05
CA LEU A 70 -66.38 12.15 11.66
C LEU A 70 -66.58 12.12 10.14
N LYS A 71 -65.69 12.81 9.42
CA LYS A 71 -65.72 12.84 7.97
C LYS A 71 -65.35 11.49 7.33
N GLU A 72 -64.86 10.57 8.15
CA GLU A 72 -64.41 9.26 7.67
C GLU A 72 -65.33 8.10 8.03
N ILE A 73 -66.28 8.33 8.94
CA ILE A 73 -67.27 7.32 9.30
C ILE A 73 -68.24 7.08 8.15
N ALA A 74 -68.24 5.86 7.62
CA ALA A 74 -69.10 5.49 6.50
C ALA A 74 -70.56 5.38 6.93
N ARG A 75 -71.47 5.69 6.01
CA ARG A 75 -72.91 5.57 6.24
C ARG A 75 -73.29 4.16 6.68
N GLU A 76 -72.52 3.18 6.21
CA GLU A 76 -72.66 1.77 6.55
C GLU A 76 -72.56 1.55 8.06
N TYR A 77 -71.85 2.40 8.77
CA TYR A 77 -71.66 2.24 10.23
C TYR A 77 -72.69 2.96 11.09
N PHE A 78 -73.28 4.03 10.57
CA PHE A 78 -74.34 4.77 11.26
C PHE A 78 -75.55 3.87 11.53
N PRO A 79 -75.87 3.61 12.82
CA PRO A 79 -77.19 3.03 13.11
C PRO A 79 -78.32 3.98 12.72
N ARG A 87 -75.76 17.84 9.86
CA ARG A 87 -74.48 17.33 10.32
C ARG A 87 -74.58 16.77 11.74
N PRO A 88 -73.96 15.60 11.99
CA PRO A 88 -74.03 14.93 13.30
C PRO A 88 -72.81 15.12 14.23
N ASN A 89 -73.04 14.88 15.53
CA ASN A 89 -71.97 14.67 16.50
C ASN A 89 -71.56 13.20 16.46
N ILE A 90 -70.27 12.94 16.71
CA ILE A 90 -69.75 11.56 16.73
C ILE A 90 -70.37 10.73 17.85
N LYS A 91 -70.91 11.43 18.86
CA LYS A 91 -71.63 10.80 19.96
C LYS A 91 -72.93 10.11 19.51
N ASP A 92 -73.41 10.48 18.33
CA ASP A 92 -74.66 9.93 17.78
C ASP A 92 -74.43 8.72 16.86
N VAL A 93 -73.20 8.59 16.38
CA VAL A 93 -72.86 7.63 15.33
C VAL A 93 -72.32 6.33 15.90
N LEU A 94 -71.19 6.46 16.58
CA LEU A 94 -70.42 5.31 17.03
C LEU A 94 -70.52 5.13 18.54
N ARG A 95 -70.70 3.87 18.96
CA ARG A 95 -70.66 3.53 20.37
C ARG A 95 -69.25 3.06 20.72
N GLU A 96 -68.93 3.01 22.01
CA GLU A 96 -67.66 2.46 22.46
C GLU A 96 -67.70 0.94 22.34
N GLY A 97 -66.54 0.34 22.10
CA GLY A 97 -66.43 -1.11 21.89
C GLY A 97 -67.06 -1.58 20.58
N GLN A 98 -67.45 -0.63 19.74
CA GLN A 98 -68.08 -0.94 18.46
C GLN A 98 -67.03 -1.21 17.39
N GLU A 99 -67.05 -2.44 16.87
CA GLU A 99 -66.10 -2.90 15.86
C GLU A 99 -66.32 -2.19 14.51
N VAL A 100 -65.22 -2.02 13.77
CA VAL A 100 -65.21 -1.23 12.54
C VAL A 100 -63.98 -1.60 11.68
N ILE A 101 -64.18 -1.71 10.36
CA ILE A 101 -63.10 -2.00 9.43
C ILE A 101 -62.31 -0.75 9.07
N VAL A 102 -61.04 -0.72 9.49
CA VAL A 102 -60.23 0.48 9.45
C VAL A 102 -58.94 0.33 8.61
N GLN A 103 -58.61 1.39 7.88
CA GLN A 103 -57.39 1.47 7.09
C GLN A 103 -56.56 2.67 7.55
N ILE A 104 -55.26 2.46 7.72
CA ILE A 104 -54.34 3.55 8.03
C ILE A 104 -54.30 4.59 6.92
N ASP A 105 -54.60 5.84 7.27
CA ASP A 105 -54.55 6.93 6.31
C ASP A 105 -53.24 7.71 6.43
N LYS A 106 -52.62 7.63 7.60
CA LYS A 106 -51.36 8.32 7.84
C LYS A 106 -50.61 7.70 9.01
N GLU A 107 -49.28 7.65 8.89
CA GLU A 107 -48.45 6.96 9.87
C GLU A 107 -48.46 7.58 11.26
N GLU A 108 -47.81 6.91 12.21
CA GLU A 108 -47.62 7.46 13.54
C GLU A 108 -46.56 8.56 13.53
N ARG A 109 -46.88 9.68 14.18
CA ARG A 109 -46.05 10.88 14.08
C ARG A 109 -45.65 11.38 15.47
N GLY A 110 -44.34 11.38 15.73
CA GLY A 110 -43.83 11.78 17.04
C GLY A 110 -44.47 11.01 18.18
N ASN A 111 -45.44 11.62 18.83
CA ASN A 111 -46.31 10.91 19.76
C ASN A 111 -47.25 9.94 19.04
N LYS A 112 -48.07 9.25 19.80
CA LYS A 112 -48.96 8.23 19.27
C LYS A 112 -50.11 8.87 18.48
N GLY A 113 -49.82 9.28 17.25
CA GLY A 113 -50.85 9.74 16.34
C GLY A 113 -50.84 8.99 15.02
N ALA A 114 -51.90 8.25 14.75
CA ALA A 114 -52.10 7.64 13.44
C ALA A 114 -53.52 7.84 12.94
N ALA A 115 -53.65 8.45 11.76
CA ALA A 115 -54.95 8.84 11.24
C ALA A 115 -55.55 7.72 10.39
N LEU A 116 -56.82 7.43 10.63
CA LEU A 116 -57.47 6.27 10.03
C LEU A 116 -58.72 6.68 9.26
N THR A 117 -59.21 5.75 8.46
CA THR A 117 -60.48 5.92 7.75
C THR A 117 -61.22 4.58 7.67
N THR A 118 -62.54 4.66 7.59
CA THR A 118 -63.36 3.50 7.34
C THR A 118 -63.56 3.37 5.84
N PHE A 119 -63.39 4.50 5.15
CA PHE A 119 -63.38 4.53 3.68
C PHE A 119 -62.12 3.88 3.15
N ILE A 120 -62.18 2.55 3.04
CA ILE A 120 -61.04 1.73 2.59
C ILE A 120 -60.78 1.89 1.10
N SER A 121 -59.52 1.69 0.70
CA SER A 121 -59.12 1.67 -0.70
C SER A 121 -58.14 0.55 -1.00
N LEU A 122 -58.39 -0.17 -2.09
CA LEU A 122 -57.54 -1.29 -2.49
C LEU A 122 -56.82 -0.96 -3.80
N ALA A 123 -55.54 -0.62 -3.67
CA ALA A 123 -54.73 -0.23 -4.80
C ALA A 123 -54.07 -1.44 -5.44
N GLY A 124 -54.46 -1.73 -6.68
CA GLY A 124 -53.82 -2.77 -7.47
C GLY A 124 -52.81 -2.15 -8.41
N SER A 125 -52.45 -2.91 -9.45
CA SER A 125 -51.49 -2.44 -10.45
C SER A 125 -52.07 -1.32 -11.32
N TYR A 126 -53.33 -1.47 -11.70
CA TYR A 126 -53.95 -0.62 -12.73
C TYR A 126 -55.10 0.20 -12.20
N LEU A 127 -55.76 -0.32 -11.17
CA LEU A 127 -56.97 0.27 -10.63
C LEU A 127 -56.88 0.42 -9.12
N VAL A 128 -57.62 1.39 -8.59
CA VAL A 128 -57.74 1.58 -7.14
C VAL A 128 -59.22 1.53 -6.77
N LEU A 129 -59.68 0.37 -6.32
CA LEU A 129 -61.06 0.19 -5.93
C LEU A 129 -61.33 0.84 -4.56
N MET A 130 -62.42 1.59 -4.48
CA MET A 130 -62.88 2.18 -3.24
C MET A 130 -64.26 1.59 -2.93
N PRO A 131 -64.30 0.34 -2.42
CA PRO A 131 -65.57 -0.38 -2.30
C PRO A 131 -66.53 0.29 -1.32
N ASN A 132 -66.01 1.30 -0.62
CA ASN A 132 -66.68 1.91 0.51
C ASN A 132 -67.34 3.25 0.19
N ASN A 133 -66.78 4.00 -0.76
CA ASN A 133 -67.44 5.20 -1.28
C ASN A 133 -67.40 5.36 -2.80
N PRO A 134 -68.58 5.44 -3.42
CA PRO A 134 -68.76 5.69 -4.84
C PRO A 134 -68.59 7.16 -5.21
N ARG A 135 -68.44 8.02 -4.21
CA ARG A 135 -68.17 9.44 -4.43
C ARG A 135 -66.72 9.65 -4.89
N ALA A 136 -65.93 8.57 -4.90
CA ALA A 136 -64.56 8.63 -5.39
C ALA A 136 -64.43 7.98 -6.78
N GLY A 137 -63.43 8.41 -7.55
CA GLY A 137 -63.12 7.75 -8.82
C GLY A 137 -62.69 8.60 -9.99
N GLY A 138 -61.97 7.98 -10.92
CA GLY A 138 -61.58 8.64 -12.18
C GLY A 138 -60.27 8.18 -12.77
N ILE A 139 -59.77 8.92 -13.75
CA ILE A 139 -58.44 8.67 -14.30
C ILE A 139 -57.43 9.51 -13.53
N SER A 140 -56.24 8.93 -13.30
CA SER A 140 -55.12 9.63 -12.68
C SER A 140 -54.92 11.00 -13.31
N ARG A 141 -54.60 12.00 -12.49
CA ARG A 141 -54.38 13.37 -12.98
C ARG A 141 -53.26 13.45 -14.00
N ARG A 142 -52.29 12.54 -13.89
CA ARG A 142 -51.06 12.64 -14.66
C ARG A 142 -51.29 12.32 -16.13
N ILE A 143 -52.26 11.44 -16.38
CA ILE A 143 -52.70 11.17 -17.75
C ILE A 143 -53.28 12.38 -18.47
N GLU A 144 -53.21 12.36 -19.80
CA GLU A 144 -53.57 13.55 -20.56
C GLU A 144 -54.58 13.36 -21.70
N GLY A 145 -54.53 14.25 -22.68
CA GLY A 145 -55.54 14.30 -23.72
C GLY A 145 -55.80 13.03 -24.50
N ASP A 146 -54.75 12.50 -25.12
CA ASP A 146 -54.89 11.34 -25.99
C ASP A 146 -54.71 10.03 -25.22
N ASP A 147 -53.71 10.00 -24.35
CA ASP A 147 -53.42 8.82 -23.56
C ASP A 147 -54.62 8.41 -22.72
N ARG A 148 -55.32 9.39 -22.16
CA ARG A 148 -56.43 9.13 -21.26
C ARG A 148 -57.77 8.88 -21.93
N THR A 149 -57.89 9.31 -23.18
CA THR A 149 -59.17 9.32 -23.88
C THR A 149 -59.80 7.93 -23.93
N GLU A 150 -59.07 6.97 -24.48
CA GLU A 150 -59.53 5.58 -24.55
C GLU A 150 -59.92 5.15 -23.14
N LEU A 151 -59.15 5.59 -22.15
CA LEU A 151 -59.32 5.11 -20.78
C LEU A 151 -60.72 5.33 -20.25
N LYS A 152 -61.12 6.60 -20.16
CA LYS A 152 -62.49 6.94 -19.75
C LYS A 152 -63.52 6.05 -20.44
N GLU A 153 -63.24 5.68 -21.69
CA GLU A 153 -64.05 4.70 -22.42
C GLU A 153 -63.84 3.29 -21.90
N ALA A 154 -62.58 2.84 -21.86
CA ALA A 154 -62.23 1.54 -21.28
C ALA A 154 -62.61 1.48 -19.80
N LEU A 155 -62.66 2.64 -19.15
CA LEU A 155 -63.15 2.75 -17.78
C LEU A 155 -64.63 2.39 -17.73
N ALA A 156 -65.45 3.10 -18.49
CA ALA A 156 -66.91 2.88 -18.49
C ALA A 156 -67.33 1.42 -18.68
N SER A 157 -66.48 0.64 -19.35
CA SER A 157 -66.79 -0.75 -19.71
C SER A 157 -66.47 -1.81 -18.66
N LEU A 158 -65.94 -1.38 -17.51
CA LEU A 158 -65.74 -2.28 -16.38
C LEU A 158 -67.07 -2.49 -15.66
N GLU A 159 -67.23 -3.66 -15.02
CA GLU A 159 -68.45 -3.97 -14.27
C GLU A 159 -68.25 -3.72 -12.77
N LEU A 160 -68.61 -2.51 -12.34
CA LEU A 160 -68.37 -2.08 -10.96
C LEU A 160 -69.64 -2.15 -10.12
N PRO A 161 -69.61 -2.92 -9.02
CA PRO A 161 -70.73 -2.98 -8.07
C PRO A 161 -71.19 -1.59 -7.65
N GLU A 162 -72.51 -1.42 -7.56
CA GLU A 162 -73.17 -0.11 -7.46
C GLU A 162 -72.67 0.82 -6.35
N GLY A 163 -72.38 0.26 -5.17
CA GLY A 163 -72.06 1.06 -3.99
C GLY A 163 -70.61 1.49 -3.84
N MET A 164 -69.83 1.33 -4.89
CA MET A 164 -68.40 1.63 -4.83
C MET A 164 -67.94 2.40 -6.06
N GLY A 165 -66.82 3.11 -5.93
CA GLY A 165 -66.25 3.84 -7.04
C GLY A 165 -64.81 3.47 -7.30
N LEU A 166 -64.32 3.82 -8.49
CA LEU A 166 -63.02 3.33 -8.96
C LEU A 166 -62.13 4.49 -9.37
N ILE A 167 -60.81 4.26 -9.32
CA ILE A 167 -59.86 5.13 -9.99
C ILE A 167 -58.93 4.34 -10.90
N VAL A 168 -58.72 4.83 -12.11
CA VAL A 168 -57.69 4.30 -13.00
C VAL A 168 -56.32 4.90 -12.67
N ARG A 169 -55.33 4.02 -12.52
CA ARG A 169 -53.99 4.45 -12.12
C ARG A 169 -53.16 4.87 -13.32
N THR A 170 -51.97 5.41 -13.06
CA THR A 170 -51.07 5.84 -14.13
C THR A 170 -50.59 4.66 -14.97
N ALA A 171 -50.36 3.53 -14.31
CA ALA A 171 -50.01 2.27 -14.98
C ALA A 171 -51.12 1.76 -15.90
N GLY A 172 -52.30 2.36 -15.79
CA GLY A 172 -53.43 1.96 -16.60
C GLY A 172 -53.41 2.58 -17.98
N VAL A 173 -52.32 3.28 -18.29
CA VAL A 173 -52.26 4.06 -19.51
C VAL A 173 -52.31 3.14 -20.73
N GLY A 174 -51.51 2.07 -20.69
CA GLY A 174 -51.42 1.22 -21.86
C GLY A 174 -52.09 -0.14 -21.85
N LYS A 175 -52.94 -0.36 -20.85
CA LYS A 175 -53.60 -1.64 -20.68
C LYS A 175 -54.92 -1.71 -21.45
N SER A 176 -55.43 -2.91 -21.65
CA SER A 176 -56.66 -3.12 -22.41
C SER A 176 -57.87 -3.19 -21.50
N ALA A 177 -59.06 -3.18 -22.11
CA ALA A 177 -60.30 -3.29 -21.35
C ALA A 177 -60.39 -4.62 -20.59
N GLU A 178 -59.96 -5.72 -21.24
CA GLU A 178 -59.99 -7.04 -20.62
C GLU A 178 -58.97 -7.16 -19.50
N ALA A 179 -57.87 -6.42 -19.61
CA ALA A 179 -56.81 -6.42 -18.61
C ALA A 179 -57.21 -5.61 -17.38
N LEU A 180 -57.91 -4.50 -17.64
CA LEU A 180 -58.47 -3.71 -16.55
C LEU A 180 -59.54 -4.50 -15.80
N GLN A 181 -60.36 -5.26 -16.52
CA GLN A 181 -61.37 -6.15 -15.94
C GLN A 181 -60.76 -7.17 -14.97
N TRP A 182 -59.65 -7.79 -15.39
CA TRP A 182 -58.92 -8.76 -14.56
C TRP A 182 -58.38 -8.14 -13.27
N ASP A 183 -58.07 -6.85 -13.32
CA ASP A 183 -57.62 -6.11 -12.14
C ASP A 183 -58.79 -5.89 -11.18
N LEU A 184 -59.83 -5.22 -11.66
CA LEU A 184 -61.04 -4.93 -10.88
C LEU A 184 -61.57 -6.14 -10.12
N SER A 185 -61.45 -7.32 -10.73
CA SER A 185 -61.89 -8.58 -10.13
C SER A 185 -61.01 -8.99 -8.94
N PHE A 186 -59.69 -9.00 -9.14
CA PHE A 186 -58.73 -9.29 -8.07
C PHE A 186 -58.89 -8.34 -6.89
N ARG A 187 -59.32 -7.10 -7.18
CA ARG A 187 -59.62 -6.12 -6.15
C ARG A 187 -60.87 -6.50 -5.37
N LEU A 188 -61.92 -6.85 -6.10
CA LEU A 188 -63.20 -7.25 -5.51
C LEU A 188 -63.09 -8.55 -4.71
N LYS A 189 -62.36 -9.52 -5.27
CA LYS A 189 -62.05 -10.76 -4.57
C LYS A 189 -61.40 -10.44 -3.22
N HIS A 190 -60.41 -9.55 -3.24
CA HIS A 190 -59.71 -9.13 -2.01
C HIS A 190 -60.66 -8.47 -1.02
N TRP A 191 -61.48 -7.54 -1.50
CA TRP A 191 -62.43 -6.84 -0.63
C TRP A 191 -63.42 -7.80 0.03
N GLU A 192 -63.78 -8.86 -0.69
CA GLU A 192 -64.66 -9.90 -0.14
C GLU A 192 -63.97 -10.71 0.97
N ALA A 193 -62.68 -10.96 0.81
CA ALA A 193 -61.88 -11.61 1.85
C ALA A 193 -61.66 -10.68 3.03
N ILE A 194 -61.48 -9.39 2.73
CA ILE A 194 -61.28 -8.37 3.75
C ILE A 194 -62.44 -8.33 4.75
N LYS A 195 -63.65 -8.07 4.23
CA LYS A 195 -64.84 -7.95 5.07
C LYS A 195 -65.37 -9.28 5.64
N LYS A 196 -64.75 -10.39 5.24
CA LYS A 196 -65.14 -11.72 5.72
C LYS A 196 -64.22 -12.24 6.82
N ALA A 197 -62.93 -11.92 6.73
CA ALA A 197 -61.98 -12.21 7.81
C ALA A 197 -62.30 -11.32 9.01
N ALA A 198 -63.21 -10.36 8.81
CA ALA A 198 -63.60 -9.39 9.83
C ALA A 198 -64.92 -9.75 10.52
N GLU A 199 -65.91 -10.19 9.73
CA GLU A 199 -67.20 -10.62 10.27
C GLU A 199 -67.06 -11.87 11.16
N SER A 200 -65.93 -12.55 11.03
CA SER A 200 -65.72 -13.84 11.72
C SER A 200 -64.80 -13.77 12.95
N ARG A 201 -64.66 -12.59 13.53
CA ARG A 201 -63.75 -12.39 14.65
C ARG A 201 -64.18 -11.19 15.51
N PRO A 202 -63.71 -11.16 16.75
CA PRO A 202 -63.97 -10.03 17.64
C PRO A 202 -63.13 -8.82 17.25
N ALA A 203 -62.99 -7.86 18.17
CA ALA A 203 -62.10 -6.73 17.98
C ALA A 203 -60.65 -7.14 18.22
N PRO A 204 -59.73 -6.20 18.00
CA PRO A 204 -59.33 -5.81 16.64
C PRO A 204 -57.95 -6.34 16.29
N PHE A 205 -57.67 -6.46 14.99
CA PHE A 205 -56.61 -7.33 14.52
C PHE A 205 -56.41 -7.19 13.01
N LEU A 206 -55.24 -7.60 12.53
CA LEU A 206 -54.76 -7.16 11.22
C LEU A 206 -55.40 -7.99 10.10
N ILE A 207 -55.70 -7.33 8.99
CA ILE A 207 -56.26 -8.02 7.82
C ILE A 207 -55.35 -7.90 6.58
N HIS A 208 -55.04 -6.67 6.18
CA HIS A 208 -54.14 -6.44 5.04
C HIS A 208 -52.83 -5.81 5.48
N GLN A 209 -51.75 -6.59 5.43
CA GLN A 209 -50.41 -6.03 5.47
C GLN A 209 -50.29 -5.21 4.19
N GLU A 210 -50.15 -3.91 4.34
CA GLU A 210 -50.20 -2.97 3.22
C GLU A 210 -49.09 -3.17 2.21
N SER A 211 -47.92 -3.61 2.70
CA SER A 211 -46.75 -3.77 1.85
C SER A 211 -45.67 -4.69 2.42
N ASN A 212 -45.92 -6.00 2.39
CA ASN A 212 -44.83 -6.95 2.41
C ASN A 212 -44.63 -7.41 0.97
N VAL A 213 -43.44 -7.90 0.64
CA VAL A 213 -43.05 -8.10 -0.77
C VAL A 213 -43.95 -9.08 -1.54
N ILE A 214 -44.35 -10.17 -0.89
CA ILE A 214 -45.19 -11.19 -1.52
C ILE A 214 -46.59 -10.63 -1.85
N VAL A 215 -47.12 -9.82 -0.94
CA VAL A 215 -48.37 -9.08 -1.17
C VAL A 215 -48.22 -8.24 -2.44
N ARG A 216 -47.08 -7.59 -2.60
CA ARG A 216 -46.79 -6.79 -3.80
C ARG A 216 -46.67 -7.65 -5.05
N ALA A 217 -45.82 -8.68 -5.00
CA ALA A 217 -45.63 -9.59 -6.13
C ALA A 217 -46.96 -10.16 -6.62
N PHE A 218 -47.83 -10.53 -5.68
CA PHE A 218 -49.17 -11.03 -6.03
C PHE A 218 -50.10 -9.91 -6.50
N ARG A 219 -49.97 -8.73 -5.90
CA ARG A 219 -50.72 -7.54 -6.31
C ARG A 219 -50.36 -7.17 -7.74
N ASP A 220 -49.05 -7.05 -7.97
CA ASP A 220 -48.49 -6.44 -9.18
C ASP A 220 -48.31 -7.40 -10.36
N TYR A 221 -48.23 -8.71 -10.09
CA TYR A 221 -47.71 -9.64 -11.09
C TYR A 221 -48.55 -10.85 -11.48
N LEU A 222 -49.74 -11.00 -10.89
CA LEU A 222 -50.56 -12.15 -11.21
C LEU A 222 -51.59 -11.86 -12.31
N ARG A 223 -51.21 -12.18 -13.54
CA ARG A 223 -52.12 -12.07 -14.67
C ARG A 223 -52.63 -13.47 -14.97
N GLN A 224 -53.83 -13.55 -15.55
CA GLN A 224 -54.49 -14.83 -15.82
C GLN A 224 -53.61 -15.84 -16.55
N ASP A 225 -52.68 -15.31 -17.35
CA ASP A 225 -51.75 -16.12 -18.15
C ASP A 225 -50.69 -16.87 -17.33
N ILE A 226 -50.54 -16.50 -16.05
CA ILE A 226 -49.58 -17.18 -15.18
C ILE A 226 -50.08 -18.56 -14.76
N GLY A 227 -49.33 -19.58 -15.15
CA GLY A 227 -49.71 -20.96 -14.88
C GLY A 227 -49.32 -21.44 -13.50
N GLU A 228 -48.06 -21.21 -13.12
CA GLU A 228 -47.54 -21.70 -11.82
C GLU A 228 -46.77 -20.64 -11.05
N ILE A 229 -46.76 -20.78 -9.73
CA ILE A 229 -45.90 -20.00 -8.86
C ILE A 229 -45.03 -20.98 -8.08
N LEU A 230 -43.76 -21.06 -8.45
CA LEU A 230 -42.83 -21.99 -7.79
C LEU A 230 -42.00 -21.24 -6.76
N ILE A 231 -42.08 -21.69 -5.52
CA ILE A 231 -41.36 -21.08 -4.40
C ILE A 231 -40.43 -22.11 -3.77
N ASP A 232 -39.17 -21.73 -3.61
CA ASP A 232 -38.14 -22.66 -3.11
C ASP A 232 -37.92 -22.62 -1.59
N ASN A 233 -38.95 -22.22 -0.86
CA ASN A 233 -38.89 -22.14 0.61
C ASN A 233 -40.24 -22.49 1.24
N PRO A 234 -40.30 -23.62 1.97
CA PRO A 234 -41.52 -24.07 2.66
C PRO A 234 -42.10 -23.03 3.62
N LYS A 235 -41.23 -22.37 4.39
CA LYS A 235 -41.65 -21.33 5.33
C LYS A 235 -42.32 -20.15 4.62
N VAL A 236 -41.80 -19.82 3.44
CA VAL A 236 -42.34 -18.72 2.63
C VAL A 236 -43.60 -19.13 1.86
N LEU A 237 -43.57 -20.33 1.26
CA LEU A 237 -44.68 -20.83 0.46
C LEU A 237 -46.02 -20.84 1.20
N GLU A 238 -45.99 -21.20 2.48
CA GLU A 238 -47.19 -21.22 3.31
C GLU A 238 -47.67 -19.80 3.67
N LEU A 239 -46.72 -18.89 3.86
CA LEU A 239 -47.05 -17.47 4.00
C LEU A 239 -47.77 -16.97 2.75
N ALA A 240 -47.35 -17.48 1.58
CA ALA A 240 -47.91 -17.09 0.29
C ALA A 240 -49.34 -17.61 0.08
N ARG A 241 -49.63 -18.79 0.63
CA ARG A 241 -50.99 -19.35 0.62
C ARG A 241 -51.92 -18.43 1.39
N GLN A 242 -51.49 -18.11 2.61
CA GLN A 242 -52.18 -17.13 3.46
C GLN A 242 -52.34 -15.82 2.70
N HIS A 243 -51.27 -15.42 2.01
CA HIS A 243 -51.27 -14.18 1.24
C HIS A 243 -52.17 -14.22 0.01
N ILE A 244 -52.32 -15.38 -0.61
CA ILE A 244 -53.23 -15.53 -1.75
C ILE A 244 -54.69 -15.57 -1.31
N ALA A 245 -54.96 -16.30 -0.23
CA ALA A 245 -56.31 -16.42 0.33
C ALA A 245 -56.79 -15.08 0.91
N ALA A 246 -55.95 -14.46 1.74
CA ALA A 246 -56.24 -13.13 2.29
C ALA A 246 -56.31 -12.10 1.18
N LEU A 247 -55.48 -12.27 0.14
CA LEU A 247 -55.57 -11.46 -1.07
C LEU A 247 -56.77 -11.85 -1.94
N GLY A 248 -57.75 -12.50 -1.31
CA GLY A 248 -59.06 -12.70 -1.91
C GLY A 248 -59.24 -13.81 -2.93
N ARG A 249 -58.15 -14.29 -3.50
CA ARG A 249 -58.20 -15.19 -4.64
C ARG A 249 -57.70 -16.59 -4.27
N PRO A 250 -58.56 -17.37 -3.64
CA PRO A 250 -58.17 -18.68 -3.11
C PRO A 250 -57.62 -19.60 -4.20
N ASP A 251 -58.06 -19.40 -5.43
CA ASP A 251 -57.93 -20.40 -6.47
C ASP A 251 -56.51 -20.63 -6.98
N PHE A 252 -55.76 -19.54 -7.13
CA PHE A 252 -54.34 -19.61 -7.40
C PHE A 252 -53.60 -20.40 -6.33
N SER A 253 -54.34 -20.86 -5.32
CA SER A 253 -53.76 -21.62 -4.21
C SER A 253 -53.31 -23.01 -4.67
N SER A 254 -54.04 -23.58 -5.64
CA SER A 254 -53.70 -24.88 -6.21
C SER A 254 -52.47 -24.82 -7.12
N LYS A 255 -52.11 -23.61 -7.54
CA LYS A 255 -51.04 -23.42 -8.52
C LYS A 255 -49.71 -22.95 -7.93
N ILE A 256 -49.71 -22.57 -6.65
CA ILE A 256 -48.45 -22.39 -5.94
C ILE A 256 -47.94 -23.77 -5.58
N LYS A 257 -46.72 -24.07 -5.99
CA LYS A 257 -46.10 -25.36 -5.72
C LYS A 257 -44.72 -25.17 -5.14
N LEU A 258 -44.36 -26.04 -4.19
CA LEU A 258 -43.04 -25.98 -3.56
C LEU A 258 -41.99 -26.47 -4.54
N TYR A 259 -40.90 -25.73 -4.64
CA TYR A 259 -39.75 -26.22 -5.39
C TYR A 259 -38.85 -27.04 -4.48
N THR A 260 -38.51 -28.24 -4.94
CA THR A 260 -37.77 -29.20 -4.13
C THR A 260 -36.42 -29.64 -4.73
N GLY A 261 -36.21 -29.35 -6.02
CA GLY A 261 -34.98 -29.75 -6.72
C GLY A 261 -33.70 -29.26 -6.06
N GLU A 262 -32.64 -30.05 -6.17
CA GLU A 262 -31.34 -29.72 -5.58
C GLU A 262 -30.68 -28.55 -6.29
N ILE A 263 -30.75 -28.54 -7.62
CA ILE A 263 -30.32 -27.41 -8.44
C ILE A 263 -31.26 -26.24 -8.12
N PRO A 264 -30.70 -25.14 -7.57
CA PRO A 264 -31.49 -23.99 -7.09
C PRO A 264 -32.47 -23.49 -8.14
N LEU A 265 -33.65 -23.04 -7.69
CA LEU A 265 -34.78 -22.71 -8.56
C LEU A 265 -34.38 -21.97 -9.84
N PHE A 266 -33.64 -20.87 -9.67
CA PHE A 266 -33.29 -19.97 -10.78
C PHE A 266 -32.27 -20.58 -11.75
N SER A 267 -31.44 -21.47 -11.24
CA SER A 267 -30.48 -22.20 -12.10
C SER A 267 -31.20 -23.26 -12.94
N HIS A 268 -32.24 -23.88 -12.38
CA HIS A 268 -32.98 -24.93 -13.07
C HIS A 268 -33.81 -24.39 -14.25
N TYR A 269 -34.24 -23.14 -14.16
CA TYR A 269 -34.94 -22.48 -15.28
C TYR A 269 -34.01 -21.57 -16.10
N GLN A 270 -32.71 -21.69 -15.87
CA GLN A 270 -31.67 -21.06 -16.70
C GLN A 270 -31.68 -19.53 -16.70
N ILE A 271 -32.25 -18.92 -15.67
CA ILE A 271 -32.42 -17.46 -15.67
C ILE A 271 -31.31 -16.68 -14.97
N GLU A 272 -30.45 -17.38 -14.23
CA GLU A 272 -29.38 -16.74 -13.46
C GLU A 272 -28.42 -15.93 -14.34
N SER A 273 -28.33 -16.29 -15.61
CA SER A 273 -27.47 -15.62 -16.58
C SER A 273 -28.11 -14.37 -17.19
N GLN A 274 -29.38 -14.49 -17.58
CA GLN A 274 -30.14 -13.36 -18.14
C GLN A 274 -30.31 -12.25 -17.11
N ILE A 275 -30.47 -12.65 -15.85
CA ILE A 275 -30.49 -11.73 -14.72
C ILE A 275 -29.19 -10.94 -14.69
N GLU A 276 -28.08 -11.60 -14.97
CA GLU A 276 -26.77 -10.96 -15.06
C GLU A 276 -26.65 -10.04 -16.29
N SER A 277 -27.47 -10.28 -17.30
CA SER A 277 -27.47 -9.45 -18.52
C SER A 277 -28.00 -8.03 -18.25
N ALA A 278 -28.86 -7.90 -17.24
CA ALA A 278 -29.38 -6.60 -16.81
C ALA A 278 -28.26 -5.68 -16.31
N PHE A 279 -27.10 -6.27 -16.05
CA PHE A 279 -25.91 -5.55 -15.61
C PHE A 279 -25.00 -5.26 -16.79
N GLN A 280 -24.95 -6.21 -17.74
CA GLN A 280 -24.19 -6.06 -18.99
C GLN A 280 -24.45 -4.72 -19.66
N ARG A 281 -23.42 -4.15 -20.27
CA ARG A 281 -23.57 -2.89 -21.00
C ARG A 281 -24.02 -3.14 -22.44
N GLU A 282 -23.56 -4.25 -23.02
CA GLU A 282 -23.95 -4.66 -24.36
C GLU A 282 -24.88 -5.87 -24.33
N VAL A 283 -25.94 -5.81 -25.12
CA VAL A 283 -26.92 -6.89 -25.23
C VAL A 283 -27.14 -7.24 -26.70
N ARG A 284 -26.89 -8.50 -27.05
CA ARG A 284 -27.05 -8.97 -28.44
C ARG A 284 -28.52 -9.10 -28.83
N LEU A 285 -28.84 -8.56 -29.99
CA LEU A 285 -30.18 -8.67 -30.58
C LEU A 285 -30.27 -9.97 -31.38
N PRO A 286 -31.49 -10.55 -31.50
CA PRO A 286 -31.65 -11.82 -32.21
C PRO A 286 -30.94 -11.88 -33.58
N SER A 287 -31.08 -10.83 -34.39
CA SER A 287 -30.49 -10.83 -35.73
C SER A 287 -28.99 -10.55 -35.79
N GLY A 288 -28.36 -10.43 -34.63
CA GLY A 288 -26.91 -10.30 -34.55
C GLY A 288 -26.40 -8.94 -34.10
N GLY A 289 -27.23 -7.91 -34.30
CA GLY A 289 -26.90 -6.56 -33.83
C GLY A 289 -26.87 -6.48 -32.32
N SER A 290 -26.63 -5.28 -31.80
CA SER A 290 -26.58 -5.10 -30.35
C SER A 290 -27.05 -3.71 -29.95
N ILE A 291 -27.42 -3.58 -28.68
CA ILE A 291 -27.60 -2.27 -28.07
C ILE A 291 -26.51 -2.07 -27.03
N VAL A 292 -25.99 -0.86 -26.96
CA VAL A 292 -25.05 -0.47 -25.92
C VAL A 292 -25.77 0.51 -25.00
N ILE A 293 -25.78 0.19 -23.71
CA ILE A 293 -26.46 1.03 -22.73
C ILE A 293 -25.45 1.68 -21.79
N ASP A 294 -25.18 2.95 -22.02
CA ASP A 294 -24.29 3.72 -21.16
C ASP A 294 -25.10 4.65 -20.27
N SER A 295 -24.71 4.75 -19.01
CA SER A 295 -25.36 5.70 -18.12
C SER A 295 -24.42 6.85 -17.78
N THR A 296 -24.99 8.05 -17.77
CA THR A 296 -24.28 9.26 -17.43
C THR A 296 -25.00 9.93 -16.28
N GLU A 297 -24.41 11.00 -15.76
CA GLU A 297 -25.03 11.84 -14.75
C GLU A 297 -26.47 12.19 -15.10
N ALA A 298 -26.64 12.83 -16.25
CA ALA A 298 -27.90 13.47 -16.63
C ALA A 298 -29.00 12.49 -17.03
N LEU A 299 -28.59 11.40 -17.70
CA LEU A 299 -29.53 10.50 -18.36
C LEU A 299 -28.90 9.14 -18.64
N THR A 300 -29.69 8.26 -19.25
CA THR A 300 -29.18 7.01 -19.80
C THR A 300 -29.23 7.08 -21.32
N ALA A 301 -28.15 6.68 -21.98
CA ALA A 301 -28.07 6.70 -23.44
C ALA A 301 -27.93 5.29 -24.03
N ILE A 302 -28.69 5.01 -25.09
CA ILE A 302 -28.65 3.71 -25.75
C ILE A 302 -28.28 3.83 -27.24
N ASP A 303 -27.17 3.19 -27.62
CA ASP A 303 -26.73 3.13 -29.01
C ASP A 303 -27.02 1.75 -29.61
N ILE A 304 -27.15 1.70 -30.93
CA ILE A 304 -27.54 0.47 -31.61
C ILE A 304 -26.65 0.21 -32.83
N ASN A 305 -25.94 -0.90 -32.81
CA ASN A 305 -25.15 -1.33 -33.96
C ASN A 305 -25.80 -2.50 -34.69
N SER A 306 -25.41 -2.68 -35.95
CA SER A 306 -25.99 -3.72 -36.78
C SER A 306 -25.26 -5.05 -36.62
N ALA A 307 -25.85 -6.12 -37.15
CA ALA A 307 -25.37 -7.47 -36.87
C ALA A 307 -23.94 -7.80 -37.34
N ARG A 308 -23.74 -7.75 -38.65
CA ARG A 308 -22.47 -8.20 -39.22
C ARG A 308 -21.98 -7.25 -40.31
N ASP A 314 -30.21 -5.89 -48.07
CA ASP A 314 -30.70 -4.51 -48.10
C ASP A 314 -30.25 -3.72 -46.87
N ILE A 315 -29.58 -2.59 -47.14
CA ILE A 315 -29.11 -1.67 -46.11
C ILE A 315 -30.29 -1.03 -45.38
N GLU A 316 -31.29 -0.59 -46.16
CA GLU A 316 -32.51 0.01 -45.61
C GLU A 316 -33.30 -1.01 -44.80
N GLU A 317 -33.38 -2.24 -45.30
CA GLU A 317 -34.08 -3.33 -44.62
C GLU A 317 -33.36 -3.74 -43.33
N THR A 318 -32.03 -3.85 -43.40
CA THR A 318 -31.21 -4.18 -42.24
C THR A 318 -31.39 -3.17 -41.11
N ALA A 319 -31.18 -1.90 -41.42
CA ALA A 319 -31.35 -0.82 -40.45
C ALA A 319 -32.70 -0.90 -39.75
N PHE A 320 -33.75 -1.01 -40.56
CA PHE A 320 -35.14 -1.12 -40.10
C PHE A 320 -35.35 -2.34 -39.19
N ASN A 321 -35.03 -3.53 -39.69
CA ASN A 321 -35.16 -4.77 -38.90
C ASN A 321 -34.33 -4.74 -37.62
N THR A 322 -33.13 -4.16 -37.69
CA THR A 322 -32.26 -4.04 -36.50
C THR A 322 -32.88 -3.13 -35.45
N ASN A 323 -33.40 -1.98 -35.88
CA ASN A 323 -34.06 -1.04 -34.98
C ASN A 323 -35.32 -1.60 -34.33
N LEU A 324 -36.10 -2.36 -35.10
CA LEU A 324 -37.31 -3.00 -34.58
C LEU A 324 -36.96 -4.04 -33.52
N GLU A 325 -35.91 -4.82 -33.76
CA GLU A 325 -35.40 -5.79 -32.80
C GLU A 325 -34.84 -5.10 -31.56
N ALA A 326 -34.26 -3.91 -31.77
CA ALA A 326 -33.76 -3.08 -30.69
C ALA A 326 -34.91 -2.56 -29.83
N ALA A 327 -35.94 -2.02 -30.46
CA ALA A 327 -37.13 -1.50 -29.77
C ALA A 327 -37.68 -2.48 -28.73
N ASP A 328 -37.75 -3.76 -29.12
CA ASP A 328 -38.19 -4.82 -28.22
C ASP A 328 -37.23 -5.03 -27.06
N GLU A 329 -35.95 -5.18 -27.39
CA GLU A 329 -34.92 -5.48 -26.39
C GLU A 329 -34.72 -4.33 -25.41
N ILE A 330 -34.70 -3.10 -25.94
CA ILE A 330 -34.65 -1.90 -25.11
C ILE A 330 -35.80 -1.93 -24.09
N ALA A 331 -37.02 -2.18 -24.59
CA ALA A 331 -38.22 -2.25 -23.75
C ALA A 331 -38.07 -3.18 -22.55
N ARG A 332 -37.69 -4.44 -22.80
CA ARG A 332 -37.55 -5.42 -21.71
C ARG A 332 -36.35 -5.10 -20.81
N GLN A 333 -35.31 -4.50 -21.40
CA GLN A 333 -34.14 -4.04 -20.63
C GLN A 333 -34.49 -2.86 -19.74
N LEU A 334 -35.41 -2.01 -20.19
CA LEU A 334 -35.91 -0.91 -19.37
C LEU A 334 -36.55 -1.45 -18.08
N ARG A 335 -37.14 -2.63 -18.18
CA ARG A 335 -37.80 -3.27 -17.05
C ARG A 335 -36.83 -3.99 -16.11
N LEU A 336 -36.06 -4.92 -16.66
CA LEU A 336 -35.10 -5.72 -15.87
C LEU A 336 -34.12 -4.83 -15.11
N ARG A 337 -33.67 -3.77 -15.77
CA ARG A 337 -32.73 -2.82 -15.16
C ARG A 337 -33.45 -1.83 -14.25
N ASP A 338 -34.75 -1.65 -14.47
CA ASP A 338 -35.54 -0.72 -13.69
C ASP A 338 -35.01 0.71 -13.92
N LEU A 339 -34.59 0.98 -15.16
CA LEU A 339 -34.04 2.29 -15.51
C LEU A 339 -35.05 3.41 -15.29
N GLY A 340 -34.61 4.46 -14.61
CA GLY A 340 -35.47 5.60 -14.31
C GLY A 340 -35.06 6.87 -15.02
N GLY A 341 -36.03 7.78 -15.18
CA GLY A 341 -35.76 9.10 -15.71
C GLY A 341 -35.54 9.17 -17.21
N LEU A 342 -34.68 10.10 -17.60
CA LEU A 342 -34.48 10.45 -19.01
C LEU A 342 -33.65 9.41 -19.76
N ILE A 343 -34.14 8.99 -20.92
CA ILE A 343 -33.46 7.99 -21.74
C ILE A 343 -33.44 8.42 -23.21
N VAL A 344 -32.24 8.45 -23.78
CA VAL A 344 -32.04 8.82 -25.18
C VAL A 344 -31.55 7.63 -26.00
N ILE A 345 -32.25 7.37 -27.11
CA ILE A 345 -31.92 6.22 -27.96
C ILE A 345 -31.45 6.68 -29.33
N ASP A 346 -30.23 6.28 -29.69
CA ASP A 346 -29.71 6.52 -31.03
C ASP A 346 -29.99 5.30 -31.92
N PHE A 347 -31.14 5.33 -32.59
CA PHE A 347 -31.48 4.29 -33.56
C PHE A 347 -30.59 4.43 -34.79
N ILE A 348 -30.35 3.31 -35.47
CA ILE A 348 -29.65 3.33 -36.76
C ILE A 348 -30.46 4.19 -37.72
N ASP A 349 -29.77 5.10 -38.41
CA ASP A 349 -30.41 6.03 -39.34
C ASP A 349 -31.29 5.31 -40.36
N MET A 350 -32.48 5.86 -40.59
CA MET A 350 -33.42 5.30 -41.57
C MET A 350 -33.91 6.41 -42.47
N THR A 351 -33.77 6.22 -43.78
CA THR A 351 -34.11 7.27 -44.74
C THR A 351 -35.63 7.53 -44.93
N PRO A 352 -36.46 6.47 -45.00
CA PRO A 352 -37.91 6.72 -45.12
C PRO A 352 -38.55 7.09 -43.79
N VAL A 353 -39.44 8.10 -43.82
CA VAL A 353 -40.10 8.60 -42.61
C VAL A 353 -40.88 7.50 -41.88
N ARG A 354 -41.59 6.69 -42.65
CA ARG A 354 -42.42 5.62 -42.12
C ARG A 354 -41.65 4.54 -41.34
N HIS A 355 -40.41 4.24 -41.75
CA HIS A 355 -39.55 3.38 -40.94
C HIS A 355 -39.38 3.97 -39.56
N GLN A 356 -39.14 5.28 -39.52
CA GLN A 356 -39.07 6.04 -38.27
C GLN A 356 -40.37 5.92 -37.50
N ARG A 357 -41.50 6.10 -38.19
CA ARG A 357 -42.83 5.97 -37.58
C ARG A 357 -43.06 4.57 -37.05
N ALA A 358 -42.60 3.58 -37.82
CA ALA A 358 -42.76 2.17 -37.48
C ALA A 358 -41.89 1.74 -36.30
N VAL A 359 -40.65 2.25 -36.26
CA VAL A 359 -39.76 1.98 -35.14
C VAL A 359 -40.28 2.66 -33.87
N GLU A 360 -40.79 3.89 -34.02
CA GLU A 360 -41.43 4.61 -32.92
C GLU A 360 -42.58 3.82 -32.33
N ASN A 361 -43.54 3.43 -33.17
CA ASN A 361 -44.80 2.87 -32.71
C ASN A 361 -44.50 1.59 -31.93
N ARG A 362 -43.49 0.87 -32.36
CA ARG A 362 -43.07 -0.34 -31.65
C ARG A 362 -42.72 -0.02 -30.19
N LEU A 363 -41.58 0.61 -29.99
CA LEU A 363 -41.17 1.07 -28.67
C LEU A 363 -42.38 1.52 -27.85
N ARG A 364 -43.36 2.10 -28.52
CA ARG A 364 -44.65 2.39 -27.91
C ARG A 364 -45.38 1.12 -27.52
N GLU A 365 -45.51 0.20 -28.48
CA GLU A 365 -46.17 -1.08 -28.23
C GLU A 365 -45.38 -1.99 -27.30
N ALA A 366 -44.05 -1.91 -27.39
CA ALA A 366 -43.17 -2.79 -26.61
C ALA A 366 -43.17 -2.48 -25.11
N VAL A 367 -43.48 -1.23 -24.75
CA VAL A 367 -43.52 -0.81 -23.35
C VAL A 367 -44.94 -0.69 -22.78
N ARG A 368 -45.93 -1.06 -23.60
CA ARG A 368 -47.34 -1.00 -23.18
C ARG A 368 -47.62 -1.87 -21.95
N GLN A 369 -46.79 -2.88 -21.74
CA GLN A 369 -46.98 -3.85 -20.65
C GLN A 369 -46.12 -3.56 -19.41
N ASP A 370 -45.14 -2.68 -19.56
CA ASP A 370 -44.36 -2.15 -18.45
C ASP A 370 -45.29 -1.39 -17.52
N ARG A 371 -45.10 -1.55 -16.20
CA ARG A 371 -45.97 -0.91 -15.22
C ARG A 371 -45.68 0.59 -15.00
N ALA A 372 -44.43 0.99 -15.23
CA ALA A 372 -44.01 2.37 -15.01
C ALA A 372 -44.63 3.34 -16.02
N ARG A 373 -44.75 4.60 -15.62
CA ARG A 373 -45.22 5.66 -16.51
C ARG A 373 -44.14 5.98 -17.54
N ILE A 374 -44.47 5.80 -18.81
CA ILE A 374 -43.50 5.98 -19.90
C ILE A 374 -43.98 7.00 -20.93
N GLN A 375 -43.08 7.90 -21.31
CA GLN A 375 -43.34 8.85 -22.37
C GLN A 375 -42.28 8.75 -23.44
N ILE A 376 -42.70 8.77 -24.70
CA ILE A 376 -41.79 8.59 -25.82
C ILE A 376 -42.04 9.63 -26.90
N SER A 377 -41.00 10.38 -27.24
CA SER A 377 -41.09 11.40 -28.29
C SER A 377 -40.67 10.84 -29.64
N HIS A 378 -40.66 11.70 -30.66
CA HIS A 378 -40.34 11.28 -32.01
C HIS A 378 -38.83 11.27 -32.24
N ILE A 379 -38.40 10.59 -33.29
CA ILE A 379 -37.01 10.62 -33.71
C ILE A 379 -36.69 12.05 -34.18
N SER A 380 -35.75 12.68 -33.49
CA SER A 380 -35.31 14.02 -33.84
C SER A 380 -34.56 13.99 -35.16
N ARG A 381 -34.28 15.17 -35.73
CA ARG A 381 -33.57 15.26 -37.00
C ARG A 381 -32.13 14.74 -36.92
N PHE A 382 -31.61 14.62 -35.70
CA PHE A 382 -30.31 14.02 -35.45
C PHE A 382 -30.38 12.50 -35.42
N GLY A 383 -31.60 11.96 -35.38
CA GLY A 383 -31.82 10.52 -35.31
C GLY A 383 -31.85 10.01 -33.88
N LEU A 384 -32.31 10.86 -32.96
CA LEU A 384 -32.36 10.51 -31.54
C LEU A 384 -33.79 10.44 -31.02
N LEU A 385 -34.08 9.39 -30.26
CA LEU A 385 -35.36 9.26 -29.60
C LEU A 385 -35.23 9.56 -28.10
N GLU A 386 -35.71 10.74 -27.71
CA GLU A 386 -35.82 11.09 -26.30
C GLU A 386 -37.06 10.42 -25.71
N MET A 387 -36.89 9.83 -24.53
CA MET A 387 -38.00 9.22 -23.80
C MET A 387 -37.76 9.28 -22.30
N SER A 388 -38.80 9.06 -21.51
CA SER A 388 -38.65 8.98 -20.06
C SER A 388 -39.42 7.80 -19.45
N ARG A 389 -39.04 7.44 -18.24
CA ARG A 389 -39.65 6.33 -17.53
C ARG A 389 -39.64 6.57 -16.02
N GLN A 390 -40.82 6.51 -15.41
CA GLN A 390 -40.97 6.67 -13.96
C GLN A 390 -40.24 5.55 -13.23
N ARG A 391 -39.54 5.90 -12.17
CA ARG A 391 -38.77 4.93 -11.38
C ARG A 391 -39.67 4.17 -10.41
N LEU A 392 -39.62 2.85 -10.48
CA LEU A 392 -40.40 1.98 -9.60
C LEU A 392 -39.59 1.60 -8.35
N SER A 393 -38.27 1.69 -8.47
CA SER A 393 -37.31 1.45 -7.38
C SER A 393 -35.87 1.42 -7.92
N HIS A 402 -18.44 4.27 -9.34
CA HIS A 402 -19.04 4.79 -10.57
C HIS A 402 -18.00 4.99 -11.65
N VAL A 403 -16.83 5.50 -11.27
CA VAL A 403 -15.81 5.92 -12.23
C VAL A 403 -14.44 5.36 -11.85
N CYS A 404 -13.51 5.44 -12.78
CA CYS A 404 -12.32 4.58 -12.76
C CYS A 404 -11.10 5.34 -12.27
N CYS A 407 -10.13 7.90 -17.45
CA CYS A 407 -11.21 8.88 -17.44
C CYS A 407 -11.94 8.93 -16.10
N THR A 412 -9.71 6.14 -22.54
CA THR A 412 -8.42 6.77 -22.81
C THR A 412 -7.75 7.23 -21.52
N VAL A 413 -6.46 6.93 -21.39
CA VAL A 413 -5.60 7.59 -20.42
C VAL A 413 -4.42 8.29 -21.12
N ARG A 414 -4.24 9.57 -20.80
CA ARG A 414 -3.19 10.36 -21.41
C ARG A 414 -1.83 9.70 -21.24
N ASP A 415 -1.06 9.62 -22.33
CA ASP A 415 0.31 9.16 -22.27
C ASP A 415 1.08 9.74 -21.08
N ASN A 416 1.96 8.95 -20.50
CA ASN A 416 2.95 9.46 -19.56
C ASN A 416 3.63 10.70 -20.11
N GLU A 417 4.23 10.55 -21.30
CA GLU A 417 4.93 11.63 -21.99
C GLU A 417 4.04 12.84 -22.21
N SER A 418 2.88 12.62 -22.82
CA SER A 418 1.89 13.68 -23.06
C SER A 418 1.42 14.32 -21.76
N LEU A 419 1.21 13.51 -20.73
CA LEU A 419 0.83 14.01 -19.42
C LEU A 419 1.98 14.74 -18.75
N SER A 420 3.21 14.27 -18.98
CA SER A 420 4.40 14.87 -18.39
C SER A 420 4.64 16.30 -18.87
N LEU A 421 4.59 16.51 -20.18
CA LEU A 421 4.79 17.82 -20.79
C LEU A 421 3.68 18.80 -20.39
N SER A 422 2.48 18.25 -20.24
CA SER A 422 1.33 18.97 -19.69
C SER A 422 1.67 19.57 -18.32
N ILE A 423 2.12 18.71 -17.41
CA ILE A 423 2.48 19.11 -16.05
C ILE A 423 3.64 20.09 -16.06
N LEU A 424 4.66 19.76 -16.86
CA LEU A 424 5.85 20.60 -16.99
C LEU A 424 5.49 22.03 -17.38
N ARG A 425 4.60 22.18 -18.36
CA ARG A 425 4.11 23.48 -18.79
C ARG A 425 3.26 24.14 -17.71
N LEU A 426 2.56 23.32 -16.91
CA LEU A 426 1.76 23.81 -15.80
C LEU A 426 2.63 24.30 -14.64
N ILE A 427 3.76 23.63 -14.42
CA ILE A 427 4.73 24.05 -13.40
C ILE A 427 5.34 25.40 -13.78
N GLU A 428 5.81 25.51 -15.03
CA GLU A 428 6.41 26.74 -15.54
C GLU A 428 5.48 27.94 -15.33
N GLU A 429 4.21 27.76 -15.68
CA GLU A 429 3.20 28.80 -15.49
C GLU A 429 3.06 29.28 -14.06
N GLU A 430 3.18 28.35 -13.11
CA GLU A 430 3.15 28.69 -11.70
C GLU A 430 4.44 29.39 -11.26
N ALA A 431 5.54 29.05 -11.91
CA ALA A 431 6.86 29.61 -11.60
C ALA A 431 7.03 31.07 -12.05
N LEU A 432 6.13 31.51 -12.95
CA LEU A 432 6.18 32.85 -13.51
C LEU A 432 5.44 33.85 -12.63
N LYS A 433 4.42 33.37 -11.94
CA LYS A 433 3.56 34.22 -11.11
C LYS A 433 4.38 35.00 -10.10
N GLU A 434 4.11 36.30 -10.03
CA GLU A 434 4.77 37.19 -9.08
C GLU A 434 4.49 36.60 -7.71
N ASN A 435 5.41 36.84 -6.78
CA ASN A 435 5.35 36.31 -5.41
C ASN A 435 5.37 34.79 -5.23
N THR A 436 5.86 34.07 -6.25
CA THR A 436 6.03 32.62 -6.17
C THR A 436 7.30 32.26 -5.41
N ALA A 441 5.28 20.00 -7.74
CA ALA A 441 4.47 19.02 -8.45
C ALA A 441 4.48 17.66 -7.74
N ILE A 442 3.29 17.20 -7.36
CA ILE A 442 3.14 15.87 -6.75
C ILE A 442 2.54 14.93 -7.80
N VAL A 443 3.42 14.13 -8.41
CA VAL A 443 3.04 13.32 -9.56
C VAL A 443 3.29 11.83 -9.33
N PRO A 444 2.51 10.96 -10.03
CA PRO A 444 2.75 9.52 -10.01
C PRO A 444 4.19 9.17 -10.35
N VAL A 445 4.65 8.02 -9.86
CA VAL A 445 6.06 7.61 -9.96
C VAL A 445 6.70 7.79 -11.35
N PRO A 446 6.12 7.18 -12.41
CA PRO A 446 6.80 7.28 -13.71
C PRO A 446 6.72 8.66 -14.36
N ILE A 447 5.79 9.51 -13.90
CA ILE A 447 5.75 10.90 -14.32
C ILE A 447 6.97 11.62 -13.74
N ALA A 448 7.25 11.36 -12.46
CA ALA A 448 8.42 11.94 -11.79
C ALA A 448 9.73 11.45 -12.40
N SER A 449 9.77 10.18 -12.78
CA SER A 449 10.93 9.61 -13.46
C SER A 449 11.15 10.29 -14.80
N TYR A 450 10.07 10.45 -15.57
CA TYR A 450 10.12 11.09 -16.89
C TYR A 450 10.54 12.55 -16.77
N LEU A 451 9.93 13.27 -15.84
CA LEU A 451 10.21 14.69 -15.63
C LEU A 451 11.63 14.94 -15.12
N LEU A 452 12.11 14.09 -14.23
CA LEU A 452 13.42 14.31 -13.58
C LEU A 452 14.59 13.63 -14.29
N ASN A 453 14.31 13.00 -15.43
CA ASN A 453 15.36 12.50 -16.32
C ASN A 453 15.17 13.03 -17.73
N GLU A 454 14.18 12.48 -18.43
CA GLU A 454 13.88 12.85 -19.81
C GLU A 454 13.64 14.36 -19.98
N LYS A 455 13.19 15.02 -18.90
CA LYS A 455 12.91 16.45 -18.96
C LYS A 455 13.72 17.32 -17.97
N ARG A 456 14.78 16.75 -17.41
CA ARG A 456 15.62 17.47 -16.43
C ARG A 456 16.11 18.82 -16.96
N SER A 457 16.54 18.82 -18.23
CA SER A 457 16.98 20.04 -18.92
C SER A 457 15.95 21.15 -18.82
N ALA A 458 14.70 20.83 -19.16
CA ALA A 458 13.61 21.79 -19.16
C ALA A 458 13.22 22.25 -17.75
N VAL A 459 13.23 21.32 -16.79
CA VAL A 459 12.97 21.64 -15.38
C VAL A 459 14.04 22.61 -14.88
N ASN A 460 15.30 22.27 -15.16
CA ASN A 460 16.42 23.16 -14.85
C ASN A 460 16.22 24.51 -15.52
N ALA A 461 15.95 24.49 -16.83
CA ALA A 461 15.70 25.70 -17.61
C ALA A 461 14.65 26.63 -17.00
N ILE A 462 13.66 26.05 -16.32
CA ILE A 462 12.64 26.83 -15.62
C ILE A 462 13.24 27.57 -14.42
N GLU A 463 13.88 26.83 -13.52
CA GLU A 463 14.48 27.37 -12.30
C GLU A 463 15.54 28.44 -12.58
N THR A 464 16.32 28.23 -13.64
CA THR A 464 17.32 29.23 -14.04
C THR A 464 16.68 30.47 -14.66
N ARG A 465 15.63 30.28 -15.47
CA ARG A 465 14.90 31.41 -16.04
C ARG A 465 14.04 32.12 -15.00
N GLN A 466 13.52 31.35 -14.04
CA GLN A 466 12.78 31.93 -12.92
C GLN A 466 13.68 31.90 -11.68
N ASP A 467 14.63 32.84 -11.65
CA ASP A 467 15.63 32.92 -10.59
C ASP A 467 14.98 32.93 -9.21
N GLY A 468 15.47 32.04 -8.34
CA GLY A 468 15.00 31.96 -6.96
C GLY A 468 13.86 30.99 -6.72
N VAL A 469 13.32 30.43 -7.80
CA VAL A 469 12.15 29.55 -7.71
C VAL A 469 12.54 28.07 -7.73
N ARG A 470 12.15 27.36 -6.69
CA ARG A 470 12.43 25.94 -6.54
C ARG A 470 11.33 25.10 -7.19
N CYS A 471 11.72 24.20 -8.07
CA CYS A 471 10.76 23.27 -8.69
C CYS A 471 10.89 21.89 -8.08
N VAL A 472 10.02 21.59 -7.12
CA VAL A 472 10.03 20.31 -6.42
C VAL A 472 9.11 19.31 -7.11
N ILE A 473 9.70 18.34 -7.79
CA ILE A 473 8.95 17.27 -8.45
C ILE A 473 9.12 15.98 -7.65
N VAL A 474 8.12 15.70 -6.82
CA VAL A 474 8.15 14.52 -5.95
C VAL A 474 7.30 13.38 -6.53
N PRO A 475 7.92 12.21 -6.77
CA PRO A 475 7.18 10.99 -7.09
C PRO A 475 6.39 10.51 -5.88
N ASN A 476 5.21 9.96 -6.14
CA ASN A 476 4.27 9.58 -5.10
C ASN A 476 3.59 8.27 -5.47
N ASP A 477 3.96 7.19 -4.79
CA ASP A 477 3.43 5.87 -5.11
C ASP A 477 1.96 5.66 -4.71
N GLN A 478 1.38 6.65 -4.05
CA GLN A 478 -0.05 6.63 -3.71
C GLN A 478 -0.92 7.15 -4.86
N MET A 479 -0.27 7.63 -5.91
CA MET A 479 -0.98 8.11 -7.10
C MET A 479 -0.57 7.31 -8.34
N GLU A 480 -1.10 7.72 -9.50
CA GLU A 480 -0.84 7.02 -10.75
C GLU A 480 -0.91 7.99 -11.93
N THR A 481 -1.00 7.44 -13.13
CA THR A 481 -1.01 8.25 -14.33
C THR A 481 -2.00 9.41 -14.36
N PRO A 482 -3.26 9.11 -14.03
CA PRO A 482 -4.36 10.06 -14.28
C PRO A 482 -4.18 11.34 -13.48
N HIS A 483 -3.52 11.25 -12.33
CA HIS A 483 -3.72 12.20 -11.25
C HIS A 483 -2.44 12.96 -10.93
N TYR A 484 -2.59 14.17 -10.38
CA TYR A 484 -1.45 14.92 -9.87
C TYR A 484 -1.92 16.14 -9.09
N HIS A 485 -0.95 16.88 -8.58
CA HIS A 485 -1.18 18.19 -7.99
C HIS A 485 0.01 19.09 -8.31
N VAL A 486 -0.29 20.30 -8.78
CA VAL A 486 0.74 21.33 -8.91
C VAL A 486 0.40 22.45 -7.95
N LEU A 487 1.05 22.44 -6.79
CA LEU A 487 0.77 23.42 -5.73
C LEU A 487 1.80 24.53 -5.73
N ARG A 488 1.32 25.76 -5.63
CA ARG A 488 2.17 26.95 -5.62
C ARG A 488 2.52 27.35 -4.19
N VAL A 489 3.76 27.77 -3.98
CA VAL A 489 4.22 28.25 -2.68
C VAL A 489 4.64 29.72 -2.78
N THR A 495 8.55 25.98 3.89
CA THR A 495 9.07 25.22 5.03
C THR A 495 10.35 24.49 4.65
N PRO A 496 11.14 24.05 5.66
CA PRO A 496 12.32 23.24 5.36
C PRO A 496 12.00 21.74 5.30
N THR A 497 10.87 21.40 4.66
CA THR A 497 10.40 20.02 4.59
C THR A 497 11.07 19.27 3.43
N LEU A 498 11.41 18.01 3.70
CA LEU A 498 12.02 17.13 2.70
C LEU A 498 11.02 16.77 1.61
N SER A 499 11.53 16.65 0.37
CA SER A 499 10.71 16.43 -0.82
C SER A 499 9.75 15.24 -0.70
N TYR A 500 10.27 14.13 -0.19
CA TYR A 500 9.46 12.90 -0.07
C TYR A 500 8.45 12.95 1.08
N MET A 501 8.63 13.90 2.00
CA MET A 501 7.67 14.09 3.10
C MET A 501 6.63 15.16 2.77
N LEU A 502 6.66 15.65 1.54
CA LEU A 502 5.73 16.69 1.08
C LEU A 502 4.32 16.20 0.75
N PRO A 503 4.18 15.05 0.04
CA PRO A 503 2.83 14.51 -0.20
C PRO A 503 1.98 14.41 1.08
N LYS A 504 2.63 14.06 2.18
CA LYS A 504 1.96 13.97 3.48
C LYS A 504 1.54 15.35 3.99
N LEU A 505 2.42 16.35 3.80
CA LEU A 505 2.14 17.73 4.21
C LEU A 505 1.02 18.34 3.37
N MET B 1 -8.38 43.50 -24.36
CA MET B 1 -7.72 43.15 -25.65
C MET B 1 -7.79 41.65 -25.97
N LYS B 2 -8.41 41.34 -27.10
CA LYS B 2 -8.43 39.97 -27.62
C LYS B 2 -7.19 39.74 -28.48
N ARG B 3 -6.44 38.69 -28.15
CA ARG B 3 -5.22 38.36 -28.89
C ARG B 3 -5.25 36.92 -29.41
N MET B 4 -4.67 36.73 -30.58
CA MET B 4 -4.38 35.39 -31.08
C MET B 4 -2.93 35.06 -30.77
N LEU B 5 -2.71 34.06 -29.92
CA LEU B 5 -1.36 33.64 -29.56
C LEU B 5 -1.00 32.36 -30.30
N ILE B 6 0.11 32.39 -31.03
CA ILE B 6 0.59 31.21 -31.75
C ILE B 6 1.94 30.76 -31.20
N ASN B 7 2.06 29.46 -30.93
CA ASN B 7 3.26 28.92 -30.32
C ASN B 7 3.81 27.72 -31.09
N ALA B 8 5.12 27.71 -31.29
CA ALA B 8 5.75 26.78 -32.22
C ALA B 8 7.19 26.48 -31.82
N THR B 9 7.39 26.11 -30.56
CA THR B 9 8.71 25.75 -30.07
C THR B 9 8.92 24.24 -30.09
N GLN B 10 7.83 23.50 -29.94
CA GLN B 10 7.84 22.06 -30.14
C GLN B 10 7.34 21.68 -31.53
N GLN B 11 8.19 21.02 -32.31
CA GLN B 11 7.89 20.73 -33.70
C GLN B 11 6.61 19.91 -33.84
N GLU B 12 6.27 19.16 -32.79
CA GLU B 12 5.28 18.10 -32.89
C GLU B 12 3.92 18.57 -32.38
N GLU B 13 3.79 19.87 -32.17
CA GLU B 13 2.55 20.44 -31.63
C GLU B 13 2.47 21.95 -31.86
N LEU B 14 1.88 22.34 -32.98
CA LEU B 14 1.62 23.75 -33.30
C LEU B 14 0.30 24.17 -32.66
N ARG B 15 0.33 25.27 -31.90
CA ARG B 15 -0.82 25.67 -31.08
C ARG B 15 -1.26 27.10 -31.33
N VAL B 16 -2.58 27.28 -31.46
CA VAL B 16 -3.18 28.59 -31.72
C VAL B 16 -4.28 28.86 -30.69
N ALA B 17 -4.14 29.94 -29.95
CA ALA B 17 -5.09 30.27 -28.89
C ALA B 17 -5.67 31.68 -29.05
N LEU B 18 -7.00 31.77 -29.00
CA LEU B 18 -7.67 33.06 -28.93
C LEU B 18 -7.89 33.42 -27.46
N VAL B 19 -7.33 34.55 -27.04
CA VAL B 19 -7.34 34.94 -25.63
C VAL B 19 -7.84 36.37 -25.44
N ASP B 20 -8.87 36.50 -24.59
CA ASP B 20 -9.45 37.80 -24.22
C ASP B 20 -8.88 38.21 -22.86
N GLY B 21 -7.93 39.14 -22.88
CA GLY B 21 -7.18 39.50 -21.68
C GLY B 21 -6.28 38.35 -21.28
N GLN B 22 -6.69 37.61 -20.25
CA GLN B 22 -5.98 36.40 -19.83
C GLN B 22 -6.90 35.18 -19.87
N ARG B 23 -8.07 35.34 -20.49
CA ARG B 23 -9.06 34.28 -20.52
C ARG B 23 -9.04 33.53 -21.86
N LEU B 24 -8.63 32.27 -21.81
CA LEU B 24 -8.63 31.41 -22.98
C LEU B 24 -10.07 31.13 -23.39
N TYR B 25 -10.40 31.41 -24.66
CA TYR B 25 -11.76 31.16 -25.14
C TYR B 25 -11.84 30.31 -26.41
N ASP B 26 -10.69 30.10 -27.04
CA ASP B 26 -10.61 29.18 -28.18
C ASP B 26 -9.19 28.63 -28.29
N LEU B 27 -9.09 27.40 -28.76
CA LEU B 27 -7.80 26.74 -28.90
C LEU B 27 -7.79 25.79 -30.09
N ASP B 28 -6.70 25.84 -30.85
CA ASP B 28 -6.51 24.97 -31.99
C ASP B 28 -5.10 24.40 -31.90
N ILE B 29 -4.99 23.09 -32.10
CA ILE B 29 -3.71 22.39 -31.94
C ILE B 29 -3.49 21.44 -33.12
N PHE B 119 -9.89 22.70 -62.90
CA PHE B 119 -10.65 22.63 -61.65
C PHE B 119 -9.77 22.89 -60.45
N ILE B 120 -9.68 24.14 -60.04
CA ILE B 120 -9.36 24.48 -58.66
C ILE B 120 -10.51 25.21 -57.98
N SER B 121 -10.59 25.09 -56.65
CA SER B 121 -11.65 25.74 -55.88
C SER B 121 -11.10 26.33 -54.60
N LEU B 122 -11.42 27.60 -54.36
CA LEU B 122 -10.95 28.29 -53.16
C LEU B 122 -12.11 28.61 -52.23
N ALA B 123 -12.19 27.88 -51.12
CA ALA B 123 -13.27 28.05 -50.16
C ALA B 123 -12.96 29.15 -49.14
N GLY B 124 -13.94 30.02 -48.92
CA GLY B 124 -13.87 31.04 -47.89
C GLY B 124 -14.98 30.83 -46.87
N SER B 125 -15.11 31.78 -45.94
CA SER B 125 -16.15 31.71 -44.90
C SER B 125 -17.54 31.70 -45.50
N TYR B 126 -17.70 32.42 -46.61
CA TYR B 126 -18.98 32.69 -47.24
C TYR B 126 -19.04 32.22 -48.69
N LEU B 127 -17.88 32.12 -49.31
CA LEU B 127 -17.80 31.93 -50.75
C LEU B 127 -16.77 30.89 -51.15
N VAL B 128 -17.15 30.03 -52.09
CA VAL B 128 -16.20 29.15 -52.74
C VAL B 128 -15.90 29.74 -54.11
N LEU B 129 -14.63 30.07 -54.35
CA LEU B 129 -14.23 30.56 -55.65
C LEU B 129 -13.87 29.39 -56.56
N MET B 130 -14.43 29.41 -57.77
CA MET B 130 -14.09 28.47 -58.81
C MET B 130 -13.43 29.28 -59.92
N PRO B 131 -12.19 29.75 -59.69
CA PRO B 131 -11.61 30.69 -60.65
C PRO B 131 -11.33 30.01 -61.98
N ASN B 132 -11.50 28.69 -62.00
CA ASN B 132 -11.18 27.89 -63.17
C ASN B 132 -12.34 27.64 -64.13
N ASN B 133 -13.56 27.54 -63.64
CA ASN B 133 -14.72 27.38 -64.53
C ASN B 133 -15.96 28.19 -64.17
N PRO B 134 -16.59 28.82 -65.18
CA PRO B 134 -17.79 29.63 -64.94
C PRO B 134 -19.05 28.78 -64.76
N ARG B 135 -19.01 27.55 -65.26
CA ARG B 135 -20.17 26.64 -65.27
C ARG B 135 -20.70 26.30 -63.88
N ALA B 136 -19.83 26.38 -62.87
CA ALA B 136 -20.22 26.18 -61.49
C ALA B 136 -20.64 27.48 -60.82
N GLY B 137 -21.51 27.37 -59.82
CA GLY B 137 -21.96 28.53 -59.05
C GLY B 137 -23.34 28.39 -58.45
N GLY B 138 -23.68 29.30 -57.54
CA GLY B 138 -25.03 29.38 -57.00
C GLY B 138 -25.15 29.53 -55.50
N ILE B 139 -26.12 28.82 -54.94
CA ILE B 139 -26.55 28.98 -53.57
C ILE B 139 -26.55 27.63 -52.87
N SER B 140 -25.86 27.54 -51.73
CA SER B 140 -25.87 26.34 -50.91
C SER B 140 -27.29 25.78 -50.81
N ARG B 141 -27.43 24.49 -51.09
CA ARG B 141 -28.75 23.87 -51.16
C ARG B 141 -29.48 23.97 -49.83
N ARG B 142 -28.76 24.41 -48.79
CA ARG B 142 -29.27 24.36 -47.44
C ARG B 142 -29.89 25.69 -47.03
N ILE B 143 -30.08 26.57 -48.01
CA ILE B 143 -30.61 27.90 -47.75
C ILE B 143 -32.05 28.02 -48.26
N GLU B 144 -32.93 28.59 -47.43
CA GLU B 144 -34.33 28.73 -47.80
C GLU B 144 -34.67 30.21 -47.69
N GLY B 145 -35.69 30.64 -48.43
CA GLY B 145 -36.30 31.93 -48.21
C GLY B 145 -35.53 33.21 -48.47
N ASP B 146 -35.96 34.29 -47.83
CA ASP B 146 -35.18 35.51 -48.00
C ASP B 146 -33.77 35.04 -47.65
N ASP B 147 -33.69 33.93 -46.93
CA ASP B 147 -32.37 33.35 -46.72
C ASP B 147 -31.68 33.24 -48.07
N ARG B 148 -32.31 32.52 -48.99
CA ARG B 148 -31.88 32.53 -50.39
C ARG B 148 -32.20 33.88 -51.05
N THR B 149 -33.14 34.61 -50.46
CA THR B 149 -33.93 35.59 -51.20
C THR B 149 -33.09 36.83 -51.54
N GLU B 150 -32.57 37.48 -50.50
CA GLU B 150 -31.68 38.63 -50.69
C GLU B 150 -30.33 38.19 -51.24
N LEU B 151 -30.02 36.91 -51.05
CA LEU B 151 -28.73 36.37 -51.50
C LEU B 151 -28.64 36.11 -53.00
N LYS B 152 -29.80 36.02 -53.66
CA LYS B 152 -29.85 35.96 -55.13
C LYS B 152 -29.49 37.33 -55.70
N GLU B 153 -29.81 38.36 -54.92
CA GLU B 153 -29.62 39.77 -55.28
C GLU B 153 -28.20 40.25 -54.98
N ALA B 154 -27.61 39.70 -53.92
CA ALA B 154 -26.25 40.05 -53.50
C ALA B 154 -25.19 39.30 -54.31
N LEU B 155 -25.52 38.08 -54.73
CA LEU B 155 -24.63 37.27 -55.56
C LEU B 155 -24.37 37.94 -56.91
N ALA B 156 -25.42 38.53 -57.48
CA ALA B 156 -25.32 39.27 -58.73
C ALA B 156 -24.59 40.60 -58.56
N SER B 157 -24.58 41.12 -57.31
CA SER B 157 -23.99 42.42 -57.02
C SER B 157 -22.46 42.40 -56.87
N LEU B 158 -21.89 41.21 -56.66
CA LEU B 158 -20.44 41.04 -56.56
C LEU B 158 -19.78 41.08 -57.94
N GLU B 159 -18.49 41.36 -57.98
CA GLU B 159 -17.77 41.55 -59.24
C GLU B 159 -16.90 40.34 -59.63
N LEU B 160 -17.55 39.22 -59.91
CA LEU B 160 -16.85 38.01 -60.35
C LEU B 160 -16.32 38.17 -61.76
N PRO B 161 -15.00 37.96 -61.95
CA PRO B 161 -14.40 37.98 -63.29
C PRO B 161 -15.07 36.96 -64.21
N GLU B 162 -15.25 37.33 -65.47
CA GLU B 162 -16.02 36.55 -66.45
C GLU B 162 -15.73 35.04 -66.45
N GLY B 163 -14.45 34.66 -66.45
CA GLY B 163 -14.06 33.26 -66.60
C GLY B 163 -14.22 32.37 -65.38
N MET B 164 -14.84 32.89 -64.33
CA MET B 164 -14.96 32.16 -63.06
C MET B 164 -16.31 32.31 -62.36
N GLY B 165 -16.88 31.18 -61.95
CA GLY B 165 -18.11 31.16 -61.16
C GLY B 165 -17.80 31.02 -59.68
N LEU B 166 -18.84 31.11 -58.85
CA LEU B 166 -18.69 31.00 -57.39
C LEU B 166 -19.99 30.57 -56.69
N ILE B 167 -19.83 29.97 -55.51
CA ILE B 167 -20.97 29.47 -54.72
C ILE B 167 -21.07 30.21 -53.38
N VAL B 168 -22.28 30.63 -53.03
CA VAL B 168 -22.55 31.21 -51.71
C VAL B 168 -22.66 30.08 -50.69
N ARG B 169 -21.85 30.16 -49.64
CA ARG B 169 -21.78 29.15 -48.58
C ARG B 169 -23.03 29.18 -47.71
N THR B 170 -23.23 28.10 -46.95
CA THR B 170 -24.33 28.01 -45.99
C THR B 170 -24.19 29.06 -44.89
N ALA B 171 -22.95 29.33 -44.49
CA ALA B 171 -22.65 30.34 -43.47
C ALA B 171 -22.96 31.76 -43.95
N GLY B 172 -23.17 31.91 -45.25
CA GLY B 172 -23.43 33.21 -45.87
C GLY B 172 -24.83 33.77 -45.70
N VAL B 173 -25.71 32.99 -45.07
CA VAL B 173 -27.08 33.41 -44.79
C VAL B 173 -27.13 34.76 -44.06
N SER B 176 -24.26 40.46 -45.74
CA SER B 176 -24.55 41.54 -46.68
C SER B 176 -23.61 41.50 -47.89
N ALA B 177 -24.01 42.21 -48.95
CA ALA B 177 -23.24 42.26 -50.21
C ALA B 177 -21.81 42.75 -50.02
N GLU B 178 -21.65 43.77 -49.17
CA GLU B 178 -20.33 44.32 -48.84
C GLU B 178 -19.43 43.31 -48.14
N ALA B 179 -20.05 42.45 -47.32
CA ALA B 179 -19.32 41.45 -46.53
C ALA B 179 -18.83 40.24 -47.33
N LEU B 180 -19.50 39.98 -48.46
CA LEU B 180 -19.13 38.87 -49.34
C LEU B 180 -18.03 39.27 -50.32
N GLN B 181 -18.17 40.46 -50.91
CA GLN B 181 -17.16 41.01 -51.82
C GLN B 181 -15.82 41.04 -51.10
N TRP B 182 -15.87 41.51 -49.85
CA TRP B 182 -14.83 41.29 -48.86
C TRP B 182 -14.13 39.94 -48.97
N ASP B 183 -14.94 38.90 -49.11
CA ASP B 183 -14.48 37.53 -49.23
C ASP B 183 -14.07 37.26 -50.67
N LEU B 184 -14.97 37.58 -51.62
CA LEU B 184 -14.71 37.44 -53.05
C LEU B 184 -13.34 38.01 -53.43
N SER B 185 -12.97 39.13 -52.82
CA SER B 185 -11.67 39.74 -53.03
C SER B 185 -10.53 38.86 -52.53
N PHE B 186 -10.64 38.40 -51.28
CA PHE B 186 -9.59 37.63 -50.62
C PHE B 186 -9.26 36.30 -51.32
N ARG B 187 -10.22 35.79 -52.07
CA ARG B 187 -10.02 34.60 -52.89
C ARG B 187 -9.29 34.96 -54.18
N LEU B 188 -9.81 35.97 -54.89
CA LEU B 188 -9.18 36.48 -56.11
C LEU B 188 -7.71 36.79 -55.87
N LYS B 189 -7.43 37.40 -54.72
CA LYS B 189 -6.07 37.73 -54.29
C LYS B 189 -5.23 36.46 -54.11
N HIS B 190 -5.81 35.43 -53.51
CA HIS B 190 -5.12 34.15 -53.33
C HIS B 190 -4.91 33.42 -54.67
N TRP B 191 -5.91 33.49 -55.55
CA TRP B 191 -5.80 32.88 -56.89
C TRP B 191 -4.69 33.50 -57.72
N GLU B 192 -4.53 34.82 -57.59
CA GLU B 192 -3.43 35.54 -58.24
C GLU B 192 -2.09 35.12 -57.66
N ALA B 193 -2.05 35.02 -56.33
CA ALA B 193 -0.85 34.53 -55.62
C ALA B 193 -0.57 33.07 -55.97
N ILE B 194 -1.63 32.29 -56.15
CA ILE B 194 -1.52 30.89 -56.53
C ILE B 194 -0.90 30.74 -57.92
N LYS B 195 -1.53 31.37 -58.93
CA LYS B 195 -1.10 31.25 -60.33
C LYS B 195 0.29 31.84 -60.62
N LYS B 196 0.74 32.76 -59.75
CA LYS B 196 2.03 33.44 -59.93
C LYS B 196 3.20 32.67 -59.30
N ALA B 197 2.95 32.04 -58.16
CA ALA B 197 3.92 31.16 -57.51
C ALA B 197 4.16 29.92 -58.37
N ALA B 198 3.22 29.67 -59.30
CA ALA B 198 3.32 28.57 -60.25
C ALA B 198 4.16 28.96 -61.47
N GLU B 199 3.71 29.99 -62.19
CA GLU B 199 4.37 30.43 -63.44
C GLU B 199 5.83 30.82 -63.24
N SER B 200 6.25 30.93 -61.98
CA SER B 200 7.62 31.29 -61.64
C SER B 200 8.46 30.11 -61.13
N ALA B 203 8.14 22.89 -62.13
CA ALA B 203 6.76 22.47 -62.38
C ALA B 203 6.21 21.47 -61.34
N PRO B 204 7.07 20.58 -60.79
CA PRO B 204 6.60 19.73 -59.69
C PRO B 204 6.87 20.32 -58.29
N PHE B 205 5.84 20.95 -57.70
CA PHE B 205 5.93 21.56 -56.37
C PHE B 205 4.57 21.90 -55.76
N LEU B 206 4.51 21.95 -54.43
CA LEU B 206 3.30 22.38 -53.70
C LEU B 206 3.15 23.90 -53.79
N ILE B 207 1.90 24.36 -53.81
CA ILE B 207 1.61 25.80 -53.86
C ILE B 207 0.88 26.27 -52.60
N HIS B 208 -0.23 25.61 -52.28
CA HIS B 208 -1.02 25.98 -51.10
C HIS B 208 -1.44 24.76 -50.30
N GLN B 209 -1.20 24.83 -48.99
CA GLN B 209 -1.33 23.71 -48.08
C GLN B 209 -2.72 23.62 -47.45
N ASN B 212 -2.33 25.30 -44.91
CA ASN B 212 -2.01 24.67 -43.62
C ASN B 212 -2.87 25.25 -42.50
N VAL B 213 -2.48 24.96 -41.26
CA VAL B 213 -3.24 25.38 -40.07
C VAL B 213 -3.38 26.90 -39.94
N ILE B 214 -2.29 27.63 -40.19
CA ILE B 214 -2.28 29.09 -40.09
C ILE B 214 -3.22 29.72 -41.12
N VAL B 215 -3.19 29.17 -42.34
CA VAL B 215 -4.14 29.55 -43.39
C VAL B 215 -5.55 29.50 -42.82
N ARG B 216 -5.86 28.42 -42.10
CA ARG B 216 -7.18 28.21 -41.51
C ARG B 216 -7.44 29.11 -40.29
N ALA B 217 -6.45 29.26 -39.43
CA ALA B 217 -6.57 30.15 -38.27
C ALA B 217 -6.90 31.57 -38.72
N PHE B 218 -6.17 32.07 -39.71
CA PHE B 218 -6.38 33.42 -40.21
C PHE B 218 -7.70 33.53 -40.96
N ARG B 219 -7.86 32.71 -41.99
CA ARG B 219 -9.14 32.56 -42.66
C ARG B 219 -10.20 32.35 -41.59
N ASP B 220 -9.97 31.38 -40.71
CA ASP B 220 -10.95 31.02 -39.70
C ASP B 220 -11.18 31.84 -38.44
N TYR B 221 -10.10 32.27 -37.81
CA TYR B 221 -10.30 32.92 -36.52
C TYR B 221 -9.92 34.40 -36.55
N LEU B 222 -10.02 35.01 -37.72
CA LEU B 222 -9.64 36.40 -37.88
C LEU B 222 -10.87 37.31 -37.92
N ARG B 223 -11.13 38.00 -36.82
CA ARG B 223 -12.17 39.02 -36.78
C ARG B 223 -11.59 40.39 -36.45
N ASP B 225 -11.75 42.41 -34.09
CA ASP B 225 -11.59 42.72 -32.68
C ASP B 225 -10.28 42.15 -32.13
N ILE B 226 -9.55 41.46 -32.99
CA ILE B 226 -8.31 40.79 -32.57
C ILE B 226 -7.11 41.72 -32.70
N GLY B 227 -6.62 42.20 -31.57
CA GLY B 227 -5.72 43.34 -31.55
C GLY B 227 -4.29 42.96 -31.87
N GLU B 228 -3.90 41.76 -31.45
CA GLU B 228 -2.53 41.28 -31.67
C GLU B 228 -2.45 39.80 -32.06
N ILE B 229 -1.45 39.49 -32.88
CA ILE B 229 -1.11 38.11 -33.22
C ILE B 229 0.36 37.86 -32.85
N LEU B 230 0.58 37.47 -31.60
CA LEU B 230 1.93 37.21 -31.11
C LEU B 230 2.39 35.81 -31.54
N ILE B 231 3.51 35.75 -32.25
CA ILE B 231 4.07 34.48 -32.70
C ILE B 231 5.47 34.29 -32.09
N ASP B 232 5.68 33.15 -31.43
CA ASP B 232 6.94 32.92 -30.70
C ASP B 232 8.06 32.24 -31.51
N ASN B 233 7.83 32.09 -32.81
CA ASN B 233 8.82 31.51 -33.72
C ASN B 233 9.03 32.42 -34.94
N PRO B 234 10.24 32.99 -35.08
CA PRO B 234 10.60 33.86 -36.20
C PRO B 234 10.36 33.24 -37.58
N LYS B 235 10.82 32.00 -37.78
CA LYS B 235 10.64 31.28 -39.03
C LYS B 235 9.17 31.13 -39.42
N VAL B 236 8.32 30.95 -38.41
CA VAL B 236 6.87 30.88 -38.60
C VAL B 236 6.28 32.28 -38.85
N LEU B 237 6.63 33.24 -37.99
CA LEU B 237 6.13 34.60 -38.13
C LEU B 237 6.26 35.13 -39.56
N GLU B 238 7.41 34.86 -40.19
CA GLU B 238 7.64 35.24 -41.58
C GLU B 238 6.62 34.62 -42.54
N LEU B 239 6.43 33.31 -42.44
CA LEU B 239 5.42 32.59 -43.23
C LEU B 239 4.01 33.14 -42.99
N ALA B 240 3.78 33.69 -41.80
CA ALA B 240 2.49 34.22 -41.41
C ALA B 240 2.14 35.56 -42.07
N ARG B 241 3.15 36.41 -42.30
CA ARG B 241 2.94 37.68 -42.99
C ARG B 241 2.68 37.43 -44.47
N GLN B 242 3.42 36.46 -45.02
CA GLN B 242 3.19 35.96 -46.37
C GLN B 242 1.79 35.40 -46.48
N HIS B 243 1.32 34.78 -45.39
CA HIS B 243 -0.03 34.22 -45.31
C HIS B 243 -1.10 35.31 -45.28
N ILE B 244 -0.90 36.33 -44.45
CA ILE B 244 -1.86 37.43 -44.33
C ILE B 244 -1.97 38.25 -45.62
N ALA B 245 -0.82 38.57 -46.21
CA ALA B 245 -0.77 39.32 -47.47
C ALA B 245 -1.38 38.55 -48.63
N PRO B 250 -3.52 43.23 -45.68
CA PRO B 250 -2.33 43.98 -45.24
C PRO B 250 -2.52 44.71 -43.90
N ASP B 251 -3.77 44.97 -43.53
CA ASP B 251 -4.09 45.69 -42.28
C ASP B 251 -3.86 44.89 -41.00
N PHE B 252 -3.66 43.58 -41.14
CA PHE B 252 -3.33 42.72 -40.00
C PHE B 252 -1.82 42.41 -39.95
N SER B 253 -1.04 43.06 -40.81
CA SER B 253 0.41 42.87 -40.87
C SER B 253 1.17 43.71 -39.86
N SER B 254 0.61 44.88 -39.52
CA SER B 254 1.14 45.73 -38.46
C SER B 254 0.92 45.09 -37.10
N LYS B 255 -0.07 44.21 -37.02
CA LYS B 255 -0.50 43.59 -35.77
C LYS B 255 0.25 42.31 -35.39
N ILE B 256 0.80 41.62 -36.40
CA ILE B 256 1.67 40.47 -36.15
C ILE B 256 2.92 40.95 -35.42
N LYS B 257 3.22 40.31 -34.28
CA LYS B 257 4.38 40.69 -33.49
C LYS B 257 5.18 39.46 -33.04
N LEU B 258 6.49 39.59 -33.00
CA LEU B 258 7.36 38.51 -32.55
C LEU B 258 7.49 38.51 -31.04
N TYR B 259 7.24 37.35 -30.43
CA TYR B 259 7.41 37.19 -29.00
C TYR B 259 8.80 36.76 -28.51
N THR B 260 9.62 37.74 -28.15
CA THR B 260 11.00 37.45 -27.83
C THR B 260 11.38 36.72 -26.55
N GLY B 261 10.70 37.07 -25.46
CA GLY B 261 11.16 36.72 -24.13
C GLY B 261 11.02 35.23 -23.88
N GLU B 262 12.05 34.64 -23.27
CA GLU B 262 12.05 33.18 -23.17
C GLU B 262 10.87 32.55 -22.45
N ILE B 263 10.36 33.25 -21.44
CA ILE B 263 9.13 32.84 -20.78
C ILE B 263 8.29 32.27 -21.91
N PRO B 264 7.78 31.06 -21.72
CA PRO B 264 7.00 30.36 -22.76
C PRO B 264 5.69 31.08 -23.05
N LEU B 265 5.47 31.44 -24.31
CA LEU B 265 4.41 32.36 -24.68
C LEU B 265 3.12 32.03 -23.95
N PHE B 266 2.67 30.78 -24.08
CA PHE B 266 1.46 30.32 -23.41
C PHE B 266 1.54 30.45 -21.90
N SER B 267 2.75 30.29 -21.37
CA SER B 267 3.00 30.43 -19.95
C SER B 267 2.94 31.88 -19.47
N HIS B 268 3.39 32.82 -20.31
CA HIS B 268 3.33 34.24 -19.96
C HIS B 268 1.89 34.75 -19.85
N TYR B 269 1.01 34.20 -20.68
CA TYR B 269 -0.40 34.58 -20.68
C TYR B 269 -1.28 33.64 -19.85
N GLN B 270 -0.64 32.74 -19.09
CA GLN B 270 -1.32 31.89 -18.10
C GLN B 270 -2.39 30.96 -18.70
N ILE B 271 -2.13 30.39 -19.87
CA ILE B 271 -3.19 29.60 -20.53
C ILE B 271 -3.01 28.08 -20.50
N GLU B 272 -1.80 27.61 -20.21
CA GLU B 272 -1.52 26.17 -20.18
C GLU B 272 -2.35 25.37 -19.17
N SER B 273 -2.76 26.06 -18.09
CA SER B 273 -3.57 25.43 -17.04
C SER B 273 -5.03 25.25 -17.48
N GLN B 274 -5.59 26.29 -18.10
CA GLN B 274 -6.94 26.23 -18.67
C GLN B 274 -6.98 25.26 -19.85
N ILE B 275 -5.92 25.30 -20.66
CA ILE B 275 -5.73 24.32 -21.75
C ILE B 275 -5.90 22.92 -21.17
N GLU B 276 -5.29 22.70 -20.00
CA GLU B 276 -5.40 21.44 -19.28
C GLU B 276 -6.80 21.15 -18.75
N SER B 277 -7.57 22.20 -18.43
CA SER B 277 -8.92 22.02 -17.87
C SER B 277 -9.88 21.33 -18.85
N ALA B 278 -9.56 21.41 -20.15
CA ALA B 278 -10.31 20.70 -21.19
C ALA B 278 -10.32 19.19 -21.01
N PHE B 279 -9.60 18.72 -19.99
CA PHE B 279 -9.49 17.30 -19.70
C PHE B 279 -10.45 16.84 -18.60
N GLN B 280 -10.87 17.80 -17.77
CA GLN B 280 -11.79 17.54 -16.65
C GLN B 280 -13.16 17.03 -17.09
N ARG B 281 -13.86 16.38 -16.17
CA ARG B 281 -15.24 15.95 -16.36
C ARG B 281 -16.19 17.04 -15.84
N GLU B 282 -15.85 17.60 -14.68
CA GLU B 282 -16.62 18.69 -14.09
C GLU B 282 -15.90 20.02 -14.28
N VAL B 283 -16.66 21.05 -14.66
CA VAL B 283 -16.12 22.40 -14.86
C VAL B 283 -17.00 23.42 -14.15
N ARG B 284 -16.41 24.16 -13.21
CA ARG B 284 -17.12 25.14 -12.40
C ARG B 284 -17.57 26.38 -13.21
N LEU B 285 -18.83 26.75 -13.04
CA LEU B 285 -19.37 27.98 -13.63
C LEU B 285 -19.03 29.17 -12.72
N PRO B 286 -18.87 30.37 -13.31
CA PRO B 286 -18.58 31.59 -12.55
C PRO B 286 -19.39 31.76 -11.26
N SER B 287 -20.70 31.57 -11.32
CA SER B 287 -21.59 31.80 -10.17
C SER B 287 -21.68 30.65 -9.16
N GLY B 288 -20.86 29.62 -9.34
CA GLY B 288 -20.78 28.52 -8.37
C GLY B 288 -21.27 27.18 -8.86
N GLY B 289 -22.04 27.19 -9.95
CA GLY B 289 -22.54 25.96 -10.55
C GLY B 289 -21.45 25.20 -11.29
N SER B 290 -21.86 24.22 -12.09
CA SER B 290 -20.93 23.42 -12.88
C SER B 290 -21.62 22.68 -14.01
N ILE B 291 -20.83 22.26 -14.99
CA ILE B 291 -21.27 21.32 -16.00
C ILE B 291 -20.50 20.01 -15.81
N VAL B 292 -21.22 18.90 -15.97
CA VAL B 292 -20.61 17.58 -15.95
C VAL B 292 -20.70 17.02 -17.36
N ILE B 293 -19.54 16.76 -17.96
CA ILE B 293 -19.49 16.27 -19.33
C ILE B 293 -19.17 14.79 -19.35
N ASP B 294 -20.11 13.98 -19.81
CA ASP B 294 -19.89 12.56 -19.97
C ASP B 294 -20.00 12.17 -21.43
N SER B 295 -19.12 11.29 -21.88
CA SER B 295 -19.22 10.74 -23.21
C SER B 295 -19.60 9.27 -23.15
N THR B 296 -20.51 8.88 -24.03
CA THR B 296 -20.96 7.51 -24.17
C THR B 296 -20.52 7.02 -25.54
N GLU B 297 -21.00 5.84 -25.92
CA GLU B 297 -20.78 5.30 -27.26
C GLU B 297 -21.36 6.24 -28.31
N ALA B 298 -22.65 6.52 -28.18
CA ALA B 298 -23.42 7.20 -29.21
C ALA B 298 -23.26 8.72 -29.21
N LEU B 299 -22.95 9.29 -28.03
CA LEU B 299 -23.02 10.73 -27.86
C LEU B 299 -22.29 11.27 -26.64
N THR B 300 -22.21 12.60 -26.57
CA THR B 300 -21.73 13.33 -25.41
C THR B 300 -22.94 13.93 -24.69
N ALA B 301 -23.04 13.67 -23.39
CA ALA B 301 -24.13 14.21 -22.58
C ALA B 301 -23.60 15.13 -21.49
N ILE B 302 -24.17 16.34 -21.41
CA ILE B 302 -23.72 17.34 -20.43
C ILE B 302 -24.85 17.69 -19.46
N ASP B 303 -24.59 17.54 -18.17
CA ASP B 303 -25.53 17.92 -17.12
C ASP B 303 -25.12 19.24 -16.47
N ILE B 304 -26.10 19.92 -15.87
CA ILE B 304 -25.84 21.21 -15.23
C ILE B 304 -26.40 21.24 -13.81
N ASN B 305 -25.54 21.62 -12.87
CA ASN B 305 -25.92 21.80 -11.47
C ASN B 305 -25.74 23.27 -11.08
N SER B 306 -26.62 23.77 -10.23
CA SER B 306 -26.51 25.15 -9.75
C SER B 306 -25.70 25.23 -8.45
N ALA B 307 -25.38 26.46 -8.04
CA ALA B 307 -24.44 26.73 -6.94
C ALA B 307 -24.76 26.02 -5.63
N GLY B 313 -32.88 33.99 -2.27
CA GLY B 313 -32.59 34.02 -3.70
C GLY B 313 -33.69 33.42 -4.54
N ASP B 314 -33.93 34.03 -5.71
CA ASP B 314 -34.96 33.56 -6.62
C ASP B 314 -34.53 32.25 -7.30
N ILE B 315 -35.38 31.24 -7.17
CA ILE B 315 -35.14 29.92 -7.75
C ILE B 315 -35.14 30.00 -9.29
N GLU B 316 -36.15 30.68 -9.83
CA GLU B 316 -36.28 30.86 -11.27
C GLU B 316 -35.09 31.63 -11.85
N GLU B 317 -34.66 32.67 -11.14
CA GLU B 317 -33.51 33.48 -11.55
C GLU B 317 -32.20 32.69 -11.47
N THR B 318 -32.05 31.88 -10.43
CA THR B 318 -30.86 31.04 -10.26
C THR B 318 -30.75 30.03 -11.39
N ALA B 319 -31.83 29.31 -11.66
CA ALA B 319 -31.88 28.34 -12.76
C ALA B 319 -31.47 29.00 -14.09
N PHE B 320 -32.07 30.14 -14.36
CA PHE B 320 -31.83 30.90 -15.59
C PHE B 320 -30.40 31.42 -15.72
N ASN B 321 -29.92 32.16 -14.72
CA ASN B 321 -28.55 32.66 -14.71
C ASN B 321 -27.53 31.53 -14.84
N THR B 322 -27.75 30.45 -14.10
CA THR B 322 -26.87 29.27 -14.16
C THR B 322 -26.84 28.69 -15.56
N ASN B 323 -28.01 28.51 -16.17
CA ASN B 323 -28.12 28.04 -17.55
C ASN B 323 -27.41 28.93 -18.54
N LEU B 324 -27.53 30.24 -18.36
CA LEU B 324 -26.86 31.22 -19.20
C LEU B 324 -25.34 31.09 -19.09
N GLU B 325 -24.86 30.91 -17.86
CA GLU B 325 -23.44 30.70 -17.60
C GLU B 325 -22.97 29.37 -18.21
N ALA B 326 -23.82 28.36 -18.10
CA ALA B 326 -23.51 27.02 -18.61
C ALA B 326 -23.39 27.01 -20.12
N ALA B 327 -24.33 27.66 -20.81
CA ALA B 327 -24.32 27.76 -22.27
C ALA B 327 -23.00 28.30 -22.80
N ASP B 328 -22.52 29.38 -22.19
CA ASP B 328 -21.23 29.97 -22.53
C ASP B 328 -20.08 28.98 -22.35
N GLU B 329 -20.07 28.33 -21.18
CA GLU B 329 -19.00 27.41 -20.82
C GLU B 329 -18.98 26.17 -21.71
N ILE B 330 -20.15 25.58 -21.94
CA ILE B 330 -20.29 24.47 -22.89
C ILE B 330 -19.69 24.90 -24.23
N ALA B 331 -20.09 26.07 -24.72
CA ALA B 331 -19.60 26.62 -25.98
C ALA B 331 -18.07 26.66 -26.07
N ARG B 332 -17.39 27.06 -25.00
CA ARG B 332 -15.93 27.07 -25.02
C ARG B 332 -15.33 25.67 -24.80
N GLN B 333 -16.01 24.85 -24.00
CA GLN B 333 -15.60 23.47 -23.74
C GLN B 333 -15.67 22.62 -25.01
N LEU B 334 -16.71 22.83 -25.79
CA LEU B 334 -16.86 22.18 -27.09
C LEU B 334 -15.68 22.48 -27.99
N ARG B 335 -15.07 23.66 -27.81
CA ARG B 335 -13.94 24.07 -28.63
C ARG B 335 -12.60 23.55 -28.12
N LEU B 336 -12.37 23.67 -26.82
CA LEU B 336 -11.12 23.21 -26.21
C LEU B 336 -10.99 21.68 -26.30
N ARG B 337 -12.10 20.99 -26.10
CA ARG B 337 -12.11 19.52 -26.18
C ARG B 337 -12.12 19.03 -27.61
N ASP B 338 -12.68 19.83 -28.51
CA ASP B 338 -12.82 19.47 -29.92
C ASP B 338 -13.87 18.36 -30.05
N LEU B 339 -14.96 18.49 -29.29
CA LEU B 339 -16.04 17.51 -29.32
C LEU B 339 -16.78 17.51 -30.65
N GLY B 340 -16.94 16.33 -31.22
CA GLY B 340 -17.64 16.17 -32.51
C GLY B 340 -18.83 15.24 -32.39
N GLY B 341 -19.72 15.32 -33.36
CA GLY B 341 -20.90 14.46 -33.41
C GLY B 341 -22.02 14.92 -32.51
N LEU B 342 -22.80 13.95 -32.03
CA LEU B 342 -24.05 14.22 -31.31
C LEU B 342 -23.81 14.60 -29.85
N ILE B 343 -24.48 15.67 -29.42
CA ILE B 343 -24.33 16.21 -28.07
C ILE B 343 -25.69 16.55 -27.45
N VAL B 344 -25.89 16.15 -26.19
CA VAL B 344 -27.13 16.41 -25.47
C VAL B 344 -26.83 17.20 -24.19
N ILE B 345 -27.63 18.24 -23.94
CA ILE B 345 -27.43 19.10 -22.78
C ILE B 345 -28.70 19.14 -21.92
N ASP B 346 -28.57 18.73 -20.67
CA ASP B 346 -29.69 18.79 -19.73
C ASP B 346 -29.63 20.09 -18.93
N PHE B 347 -30.17 21.16 -19.50
CA PHE B 347 -30.27 22.44 -18.81
C PHE B 347 -31.18 22.30 -17.60
N ILE B 348 -30.80 22.96 -16.50
CA ILE B 348 -31.68 23.09 -15.35
C ILE B 348 -33.03 23.58 -15.85
N ASP B 349 -34.09 22.88 -15.44
CA ASP B 349 -35.44 23.20 -15.92
C ASP B 349 -35.83 24.64 -15.61
N MET B 350 -36.58 25.25 -16.53
CA MET B 350 -37.07 26.62 -16.36
C MET B 350 -38.54 26.64 -16.74
N THR B 351 -39.37 27.18 -15.86
CA THR B 351 -40.82 27.18 -16.11
C THR B 351 -41.32 28.13 -17.22
N PRO B 352 -40.85 29.40 -17.24
CA PRO B 352 -41.36 30.27 -18.31
C PRO B 352 -40.69 29.97 -19.65
N VAL B 353 -41.49 29.99 -20.72
CA VAL B 353 -41.03 29.60 -22.07
C VAL B 353 -39.84 30.45 -22.55
N ARG B 354 -39.89 31.75 -22.29
CA ARG B 354 -38.89 32.70 -22.80
C ARG B 354 -37.49 32.53 -22.19
N HIS B 355 -37.43 32.02 -20.95
CA HIS B 355 -36.16 31.62 -20.34
C HIS B 355 -35.49 30.56 -21.21
N GLN B 356 -36.31 29.64 -21.74
CA GLN B 356 -35.84 28.61 -22.65
C GLN B 356 -35.26 29.19 -23.94
N ARG B 357 -36.02 30.08 -24.58
CA ARG B 357 -35.53 30.79 -25.77
C ARG B 357 -34.22 31.51 -25.49
N ALA B 358 -34.19 32.21 -24.35
CA ALA B 358 -33.04 32.99 -23.95
C ALA B 358 -31.77 32.16 -23.75
N VAL B 359 -31.93 30.93 -23.26
CA VAL B 359 -30.80 30.01 -23.10
C VAL B 359 -30.37 29.42 -24.45
N GLU B 360 -31.35 29.06 -25.27
CA GLU B 360 -31.09 28.70 -26.66
C GLU B 360 -30.44 29.77 -27.54
N ASN B 361 -31.18 30.84 -27.79
CA ASN B 361 -30.64 31.97 -28.54
C ASN B 361 -29.22 32.19 -28.02
N ARG B 362 -29.04 32.04 -26.72
CA ARG B 362 -27.75 32.29 -26.09
C ARG B 362 -26.68 31.35 -26.64
N LEU B 363 -26.85 30.06 -26.37
CA LEU B 363 -25.92 29.05 -26.89
C LEU B 363 -25.59 29.31 -28.36
N ARG B 364 -26.60 29.72 -29.12
CA ARG B 364 -26.40 30.04 -30.53
C ARG B 364 -25.41 31.19 -30.73
N GLU B 365 -25.55 32.22 -29.90
CA GLU B 365 -24.60 33.33 -29.86
C GLU B 365 -23.20 32.86 -29.46
N ALA B 366 -23.14 32.04 -28.41
CA ALA B 366 -21.89 31.58 -27.85
C ALA B 366 -21.05 30.75 -28.82
N VAL B 367 -21.72 30.06 -29.75
CA VAL B 367 -21.02 29.20 -30.72
C VAL B 367 -20.81 29.84 -32.09
N ARG B 368 -21.22 31.10 -32.26
CA ARG B 368 -21.10 31.80 -33.54
C ARG B 368 -19.67 31.81 -34.08
N GLN B 369 -18.70 31.93 -33.17
CA GLN B 369 -17.30 32.13 -33.55
C GLN B 369 -16.51 30.84 -33.68
N ASP B 370 -17.09 29.74 -33.23
CA ASP B 370 -16.54 28.40 -33.41
C ASP B 370 -16.48 28.10 -34.90
N ARG B 371 -15.39 27.47 -35.35
CA ARG B 371 -15.20 27.18 -36.77
C ARG B 371 -16.05 26.03 -37.28
N ALA B 372 -16.27 25.04 -36.41
CA ALA B 372 -16.96 23.81 -36.77
C ALA B 372 -18.43 24.06 -37.08
N ARG B 373 -18.98 23.26 -37.99
CA ARG B 373 -20.41 23.33 -38.30
C ARG B 373 -21.22 22.86 -37.10
N ILE B 374 -22.07 23.75 -36.59
CA ILE B 374 -22.87 23.48 -35.39
C ILE B 374 -24.36 23.60 -35.69
N GLN B 375 -25.12 22.62 -35.19
CA GLN B 375 -26.57 22.66 -35.29
C GLN B 375 -27.19 22.54 -33.91
N ILE B 376 -28.16 23.40 -33.62
CA ILE B 376 -28.81 23.42 -32.31
C ILE B 376 -30.32 23.44 -32.45
N SER B 377 -30.98 22.46 -31.82
CA SER B 377 -32.44 22.42 -31.78
C SER B 377 -32.96 23.00 -30.47
N HIS B 378 -34.26 22.83 -30.22
CA HIS B 378 -34.93 23.49 -29.12
C HIS B 378 -34.94 22.61 -27.87
N ILE B 379 -35.24 23.22 -26.72
CA ILE B 379 -35.39 22.47 -25.49
C ILE B 379 -36.66 21.62 -25.59
N SER B 380 -36.48 20.31 -25.53
CA SER B 380 -37.60 19.37 -25.61
C SER B 380 -38.41 19.38 -24.32
N ARG B 381 -39.53 18.68 -24.32
CA ARG B 381 -40.42 18.65 -23.17
C ARG B 381 -39.84 17.78 -22.05
N PHE B 382 -38.70 17.16 -22.31
CA PHE B 382 -37.92 16.51 -21.27
C PHE B 382 -36.83 17.44 -20.74
N GLY B 383 -36.70 18.61 -21.35
CA GLY B 383 -35.71 19.60 -20.94
C GLY B 383 -34.32 19.33 -21.49
N LEU B 384 -34.25 18.55 -22.57
CA LEU B 384 -32.97 18.25 -23.21
C LEU B 384 -32.81 19.06 -24.48
N LEU B 385 -31.61 19.60 -24.67
CA LEU B 385 -31.27 20.29 -25.90
C LEU B 385 -30.31 19.44 -26.71
N GLU B 386 -30.71 19.09 -27.93
CA GLU B 386 -29.85 18.33 -28.83
C GLU B 386 -29.09 19.26 -29.74
N MET B 387 -27.80 18.98 -29.89
CA MET B 387 -26.95 19.73 -30.82
C MET B 387 -25.89 18.84 -31.44
N SER B 388 -25.48 19.17 -32.66
CA SER B 388 -24.39 18.45 -33.31
C SER B 388 -23.24 19.41 -33.63
N ARG B 389 -22.03 18.87 -33.59
CA ARG B 389 -20.85 19.63 -33.94
C ARG B 389 -19.94 18.83 -34.85
N GLN B 390 -19.53 19.47 -35.96
CA GLN B 390 -18.62 18.86 -36.92
C GLN B 390 -17.23 18.67 -36.30
N ARG B 391 -16.66 17.48 -36.50
CA ARG B 391 -15.33 17.16 -35.98
C ARG B 391 -14.24 17.81 -36.82
N LEU B 392 -13.38 18.60 -36.17
CA LEU B 392 -12.32 19.34 -36.85
C LEU B 392 -11.03 18.53 -37.03
N SER B 393 -10.49 18.04 -35.92
CA SER B 393 -9.29 17.20 -35.93
C SER B 393 -9.57 15.84 -36.59
N PRO B 394 -8.60 15.29 -37.34
CA PRO B 394 -8.75 14.01 -38.04
C PRO B 394 -8.41 12.77 -37.19
N SER B 395 -8.73 11.58 -37.72
CA SER B 395 -8.59 10.32 -36.99
C SER B 395 -7.17 9.76 -37.01
N HIS B 401 -3.96 9.91 -26.98
CA HIS B 401 -3.95 8.94 -25.89
C HIS B 401 -3.91 7.51 -26.43
N HIS B 402 -3.72 6.55 -25.53
CA HIS B 402 -3.63 5.14 -25.91
C HIS B 402 -4.89 4.79 -25.12
N VAL B 403 -5.03 3.50 -24.80
CA VAL B 403 -6.26 3.03 -24.15
C VAL B 403 -6.09 3.00 -22.63
N CYS B 404 -7.21 3.05 -21.92
CA CYS B 404 -7.19 3.12 -20.47
C CYS B 404 -7.15 1.66 -20.00
N PRO B 405 -6.25 1.38 -19.06
CA PRO B 405 -6.00 -0.02 -18.68
C PRO B 405 -7.01 -0.55 -17.67
N ARG B 406 -7.40 0.29 -16.72
CA ARG B 406 -8.34 -0.18 -15.70
C ARG B 406 -9.54 -0.89 -16.31
N CYS B 407 -10.36 -0.15 -17.05
CA CYS B 407 -11.53 -0.77 -17.65
C CYS B 407 -11.46 -0.42 -19.14
N SER B 408 -12.25 -1.13 -19.94
CA SER B 408 -12.11 -1.07 -21.39
C SER B 408 -13.15 -0.15 -22.01
N GLY B 409 -12.93 1.16 -21.84
CA GLY B 409 -13.77 2.19 -22.43
C GLY B 409 -15.11 2.45 -21.75
N THR B 410 -15.26 1.97 -20.51
CA THR B 410 -16.53 2.14 -19.80
C THR B 410 -16.60 3.41 -18.97
N GLY B 411 -15.46 3.80 -18.39
CA GLY B 411 -15.40 4.94 -17.49
C GLY B 411 -16.19 4.71 -16.21
N THR B 412 -16.47 3.44 -15.93
CA THR B 412 -17.33 3.08 -14.81
C THR B 412 -16.80 1.86 -14.07
N VAL B 413 -17.05 1.79 -12.77
CA VAL B 413 -16.69 0.63 -11.97
C VAL B 413 -17.90 0.05 -11.27
N ARG B 414 -18.22 -1.21 -11.59
CA ARG B 414 -19.13 -2.00 -10.77
C ARG B 414 -18.76 -1.91 -9.30
N ASP B 415 -19.78 -1.84 -8.44
CA ASP B 415 -19.56 -1.74 -7.00
C ASP B 415 -19.06 -3.06 -6.42
N ASN B 416 -18.29 -2.97 -5.34
CA ASN B 416 -17.69 -4.15 -4.74
C ASN B 416 -18.72 -5.25 -4.46
N GLU B 417 -19.82 -4.87 -3.83
CA GLU B 417 -20.85 -5.82 -3.46
C GLU B 417 -21.51 -6.44 -4.69
N SER B 418 -21.93 -5.58 -5.61
CA SER B 418 -22.51 -6.05 -6.87
C SER B 418 -21.53 -6.92 -7.63
N LEU B 419 -20.25 -6.55 -7.59
CA LEU B 419 -19.20 -7.34 -8.22
C LEU B 419 -19.00 -8.67 -7.50
N SER B 420 -19.10 -8.65 -6.16
CA SER B 420 -18.90 -9.84 -5.34
C SER B 420 -19.95 -10.93 -5.59
N LEU B 421 -21.23 -10.54 -5.55
CA LEU B 421 -22.34 -11.47 -5.75
C LEU B 421 -22.37 -12.06 -7.16
N SER B 422 -21.91 -11.26 -8.12
CA SER B 422 -21.76 -11.70 -9.50
C SER B 422 -20.73 -12.83 -9.59
N ILE B 423 -19.58 -12.62 -8.94
CA ILE B 423 -18.53 -13.64 -8.87
C ILE B 423 -19.01 -14.85 -8.07
N LEU B 424 -19.74 -14.59 -6.99
CA LEU B 424 -20.28 -15.64 -6.12
C LEU B 424 -21.18 -16.62 -6.89
N ARG B 425 -22.10 -16.07 -7.67
CA ARG B 425 -22.93 -16.87 -8.58
C ARG B 425 -22.08 -17.61 -9.61
N LEU B 426 -21.07 -16.90 -10.12
CA LEU B 426 -20.16 -17.45 -11.13
C LEU B 426 -19.33 -18.61 -10.58
N ILE B 427 -18.95 -18.52 -9.31
CA ILE B 427 -18.27 -19.62 -8.62
C ILE B 427 -19.20 -20.83 -8.52
N GLU B 428 -20.45 -20.58 -8.15
CA GLU B 428 -21.45 -21.65 -7.99
C GLU B 428 -21.71 -22.41 -9.29
N GLU B 429 -21.91 -21.66 -10.38
CA GLU B 429 -22.12 -22.25 -11.70
C GLU B 429 -21.00 -23.22 -12.10
N GLU B 430 -19.77 -22.86 -11.71
CA GLU B 430 -18.60 -23.70 -11.99
C GLU B 430 -18.53 -24.92 -11.07
N ALA B 431 -18.99 -24.75 -9.82
CA ALA B 431 -18.97 -25.82 -8.82
C ALA B 431 -20.00 -26.91 -9.11
N LEU B 432 -21.01 -26.59 -9.91
CA LEU B 432 -22.05 -27.52 -10.33
C LEU B 432 -21.57 -28.42 -11.47
N LYS B 433 -20.72 -27.88 -12.33
CA LYS B 433 -20.20 -28.60 -13.49
C LYS B 433 -19.64 -29.96 -13.10
N GLU B 434 -20.06 -30.99 -13.84
CA GLU B 434 -19.60 -32.35 -13.60
C GLU B 434 -18.11 -32.47 -13.87
N ASN B 435 -17.43 -33.28 -13.08
CA ASN B 435 -15.98 -33.50 -13.15
C ASN B 435 -15.17 -32.38 -12.49
N THR B 436 -15.84 -31.53 -11.70
CA THR B 436 -15.18 -30.44 -10.98
C THR B 436 -14.67 -30.92 -9.63
N GLN B 437 -13.36 -30.78 -9.42
CA GLN B 437 -12.76 -31.03 -8.12
C GLN B 437 -12.76 -29.74 -7.31
N GLU B 438 -12.20 -28.68 -7.90
CA GLU B 438 -12.10 -27.39 -7.23
C GLU B 438 -12.40 -26.22 -8.18
N VAL B 439 -12.61 -25.05 -7.59
CA VAL B 439 -12.85 -23.81 -8.34
C VAL B 439 -12.06 -22.69 -7.67
N HIS B 440 -11.31 -21.93 -8.47
CA HIS B 440 -10.44 -20.88 -7.93
C HIS B 440 -10.88 -19.48 -8.32
N ALA B 441 -11.33 -18.72 -7.32
CA ALA B 441 -11.66 -17.33 -7.49
C ALA B 441 -10.46 -16.46 -7.09
N ILE B 442 -9.82 -15.86 -8.08
CA ILE B 442 -8.73 -14.93 -7.84
C ILE B 442 -9.30 -13.52 -7.99
N VAL B 443 -9.46 -12.84 -6.86
CA VAL B 443 -10.20 -11.59 -6.81
C VAL B 443 -9.42 -10.49 -6.09
N PRO B 444 -9.72 -9.20 -6.39
CA PRO B 444 -9.08 -8.09 -5.69
C PRO B 444 -9.39 -8.14 -4.20
N VAL B 445 -8.48 -7.59 -3.40
CA VAL B 445 -8.53 -7.72 -1.92
C VAL B 445 -9.93 -7.54 -1.30
N PRO B 446 -10.61 -6.40 -1.58
CA PRO B 446 -11.90 -6.17 -0.93
C PRO B 446 -12.99 -7.16 -1.33
N ILE B 447 -12.91 -7.68 -2.56
CA ILE B 447 -13.86 -8.67 -3.05
C ILE B 447 -13.73 -9.97 -2.24
N ALA B 448 -12.49 -10.40 -2.03
CA ALA B 448 -12.20 -11.58 -1.20
C ALA B 448 -12.60 -11.35 0.24
N SER B 449 -12.35 -10.14 0.75
CA SER B 449 -12.76 -9.78 2.10
C SER B 449 -14.28 -9.88 2.25
N TYR B 450 -15.00 -9.32 1.27
CA TYR B 450 -16.45 -9.35 1.24
C TYR B 450 -16.99 -10.78 1.12
N LEU B 451 -16.44 -11.53 0.18
CA LEU B 451 -16.86 -12.91 -0.09
C LEU B 451 -16.65 -13.85 1.09
N LEU B 452 -15.51 -13.70 1.78
CA LEU B 452 -15.11 -14.62 2.84
C LEU B 452 -15.54 -14.16 4.24
N ASN B 453 -16.31 -13.08 4.30
CA ASN B 453 -16.90 -12.60 5.56
C ASN B 453 -18.39 -12.33 5.43
N GLU B 454 -18.75 -11.42 4.53
CA GLU B 454 -20.16 -11.10 4.29
C GLU B 454 -20.90 -12.24 3.62
N LYS B 455 -20.20 -13.00 2.77
CA LYS B 455 -20.83 -14.08 2.00
C LYS B 455 -20.32 -15.48 2.33
N ARG B 456 -19.65 -15.63 3.49
CA ARG B 456 -19.11 -16.92 3.93
C ARG B 456 -20.18 -18.01 3.97
N SER B 457 -21.34 -17.68 4.55
CA SER B 457 -22.47 -18.60 4.63
C SER B 457 -22.84 -19.20 3.28
N ALA B 458 -22.83 -18.35 2.25
CA ALA B 458 -23.12 -18.77 0.87
C ALA B 458 -21.99 -19.61 0.29
N VAL B 459 -20.74 -19.20 0.50
CA VAL B 459 -19.56 -19.95 0.06
C VAL B 459 -19.55 -21.33 0.69
N ASN B 460 -19.82 -21.37 1.99
CA ASN B 460 -20.01 -22.63 2.71
C ASN B 460 -21.11 -23.46 2.08
N ALA B 461 -22.28 -22.83 1.87
CA ALA B 461 -23.45 -23.47 1.28
C ALA B 461 -23.16 -24.14 -0.07
N ILE B 462 -22.32 -23.48 -0.88
CA ILE B 462 -21.89 -24.03 -2.16
C ILE B 462 -21.08 -25.31 -1.96
N GLU B 463 -20.06 -25.25 -1.10
CA GLU B 463 -19.21 -26.39 -0.79
C GLU B 463 -19.95 -27.54 -0.10
N THR B 464 -20.97 -27.22 0.70
CA THR B 464 -21.78 -28.27 1.35
C THR B 464 -22.81 -28.89 0.41
N ARG B 465 -23.37 -28.10 -0.50
CA ARG B 465 -24.30 -28.61 -1.51
C ARG B 465 -23.55 -29.36 -2.61
N GLN B 466 -22.41 -28.82 -3.03
CA GLN B 466 -21.54 -29.50 -3.97
C GLN B 466 -20.48 -30.26 -3.17
N ASP B 467 -20.90 -31.40 -2.64
CA ASP B 467 -20.06 -32.22 -1.76
C ASP B 467 -18.76 -32.64 -2.44
N GLY B 468 -17.64 -32.29 -1.82
CA GLY B 468 -16.32 -32.64 -2.34
C GLY B 468 -15.67 -31.56 -3.18
N VAL B 469 -16.37 -30.45 -3.38
CA VAL B 469 -15.85 -29.32 -4.13
C VAL B 469 -15.30 -28.25 -3.19
N ARG B 470 -14.01 -27.96 -3.31
CA ARG B 470 -13.39 -26.89 -2.55
C ARG B 470 -13.45 -25.59 -3.35
N CYS B 471 -13.94 -24.54 -2.70
CA CYS B 471 -13.97 -23.21 -3.28
C CYS B 471 -12.82 -22.39 -2.69
N VAL B 472 -11.83 -22.10 -3.51
CA VAL B 472 -10.69 -21.30 -3.06
C VAL B 472 -10.80 -19.87 -3.55
N ILE B 473 -11.13 -18.98 -2.62
CA ILE B 473 -11.22 -17.54 -2.90
C ILE B 473 -9.99 -16.86 -2.31
N VAL B 474 -9.04 -16.54 -3.18
CA VAL B 474 -7.78 -15.93 -2.77
C VAL B 474 -7.75 -14.43 -3.05
N PRO B 475 -7.50 -13.60 -2.02
CA PRO B 475 -7.24 -12.18 -2.22
C PRO B 475 -5.91 -11.97 -2.95
N ASN B 476 -5.88 -11.00 -3.85
CA ASN B 476 -4.74 -10.78 -4.74
C ASN B 476 -4.52 -9.29 -4.91
N ASP B 477 -3.50 -8.77 -4.24
CA ASP B 477 -3.23 -7.32 -4.22
C ASP B 477 -2.64 -6.76 -5.52
N GLN B 478 -2.42 -7.65 -6.50
CA GLN B 478 -1.93 -7.23 -7.82
C GLN B 478 -3.07 -6.74 -8.69
N MET B 479 -4.26 -7.30 -8.48
CA MET B 479 -5.46 -6.82 -9.15
C MET B 479 -6.31 -5.96 -8.21
N GLU B 480 -7.40 -5.41 -8.74
CA GLU B 480 -8.33 -4.64 -7.94
C GLU B 480 -9.77 -5.09 -8.14
N THR B 481 -10.72 -4.28 -7.67
CA THR B 481 -12.12 -4.66 -7.70
C THR B 481 -12.65 -5.24 -9.00
N PRO B 482 -12.44 -4.52 -10.10
CA PRO B 482 -13.02 -4.89 -11.39
C PRO B 482 -12.52 -6.24 -11.88
N HIS B 483 -11.24 -6.31 -12.23
CA HIS B 483 -10.67 -7.51 -12.82
C HIS B 483 -10.83 -8.71 -11.88
N TYR B 484 -10.86 -9.91 -12.46
CA TYR B 484 -10.95 -11.13 -11.67
C TYR B 484 -10.68 -12.36 -12.54
N HIS B 485 -10.53 -13.51 -11.88
CA HIS B 485 -10.52 -14.79 -12.60
C HIS B 485 -11.25 -15.85 -11.80
N VAL B 486 -12.10 -16.60 -12.49
CA VAL B 486 -12.71 -17.80 -11.92
C VAL B 486 -12.29 -19.01 -12.76
N LEU B 487 -11.31 -19.74 -12.26
CA LEU B 487 -10.75 -20.89 -12.96
C LEU B 487 -11.28 -22.19 -12.36
N ARG B 488 -11.75 -23.07 -13.24
CA ARG B 488 -12.27 -24.37 -12.85
C ARG B 488 -11.14 -25.39 -12.78
N VAL B 489 -11.21 -26.30 -11.79
CA VAL B 489 -10.25 -27.39 -11.67
C VAL B 489 -10.97 -28.74 -11.71
N ARG B 490 -10.66 -29.52 -12.75
CA ARG B 490 -11.27 -30.84 -12.95
C ARG B 490 -10.71 -31.87 -11.97
N LYS B 491 -11.37 -33.03 -11.88
CA LYS B 491 -10.91 -34.13 -11.04
C LYS B 491 -9.59 -34.69 -11.56
N GLY B 492 -8.57 -34.67 -10.70
CA GLY B 492 -7.27 -35.26 -11.03
C GLY B 492 -6.17 -34.28 -11.42
N GLU B 493 -6.54 -33.03 -11.65
CA GLU B 493 -5.57 -32.01 -12.05
C GLU B 493 -5.30 -30.95 -10.96
N GLU B 494 -5.67 -31.27 -9.73
CA GLU B 494 -5.39 -30.42 -8.58
C GLU B 494 -3.98 -30.68 -8.05
N THR B 495 -3.45 -29.68 -7.34
CA THR B 495 -2.13 -29.76 -6.73
C THR B 495 -2.26 -29.48 -5.22
N PRO B 496 -1.22 -29.80 -4.43
CA PRO B 496 -1.22 -29.37 -3.03
C PRO B 496 -0.69 -27.94 -2.85
N THR B 497 -1.16 -27.00 -3.68
CA THR B 497 -0.68 -25.62 -3.65
C THR B 497 -1.40 -24.79 -2.58
N LEU B 498 -0.62 -23.93 -1.91
CA LEU B 498 -1.15 -23.00 -0.93
C LEU B 498 -1.97 -21.91 -1.61
N SER B 499 -3.10 -21.57 -0.99
CA SER B 499 -4.08 -20.64 -1.56
C SER B 499 -3.48 -19.33 -2.04
N TYR B 500 -2.54 -18.79 -1.27
CA TYR B 500 -1.91 -17.52 -1.59
C TYR B 500 -0.75 -17.62 -2.59
N MET B 501 -0.34 -18.85 -2.90
CA MET B 501 0.65 -19.09 -3.94
C MET B 501 -0.02 -19.47 -5.26
N LEU B 502 -1.34 -19.44 -5.26
CA LEU B 502 -2.15 -19.78 -6.44
C LEU B 502 -2.18 -18.71 -7.54
N PRO B 503 -2.30 -17.41 -7.19
CA PRO B 503 -2.27 -16.40 -8.25
C PRO B 503 -1.01 -16.49 -9.11
N LYS B 504 0.12 -16.80 -8.47
CA LYS B 504 1.39 -17.00 -9.17
C LYS B 504 1.37 -18.27 -10.03
N LEU B 505 0.66 -19.30 -9.56
CA LEU B 505 0.56 -20.56 -10.28
C LEU B 505 -0.19 -20.41 -11.61
N HIS B 506 -1.27 -19.64 -11.62
CA HIS B 506 -2.08 -19.47 -12.83
C HIS B 506 -1.54 -18.41 -13.79
N GLU B 507 -0.67 -17.53 -13.29
CA GLU B 507 -0.06 -16.46 -14.09
C GLU B 507 0.31 -16.94 -15.50
N GLU B 508 1.00 -18.08 -15.57
CA GLU B 508 1.33 -18.73 -16.84
C GLU B 508 0.06 -19.25 -17.53
N MET C 1 2.26 -31.94 40.26
CA MET C 1 1.97 -32.91 39.16
C MET C 1 2.59 -32.49 37.83
N LYS C 2 3.48 -33.34 37.31
CA LYS C 2 4.08 -33.14 35.99
C LYS C 2 3.22 -33.84 34.94
N ARG C 3 2.74 -33.08 33.96
CA ARG C 3 1.89 -33.62 32.90
C ARG C 3 2.48 -33.44 31.52
N MET C 4 2.22 -34.40 30.64
CA MET C 4 2.43 -34.19 29.22
C MET C 4 1.08 -33.84 28.61
N LEU C 5 1.01 -32.70 27.94
CA LEU C 5 -0.20 -32.26 27.25
C LEU C 5 0.03 -32.31 25.75
N ILE C 6 -0.82 -33.04 25.04
CA ILE C 6 -0.71 -33.14 23.59
C ILE C 6 -1.91 -32.48 22.90
N ASN C 7 -1.63 -31.34 22.28
CA ASN C 7 -2.62 -30.60 21.49
C ASN C 7 -2.54 -31.02 20.03
N ALA C 8 -3.58 -31.70 19.56
CA ALA C 8 -3.62 -32.23 18.21
C ALA C 8 -4.90 -31.87 17.44
N THR C 9 -5.55 -30.78 17.85
CA THR C 9 -6.77 -30.31 17.18
C THR C 9 -6.47 -29.73 15.79
N GLN C 10 -5.25 -29.23 15.63
CA GLN C 10 -4.81 -28.63 14.37
C GLN C 10 -3.94 -29.59 13.57
N GLN C 11 -4.30 -29.75 12.29
CA GLN C 11 -3.67 -30.72 11.39
C GLN C 11 -2.24 -30.35 11.03
N GLU C 12 -1.99 -29.04 10.94
CA GLU C 12 -0.71 -28.53 10.42
C GLU C 12 0.34 -28.26 11.50
N GLU C 13 0.01 -28.55 12.75
CA GLU C 13 0.94 -28.32 13.86
C GLU C 13 0.60 -29.16 15.08
N LEU C 14 1.31 -30.28 15.24
CA LEU C 14 1.13 -31.18 16.37
C LEU C 14 2.07 -30.78 17.50
N ARG C 15 1.49 -30.52 18.68
CA ARG C 15 2.23 -29.93 19.79
C ARG C 15 2.26 -30.81 21.02
N VAL C 16 3.44 -30.93 21.61
CA VAL C 16 3.65 -31.73 22.83
C VAL C 16 4.36 -30.86 23.87
N ALA C 17 3.75 -30.73 25.05
CA ALA C 17 4.30 -29.91 26.12
C ALA C 17 4.38 -30.65 27.44
N LEU C 18 5.59 -30.69 28.01
CA LEU C 18 5.77 -31.19 29.37
C LEU C 18 5.57 -30.02 30.32
N VAL C 19 4.59 -30.15 31.21
CA VAL C 19 4.20 -29.06 32.10
C VAL C 19 4.18 -29.48 33.56
N ASP C 20 4.97 -28.80 34.38
CA ASP C 20 4.95 -28.98 35.84
C ASP C 20 3.96 -28.00 36.44
N GLY C 21 2.82 -28.52 36.86
CA GLY C 21 1.71 -27.69 37.33
C GLY C 21 1.19 -26.85 36.17
N GLN C 22 1.51 -25.56 36.20
CA GLN C 22 1.22 -24.66 35.08
C GLN C 22 2.51 -24.08 34.49
N ARG C 23 3.66 -24.56 34.98
CA ARG C 23 4.93 -24.10 34.44
C ARG C 23 5.40 -24.98 33.29
N LEU C 24 5.47 -24.38 32.11
CA LEU C 24 6.00 -25.05 30.93
C LEU C 24 7.50 -25.25 31.09
N TYR C 25 7.98 -26.45 30.80
CA TYR C 25 9.41 -26.75 30.91
C TYR C 25 9.99 -27.51 29.73
N ASP C 26 9.14 -27.90 28.79
CA ASP C 26 9.59 -28.48 27.52
C ASP C 26 8.48 -28.40 26.48
N LEU C 27 8.89 -28.30 25.22
CA LEU C 27 7.95 -28.18 24.11
C LEU C 27 8.52 -28.83 22.86
N ASP C 28 7.68 -29.59 22.19
CA ASP C 28 8.02 -30.24 20.93
C ASP C 28 6.90 -29.93 19.94
N ILE C 29 7.28 -29.54 18.72
CA ILE C 29 6.31 -29.11 17.71
C ILE C 29 6.63 -29.74 16.36
N GLU C 30 5.62 -30.35 15.73
CA GLU C 30 5.81 -31.04 14.47
C GLU C 30 4.70 -30.72 13.46
N SER C 31 5.11 -30.39 12.25
CA SER C 31 4.21 -30.25 11.11
C SER C 31 4.51 -31.37 10.12
N PRO C 32 3.47 -31.98 9.53
CA PRO C 32 3.63 -33.08 8.58
C PRO C 32 4.46 -32.70 7.35
N PHE C 119 18.07 -54.81 10.92
CA PHE C 119 17.57 -53.61 10.28
C PHE C 119 17.81 -52.38 11.16
N ILE C 120 17.39 -52.48 12.41
CA ILE C 120 17.62 -51.39 13.37
C ILE C 120 17.45 -51.90 14.81
N SER C 121 17.55 -50.97 15.76
CA SER C 121 17.52 -51.33 17.18
C SER C 121 16.96 -50.20 18.04
N LEU C 122 16.72 -50.50 19.32
CA LEU C 122 16.13 -49.51 20.20
C LEU C 122 17.00 -48.39 20.75
N ALA C 123 16.80 -47.18 20.23
CA ALA C 123 17.51 -46.01 20.75
C ALA C 123 16.69 -45.43 21.90
N GLY C 124 17.33 -45.29 23.06
CA GLY C 124 16.73 -44.60 24.17
C GLY C 124 17.43 -43.30 24.51
N SER C 125 17.15 -42.77 25.69
CA SER C 125 17.78 -41.53 26.14
C SER C 125 19.24 -41.76 26.55
N TYR C 126 19.50 -42.91 27.15
CA TYR C 126 20.83 -43.25 27.67
C TYR C 126 21.42 -44.49 27.01
N LEU C 127 20.56 -45.34 26.45
CA LEU C 127 20.98 -46.64 25.95
C LEU C 127 20.45 -46.97 24.57
N VAL C 128 21.31 -47.58 23.74
CA VAL C 128 20.88 -48.17 22.48
C VAL C 128 20.92 -49.68 22.62
N LEU C 129 19.74 -50.29 22.66
CA LEU C 129 19.66 -51.74 22.75
C LEU C 129 19.84 -52.36 21.37
N MET C 130 20.79 -53.28 21.28
CA MET C 130 20.94 -54.14 20.11
C MET C 130 20.55 -55.54 20.60
N PRO C 131 19.23 -55.84 20.67
CA PRO C 131 18.83 -57.14 21.17
C PRO C 131 19.18 -58.24 20.18
N ASN C 132 19.58 -57.82 18.98
CA ASN C 132 19.87 -58.73 17.90
C ASN C 132 21.26 -59.36 17.97
N ASN C 133 22.29 -58.55 18.25
CA ASN C 133 23.66 -59.08 18.36
C ASN C 133 24.44 -58.58 19.58
N PRO C 134 25.22 -59.48 20.21
CA PRO C 134 26.06 -59.13 21.37
C PRO C 134 27.43 -58.58 21.00
N ARG C 135 27.83 -58.75 19.73
CA ARG C 135 29.11 -58.26 19.21
C ARG C 135 29.30 -56.77 19.43
N ALA C 136 28.19 -56.03 19.35
CA ALA C 136 28.18 -54.58 19.50
C ALA C 136 28.00 -54.16 20.96
N GLY C 137 28.55 -53.00 21.30
CA GLY C 137 28.38 -52.43 22.62
C GLY C 137 29.49 -51.47 22.98
N GLY C 138 29.36 -50.84 24.14
CA GLY C 138 30.44 -50.06 24.72
C GLY C 138 30.03 -48.65 25.08
N ILE C 139 30.96 -47.71 24.95
CA ILE C 139 30.72 -46.33 25.36
C ILE C 139 30.73 -45.39 24.16
N SER C 140 29.99 -44.29 24.27
CA SER C 140 29.93 -43.31 23.20
C SER C 140 31.31 -42.76 22.87
N ARG C 141 31.49 -42.34 21.61
CA ARG C 141 32.79 -41.88 21.14
C ARG C 141 33.29 -40.79 22.07
N ARG C 142 32.38 -39.90 22.48
CA ARG C 142 32.74 -38.77 23.34
C ARG C 142 32.73 -39.18 24.81
N ILE C 143 33.51 -40.22 25.13
CA ILE C 143 33.76 -40.59 26.52
C ILE C 143 35.08 -39.99 27.00
N GLU C 144 35.00 -38.86 27.69
CA GLU C 144 36.18 -38.23 28.28
C GLU C 144 36.57 -38.94 29.57
N GLY C 145 37.82 -38.72 30.00
CA GLY C 145 38.31 -39.30 31.24
C GLY C 145 37.49 -38.71 32.38
N ASP C 146 36.55 -37.84 32.05
CA ASP C 146 35.75 -37.16 33.05
C ASP C 146 35.13 -38.15 34.03
N GLU C 150 32.36 -44.08 36.74
CA GLU C 150 32.57 -45.50 36.59
C GLU C 150 31.45 -46.05 35.72
N LEU C 151 31.07 -45.28 34.70
CA LEU C 151 30.11 -45.74 33.71
C LEU C 151 30.59 -47.07 33.15
N LYS C 152 31.91 -47.24 33.10
CA LYS C 152 32.50 -48.55 32.79
C LYS C 152 32.10 -49.60 33.84
N GLU C 153 31.68 -49.11 35.00
CA GLU C 153 31.27 -49.97 36.11
C GLU C 153 29.74 -50.13 36.21
N ALA C 154 29.00 -49.12 35.75
CA ALA C 154 27.55 -49.18 35.72
C ALA C 154 27.04 -50.03 34.55
N LEU C 155 27.83 -50.06 33.47
CA LEU C 155 27.49 -50.84 32.28
C LEU C 155 27.51 -52.34 32.53
N ALA C 156 28.50 -52.80 33.31
CA ALA C 156 28.59 -54.19 33.71
C ALA C 156 27.55 -54.55 34.77
N SER C 157 27.00 -53.54 35.43
CA SER C 157 26.00 -53.72 36.49
C SER C 157 24.57 -53.89 35.97
N LEU C 158 24.34 -53.48 34.72
CA LEU C 158 23.03 -53.66 34.07
C LEU C 158 22.81 -55.12 33.66
N GLU C 159 21.55 -55.52 33.57
CA GLU C 159 21.20 -56.94 33.39
C GLU C 159 20.80 -57.31 31.96
N LEU C 160 21.69 -57.02 31.00
CA LEU C 160 21.45 -57.33 29.59
C LEU C 160 21.40 -58.84 29.35
N PRO C 161 20.31 -59.33 28.72
CA PRO C 161 20.23 -60.72 28.28
C PRO C 161 21.39 -61.10 27.36
N GLU C 162 21.76 -62.38 27.37
CA GLU C 162 22.99 -62.88 26.76
C GLU C 162 23.24 -62.49 25.30
N GLY C 163 22.31 -62.86 24.41
CA GLY C 163 22.49 -62.70 22.97
C GLY C 163 22.24 -61.31 22.42
N MET C 164 22.42 -60.30 23.27
CA MET C 164 22.18 -58.91 22.90
C MET C 164 23.17 -57.94 23.55
N GLY C 165 23.64 -56.98 22.76
CA GLY C 165 24.55 -55.93 23.26
C GLY C 165 23.85 -54.58 23.35
N LEU C 166 24.54 -53.61 23.93
CA LEU C 166 23.99 -52.25 24.11
C LEU C 166 25.09 -51.19 24.23
N ILE C 167 24.78 -49.98 23.79
CA ILE C 167 25.71 -48.85 23.86
C ILE C 167 25.21 -47.78 24.81
N VAL C 168 26.10 -47.29 25.68
CA VAL C 168 25.80 -46.13 26.53
C VAL C 168 25.90 -44.86 25.68
N ARG C 169 24.80 -44.12 25.64
CA ARG C 169 24.65 -42.92 24.81
C ARG C 169 25.54 -41.77 25.29
N THR C 170 25.65 -40.72 24.49
CA THR C 170 26.37 -39.52 24.88
C THR C 170 25.76 -38.90 26.13
N ALA C 171 24.43 -38.80 26.14
CA ALA C 171 23.73 -38.13 27.23
C ALA C 171 23.71 -38.98 28.49
N GLY C 172 24.47 -40.08 28.47
CA GLY C 172 24.44 -41.04 29.55
C GLY C 172 24.83 -40.45 30.88
N VAL C 173 25.40 -39.24 30.84
CA VAL C 173 26.03 -38.66 32.02
C VAL C 173 24.97 -38.26 33.06
N GLY C 174 23.71 -38.32 32.66
CA GLY C 174 22.63 -37.91 33.53
C GLY C 174 22.72 -38.51 34.92
N LYS C 175 22.86 -39.83 34.98
CA LYS C 175 22.72 -40.55 36.23
C LYS C 175 23.51 -41.85 36.25
N SER C 176 23.16 -42.75 37.17
CA SER C 176 23.90 -44.00 37.31
C SER C 176 23.10 -45.26 36.98
N ALA C 177 23.54 -46.39 37.51
CA ALA C 177 23.01 -47.69 37.10
C ALA C 177 21.50 -47.57 37.16
N GLU C 178 20.97 -47.34 38.36
CA GLU C 178 19.53 -47.42 38.59
C GLU C 178 18.78 -46.79 37.42
N ALA C 179 19.32 -45.69 36.90
CA ALA C 179 18.62 -44.89 35.90
C ALA C 179 18.79 -45.48 34.51
N LEU C 180 19.82 -46.29 34.32
CA LEU C 180 20.10 -46.92 33.04
C LEU C 180 19.22 -48.17 32.86
N GLN C 181 19.22 -49.04 33.85
CA GLN C 181 18.52 -50.32 33.76
C GLN C 181 17.02 -50.06 33.60
N TRP C 182 16.54 -49.08 34.37
CA TRP C 182 15.29 -48.39 34.16
C TRP C 182 15.03 -48.11 32.66
N ASP C 183 16.09 -47.72 31.95
CA ASP C 183 16.03 -47.44 30.51
C ASP C 183 16.30 -48.71 29.68
N LEU C 184 17.35 -49.44 30.06
CA LEU C 184 17.65 -50.75 29.47
C LEU C 184 16.42 -51.65 29.52
N SER C 185 15.57 -51.43 30.53
CA SER C 185 14.32 -52.17 30.68
C SER C 185 13.27 -51.78 29.64
N PHE C 186 13.00 -50.48 29.51
CA PHE C 186 11.93 -50.00 28.63
C PHE C 186 12.14 -50.32 27.15
N ARG C 187 13.39 -50.65 26.80
CA ARG C 187 13.72 -51.16 25.48
C ARG C 187 13.43 -52.65 25.43
N LEU C 188 13.78 -53.37 26.49
CA LEU C 188 13.45 -54.80 26.63
C LEU C 188 11.95 -54.97 26.51
N LYS C 189 11.21 -54.07 27.17
CA LYS C 189 9.77 -53.95 27.01
C LYS C 189 9.39 -53.81 25.54
N HIS C 190 10.05 -52.89 24.85
CA HIS C 190 9.78 -52.63 23.43
C HIS C 190 10.19 -53.80 22.55
N TRP C 191 11.33 -54.42 22.87
CA TRP C 191 11.83 -55.56 22.10
C TRP C 191 10.84 -56.72 22.11
N GLU C 192 10.30 -57.02 23.29
CA GLU C 192 9.30 -58.09 23.45
C GLU C 192 8.00 -57.74 22.72
N ALA C 193 7.52 -56.51 22.93
CA ALA C 193 6.33 -56.01 22.25
C ALA C 193 6.51 -55.96 20.74
N ILE C 194 7.75 -55.74 20.31
CA ILE C 194 8.09 -55.80 18.89
C ILE C 194 8.03 -57.24 18.38
N LYS C 195 8.71 -58.15 19.06
CA LYS C 195 8.83 -59.55 18.60
C LYS C 195 7.50 -60.32 18.60
N LYS C 196 6.55 -59.87 19.41
CA LYS C 196 5.24 -60.54 19.54
C LYS C 196 4.20 -60.03 18.55
N ALA C 197 4.31 -58.75 18.18
CA ALA C 197 3.44 -58.14 17.17
C ALA C 197 3.76 -58.68 15.78
N ALA C 198 4.97 -59.25 15.63
CA ALA C 198 5.41 -59.86 14.39
C ALA C 198 4.96 -61.32 14.28
N GLU C 199 5.19 -62.08 15.35
CA GLU C 199 4.93 -63.52 15.37
C GLU C 199 3.44 -63.92 15.30
N SER C 200 2.55 -62.93 15.34
CA SER C 200 1.11 -63.19 15.29
C SER C 200 0.42 -62.60 14.06
N ARG C 201 1.08 -62.71 12.91
CA ARG C 201 0.52 -62.21 11.66
C ARG C 201 1.26 -62.78 10.45
N PRO C 202 0.65 -62.68 9.28
CA PRO C 202 1.33 -62.97 8.02
C PRO C 202 2.41 -61.91 7.85
N ALA C 203 3.24 -62.06 6.83
CA ALA C 203 4.32 -61.09 6.84
C ALA C 203 4.48 -59.57 6.75
N PRO C 204 4.04 -59.01 5.61
CA PRO C 204 4.43 -57.64 5.24
C PRO C 204 3.58 -56.68 6.05
N PHE C 205 4.23 -55.86 6.87
CA PHE C 205 3.50 -54.94 7.74
C PHE C 205 4.47 -54.03 8.52
N LEU C 206 3.96 -52.91 9.01
CA LEU C 206 4.72 -52.03 9.90
C LEU C 206 4.51 -52.41 11.38
N ILE C 207 5.60 -52.44 12.14
CA ILE C 207 5.56 -52.80 13.56
C ILE C 207 5.76 -51.59 14.46
N HIS C 208 6.83 -50.83 14.21
CA HIS C 208 7.13 -49.65 15.00
C HIS C 208 7.51 -48.43 14.14
N GLN C 209 6.83 -47.32 14.43
CA GLN C 209 6.95 -46.10 13.66
C GLN C 209 8.16 -45.26 14.09
N ASN C 212 6.89 -42.16 14.37
CA ASN C 212 6.26 -40.85 14.29
C ASN C 212 6.56 -40.05 15.56
N VAL C 213 5.92 -38.88 15.68
CA VAL C 213 6.22 -37.95 16.77
C VAL C 213 5.82 -38.45 18.17
N ILE C 214 4.67 -39.12 18.26
CA ILE C 214 4.19 -39.65 19.53
C ILE C 214 5.06 -40.81 20.00
N VAL C 215 5.50 -41.63 19.05
CA VAL C 215 6.50 -42.66 19.32
C VAL C 215 7.72 -42.01 19.96
N ARG C 216 8.18 -40.89 19.38
CA ARG C 216 9.30 -40.13 19.92
C ARG C 216 9.01 -39.56 21.30
N ALA C 217 7.93 -38.79 21.41
CA ALA C 217 7.52 -38.17 22.67
C ALA C 217 7.37 -39.19 23.79
N PHE C 218 6.88 -40.39 23.47
CA PHE C 218 6.73 -41.45 24.46
C PHE C 218 8.06 -42.16 24.76
N ARG C 219 8.82 -42.41 23.69
CA ARG C 219 10.16 -42.98 23.80
C ARG C 219 11.07 -42.07 24.63
N ASP C 220 10.99 -40.77 24.36
CA ASP C 220 11.96 -39.81 24.88
C ASP C 220 11.54 -39.09 26.15
N TYR C 221 10.24 -38.93 26.38
CA TYR C 221 9.79 -38.00 27.42
C TYR C 221 9.09 -38.59 28.64
N LEU C 222 8.75 -39.87 28.58
CA LEU C 222 8.06 -40.50 29.69
C LEU C 222 9.00 -40.96 30.80
N ARG C 223 8.97 -40.21 31.90
CA ARG C 223 9.70 -40.54 33.11
C ARG C 223 8.71 -40.78 34.23
N GLN C 224 9.16 -41.44 35.29
CA GLN C 224 8.31 -41.83 36.43
C GLN C 224 7.44 -40.68 36.97
N ASP C 225 7.99 -39.47 36.91
CA ASP C 225 7.35 -38.27 37.47
C ASP C 225 6.13 -37.76 36.70
N ILE C 226 5.93 -38.28 35.49
CA ILE C 226 4.81 -37.84 34.64
C ILE C 226 3.49 -38.48 35.09
N GLY C 227 2.58 -37.64 35.57
CA GLY C 227 1.32 -38.10 36.13
C GLY C 227 0.22 -38.37 35.11
N GLU C 228 0.05 -37.46 34.15
CA GLU C 228 -1.01 -37.60 33.14
C GLU C 228 -0.52 -37.25 31.74
N ILE C 229 -1.11 -37.92 30.75
CA ILE C 229 -0.93 -37.55 29.35
C ILE C 229 -2.30 -37.16 28.80
N LEU C 230 -2.50 -35.86 28.61
CA LEU C 230 -3.78 -35.36 28.12
C LEU C 230 -3.74 -35.10 26.62
N ILE C 231 -4.64 -35.74 25.90
CA ILE C 231 -4.74 -35.60 24.45
C ILE C 231 -6.12 -35.05 24.09
N ASP C 232 -6.13 -33.97 23.31
CA ASP C 232 -7.38 -33.30 22.96
C ASP C 232 -8.00 -33.76 21.63
N ASN C 233 -7.55 -34.91 21.15
CA ASN C 233 -8.06 -35.49 19.92
C ASN C 233 -8.30 -36.99 20.09
N PRO C 234 -9.58 -37.41 20.02
CA PRO C 234 -9.96 -38.82 20.15
C PRO C 234 -9.16 -39.75 19.23
N LYS C 235 -9.19 -39.48 17.93
CA LYS C 235 -8.51 -40.29 16.92
C LYS C 235 -7.02 -40.47 17.22
N VAL C 236 -6.41 -39.44 17.80
CA VAL C 236 -5.01 -39.48 18.20
C VAL C 236 -4.81 -40.26 19.51
N LEU C 237 -5.70 -40.05 20.47
CA LEU C 237 -5.63 -40.75 21.76
C LEU C 237 -5.61 -42.27 21.58
N GLU C 238 -6.44 -42.77 20.67
CA GLU C 238 -6.51 -44.19 20.34
C GLU C 238 -5.18 -44.67 19.77
N LEU C 239 -4.64 -43.92 18.81
CA LEU C 239 -3.31 -44.19 18.26
C LEU C 239 -2.26 -44.23 19.36
N ALA C 240 -2.38 -43.32 20.33
CA ALA C 240 -1.43 -43.19 21.44
C ALA C 240 -1.40 -44.43 22.36
N ARG C 241 -2.56 -45.03 22.60
CA ARG C 241 -2.68 -46.23 23.42
C ARG C 241 -2.04 -47.42 22.74
N GLN C 242 -2.29 -47.53 21.43
CA GLN C 242 -1.62 -48.51 20.59
C GLN C 242 -0.12 -48.27 20.65
N HIS C 243 0.28 -46.99 20.64
CA HIS C 243 1.68 -46.61 20.69
C HIS C 243 2.37 -46.89 22.03
N ILE C 244 1.61 -46.81 23.13
CA ILE C 244 2.15 -47.11 24.46
C ILE C 244 2.31 -48.62 24.68
N ALA C 245 1.24 -49.36 24.38
CA ALA C 245 1.25 -50.82 24.50
C ALA C 245 2.29 -51.45 23.59
N ALA C 246 2.38 -50.94 22.35
CA ALA C 246 3.38 -51.38 21.39
C ALA C 246 4.79 -50.96 21.82
N LEU C 247 4.89 -49.82 22.50
CA LEU C 247 6.15 -49.41 23.13
C LEU C 247 6.39 -50.15 24.45
N GLY C 248 5.47 -51.06 24.77
CA GLY C 248 5.61 -51.95 25.92
C GLY C 248 5.51 -51.29 27.28
N ARG C 249 4.65 -50.27 27.41
CA ARG C 249 4.39 -49.63 28.71
C ARG C 249 2.90 -49.63 29.11
N PRO C 250 2.32 -50.80 29.44
CA PRO C 250 0.88 -50.81 29.79
C PRO C 250 0.50 -50.02 31.06
N ASP C 251 1.50 -49.65 31.86
CA ASP C 251 1.30 -48.90 33.10
C ASP C 251 1.02 -47.41 32.89
N PHE C 252 1.31 -46.91 31.69
CA PHE C 252 1.00 -45.53 31.32
C PHE C 252 -0.35 -45.40 30.62
N SER C 253 -1.03 -46.54 30.40
CA SER C 253 -2.29 -46.58 29.65
C SER C 253 -3.49 -46.06 30.43
N SER C 254 -3.48 -46.25 31.75
CA SER C 254 -4.52 -45.73 32.64
C SER C 254 -4.42 -44.21 32.75
N LYS C 255 -3.23 -43.68 32.48
CA LYS C 255 -2.92 -42.27 32.68
C LYS C 255 -3.22 -41.39 31.46
N ILE C 256 -3.24 -41.99 30.26
CA ILE C 256 -3.69 -41.29 29.07
C ILE C 256 -5.19 -41.00 29.21
N LYS C 257 -5.55 -39.73 29.14
CA LYS C 257 -6.94 -39.31 29.31
C LYS C 257 -7.32 -38.33 28.20
N LEU C 258 -8.54 -38.46 27.68
CA LEU C 258 -9.04 -37.55 26.66
C LEU C 258 -9.38 -36.21 27.28
N TYR C 259 -8.95 -35.14 26.63
CA TYR C 259 -9.38 -33.80 27.05
C TYR C 259 -10.70 -33.44 26.37
N THR C 260 -11.63 -32.88 27.13
CA THR C 260 -13.01 -32.68 26.67
C THR C 260 -13.56 -31.25 26.77
N GLY C 261 -12.83 -30.37 27.46
CA GLY C 261 -13.25 -28.97 27.60
C GLY C 261 -13.26 -28.19 26.28
N GLU C 262 -14.07 -27.14 26.22
CA GLU C 262 -14.19 -26.30 25.02
C GLU C 262 -13.04 -25.31 24.91
N ILE C 263 -12.62 -24.79 26.07
CA ILE C 263 -11.38 -24.01 26.16
C ILE C 263 -10.22 -24.95 25.80
N PRO C 264 -9.51 -24.65 24.70
CA PRO C 264 -8.51 -25.57 24.13
C PRO C 264 -7.41 -25.91 25.14
N LEU C 265 -6.96 -27.17 25.10
CA LEU C 265 -6.08 -27.74 26.13
C LEU C 265 -5.00 -26.78 26.63
N PHE C 266 -4.22 -26.24 25.70
CA PHE C 266 -3.09 -25.36 26.01
C PHE C 266 -3.52 -24.05 26.69
N SER C 267 -4.70 -23.55 26.30
CA SER C 267 -5.26 -22.34 26.91
C SER C 267 -5.76 -22.60 28.34
N HIS C 268 -6.27 -23.80 28.60
CA HIS C 268 -6.73 -24.17 29.94
C HIS C 268 -5.58 -24.28 30.94
N TYR C 269 -4.40 -24.68 30.44
CA TYR C 269 -3.22 -24.81 31.29
C TYR C 269 -2.28 -23.60 31.27
N GLN C 270 -2.70 -22.52 30.62
CA GLN C 270 -1.96 -21.24 30.62
C GLN C 270 -0.57 -21.32 29.96
N ILE C 271 -0.43 -22.18 28.95
CA ILE C 271 0.88 -22.38 28.33
C ILE C 271 1.04 -21.73 26.96
N GLU C 272 -0.07 -21.24 26.39
CA GLU C 272 -0.03 -20.62 25.07
C GLU C 272 0.84 -19.37 25.01
N SER C 273 0.90 -18.64 26.12
CA SER C 273 1.69 -17.41 26.21
C SER C 273 3.18 -17.68 26.37
N GLN C 274 3.53 -18.64 27.23
CA GLN C 274 4.91 -19.02 27.48
C GLN C 274 5.53 -19.64 26.23
N ILE C 275 4.72 -20.43 25.52
CA ILE C 275 5.08 -20.94 24.19
C ILE C 275 5.50 -19.78 23.29
N GLU C 276 4.75 -18.67 23.36
CA GLU C 276 5.06 -17.48 22.56
C GLU C 276 6.30 -16.74 23.04
N SER C 277 6.59 -16.80 24.35
CA SER C 277 7.84 -16.24 24.88
C SER C 277 9.03 -16.90 24.20
N ALA C 278 8.78 -18.04 23.55
CA ALA C 278 9.77 -18.75 22.77
C ALA C 278 10.01 -18.16 21.38
N PHE C 279 9.01 -17.46 20.84
CA PHE C 279 9.17 -16.75 19.55
C PHE C 279 9.57 -15.29 19.78
N GLN C 280 9.70 -14.91 21.05
CA GLN C 280 10.12 -13.57 21.45
C GLN C 280 11.65 -13.43 21.44
N ARG C 281 12.11 -12.19 21.39
CA ARG C 281 13.54 -11.88 21.50
C ARG C 281 13.91 -11.61 22.96
N GLU C 282 13.00 -10.97 23.68
CA GLU C 282 13.20 -10.66 25.10
C GLU C 282 12.25 -11.47 25.98
N VAL C 283 12.79 -12.00 27.08
CA VAL C 283 12.02 -12.77 28.05
C VAL C 283 12.30 -12.22 29.45
N ARG C 284 11.25 -11.72 30.10
CA ARG C 284 11.37 -11.19 31.46
C ARG C 284 11.75 -12.29 32.46
N LEU C 285 12.50 -11.89 33.49
CA LEU C 285 12.88 -12.77 34.59
C LEU C 285 11.99 -12.48 35.80
N PRO C 286 11.75 -13.49 36.66
CA PRO C 286 10.90 -13.35 37.84
C PRO C 286 11.08 -12.04 38.63
N SER C 287 12.32 -11.70 38.96
CA SER C 287 12.60 -10.52 39.77
C SER C 287 12.64 -9.20 38.97
N GLY C 288 12.31 -9.27 37.69
CA GLY C 288 12.15 -8.06 36.88
C GLY C 288 13.14 -7.90 35.73
N GLY C 289 14.28 -8.57 35.83
CA GLY C 289 15.28 -8.55 34.77
C GLY C 289 14.82 -9.23 33.50
N SER C 290 15.72 -9.39 32.54
CA SER C 290 15.39 -10.07 31.29
C SER C 290 16.62 -10.64 30.62
N ILE C 291 16.37 -11.57 29.70
CA ILE C 291 17.40 -12.01 28.77
C ILE C 291 16.99 -11.60 27.36
N VAL C 292 17.99 -11.23 26.56
CA VAL C 292 17.80 -10.95 25.15
C VAL C 292 18.53 -12.03 24.36
N ILE C 293 17.79 -12.68 23.46
CA ILE C 293 18.33 -13.79 22.68
C ILE C 293 18.39 -13.40 21.21
N ASP C 294 19.60 -13.18 20.72
CA ASP C 294 19.83 -12.84 19.31
C ASP C 294 20.50 -14.02 18.62
N SER C 295 20.13 -14.28 17.38
CA SER C 295 20.85 -15.26 16.59
C SER C 295 21.59 -14.64 15.42
N THR C 296 22.84 -15.05 15.27
CA THR C 296 23.69 -14.62 14.17
C THR C 296 23.93 -15.85 13.27
N GLU C 297 24.80 -15.67 12.29
CA GLU C 297 25.24 -16.76 11.42
C GLU C 297 25.98 -17.82 12.22
N ALA C 298 27.05 -17.41 12.89
CA ALA C 298 27.95 -18.29 13.61
C ALA C 298 27.31 -18.93 14.83
N LEU C 299 26.49 -18.15 15.54
CA LEU C 299 26.06 -18.52 16.90
C LEU C 299 24.86 -17.76 17.41
N THR C 300 24.42 -18.14 18.61
CA THR C 300 23.34 -17.46 19.34
C THR C 300 23.92 -16.75 20.56
N ALA C 301 23.70 -15.45 20.64
CA ALA C 301 24.20 -14.66 21.76
C ALA C 301 23.06 -14.27 22.70
N ILE C 302 23.30 -14.42 24.00
CA ILE C 302 22.31 -14.04 25.01
C ILE C 302 22.86 -12.99 25.97
N ASP C 303 22.22 -11.82 25.98
CA ASP C 303 22.54 -10.77 26.94
C ASP C 303 21.55 -10.82 28.10
N ILE C 304 21.96 -10.25 29.24
CA ILE C 304 21.13 -10.22 30.44
C ILE C 304 21.11 -8.81 31.04
N ASN C 305 19.91 -8.36 31.42
CA ASN C 305 19.73 -7.06 32.06
C ASN C 305 19.02 -7.21 33.40
N SER C 306 19.30 -6.30 34.33
CA SER C 306 18.69 -6.35 35.66
C SER C 306 17.48 -5.41 35.81
N ALA C 307 16.73 -5.62 36.89
CA ALA C 307 15.36 -5.10 37.05
C ALA C 307 15.19 -3.58 37.01
N GLY C 313 19.40 -1.24 47.49
CA GLY C 313 19.75 -2.66 47.49
C GLY C 313 21.20 -2.92 47.13
N ASP C 314 21.66 -4.14 47.41
CA ASP C 314 23.04 -4.52 47.12
C ASP C 314 23.22 -4.76 45.61
N ILE C 315 24.21 -4.08 45.04
CA ILE C 315 24.54 -4.21 43.62
C ILE C 315 25.11 -5.60 43.32
N GLU C 316 25.98 -6.07 44.21
CA GLU C 316 26.60 -7.39 44.11
C GLU C 316 25.56 -8.50 44.19
N GLU C 317 24.59 -8.33 45.09
CA GLU C 317 23.50 -9.28 45.29
C GLU C 317 22.53 -9.29 44.10
N THR C 318 22.16 -8.11 43.62
CA THR C 318 21.24 -7.97 42.49
C THR C 318 21.77 -8.70 41.25
N ALA C 319 23.04 -8.44 40.91
CA ALA C 319 23.69 -9.06 39.77
C ALA C 319 23.64 -10.59 39.87
N PHE C 320 24.03 -11.11 41.04
CA PHE C 320 24.07 -12.54 41.32
C PHE C 320 22.70 -13.20 41.16
N ASN C 321 21.71 -12.72 41.91
CA ASN C 321 20.33 -13.21 41.82
C ASN C 321 19.80 -13.19 40.39
N THR C 322 19.98 -12.05 39.72
CA THR C 322 19.55 -11.87 38.34
C THR C 322 20.21 -12.89 37.41
N ASN C 323 21.52 -13.10 37.58
CA ASN C 323 22.26 -14.12 36.83
C ASN C 323 21.73 -15.53 37.08
N LEU C 324 21.42 -15.83 38.34
CA LEU C 324 20.85 -17.12 38.72
C LEU C 324 19.48 -17.33 38.07
N GLU C 325 18.65 -16.29 38.13
CA GLU C 325 17.33 -16.29 37.49
C GLU C 325 17.44 -16.48 35.98
N ALA C 326 18.48 -15.88 35.40
CA ALA C 326 18.73 -15.94 33.96
C ALA C 326 19.12 -17.34 33.51
N ALA C 327 20.03 -17.97 34.25
CA ALA C 327 20.52 -19.33 33.94
C ALA C 327 19.37 -20.34 33.84
N ASP C 328 18.44 -20.28 34.80
CA ASP C 328 17.24 -21.11 34.80
C ASP C 328 16.42 -20.91 33.53
N GLU C 329 16.17 -19.65 33.21
CA GLU C 329 15.38 -19.28 32.04
C GLU C 329 16.09 -19.63 30.74
N ILE C 330 17.40 -19.39 30.69
CA ILE C 330 18.20 -19.79 29.52
C ILE C 330 18.03 -21.28 29.26
N ALA C 331 18.15 -22.09 30.31
CA ALA C 331 17.97 -23.54 30.22
C ALA C 331 16.64 -23.95 29.59
N ARG C 332 15.53 -23.46 30.15
CA ARG C 332 14.21 -23.81 29.63
C ARG C 332 13.97 -23.21 28.23
N GLN C 333 14.51 -22.01 27.99
CA GLN C 333 14.42 -21.37 26.67
C GLN C 333 15.21 -22.11 25.61
N LEU C 334 16.38 -22.62 25.99
CA LEU C 334 17.18 -23.45 25.08
C LEU C 334 16.37 -24.65 24.59
N ARG C 335 15.49 -25.14 25.46
CA ARG C 335 14.63 -26.28 25.14
C ARG C 335 13.43 -25.88 24.29
N LEU C 336 12.67 -24.89 24.76
CA LEU C 336 11.41 -24.54 24.13
C LEU C 336 11.60 -24.16 22.67
N ARG C 337 12.72 -23.51 22.38
CA ARG C 337 13.05 -23.12 21.01
C ARG C 337 13.71 -24.26 20.26
N ASP C 338 14.46 -25.09 20.99
CA ASP C 338 15.24 -26.16 20.37
C ASP C 338 16.53 -25.61 19.75
N LEU C 339 17.11 -24.60 20.38
CA LEU C 339 18.34 -24.01 19.90
C LEU C 339 19.48 -25.02 19.90
N GLY C 340 20.30 -24.99 18.86
CA GLY C 340 21.41 -25.93 18.72
C GLY C 340 22.68 -25.27 18.23
N GLY C 341 23.82 -25.85 18.58
CA GLY C 341 25.11 -25.34 18.16
C GLY C 341 25.77 -24.48 19.23
N LEU C 342 26.38 -23.39 18.78
CA LEU C 342 27.20 -22.55 19.64
C LEU C 342 26.39 -21.42 20.26
N ILE C 343 26.52 -21.26 21.59
CA ILE C 343 25.73 -20.27 22.33
C ILE C 343 26.62 -19.50 23.31
N VAL C 344 26.53 -18.17 23.26
CA VAL C 344 27.31 -17.30 24.15
C VAL C 344 26.37 -16.52 25.08
N ILE C 345 26.65 -16.56 26.38
CA ILE C 345 25.82 -15.88 27.38
C ILE C 345 26.63 -14.79 28.08
N ASP C 346 26.12 -13.56 28.04
CA ASP C 346 26.75 -12.44 28.70
C ASP C 346 26.08 -12.18 30.05
N PHE C 347 26.53 -12.90 31.08
CA PHE C 347 26.05 -12.67 32.43
C PHE C 347 26.49 -11.30 32.92
N ILE C 348 25.66 -10.69 33.76
CA ILE C 348 26.03 -9.45 34.44
C ILE C 348 27.33 -9.71 35.19
N ASP C 349 28.30 -8.82 35.01
CA ASP C 349 29.62 -8.96 35.63
C ASP C 349 29.51 -9.05 37.15
N MET C 350 30.18 -10.06 37.71
CA MET C 350 30.21 -10.27 39.15
C MET C 350 31.66 -10.25 39.61
N THR C 351 31.96 -9.43 40.62
CA THR C 351 33.33 -9.29 41.12
C THR C 351 33.86 -10.54 41.86
N PRO C 352 33.06 -11.13 42.78
CA PRO C 352 33.58 -12.31 43.47
C PRO C 352 33.57 -13.54 42.57
N VAL C 353 34.64 -14.32 42.59
CA VAL C 353 34.85 -15.40 41.64
C VAL C 353 33.84 -16.52 41.87
N ARG C 354 33.29 -16.57 43.07
CA ARG C 354 32.37 -17.65 43.44
C ARG C 354 30.94 -17.33 42.99
N HIS C 355 30.64 -16.04 42.88
CA HIS C 355 29.43 -15.60 42.19
C HIS C 355 29.49 -15.94 40.70
N GLN C 356 30.65 -16.42 40.26
CA GLN C 356 30.81 -16.93 38.91
C GLN C 356 30.60 -18.44 38.87
N ARG C 357 31.36 -19.16 39.70
CA ARG C 357 31.17 -20.59 39.87
C ARG C 357 29.72 -20.92 40.17
N ALA C 358 29.10 -20.14 41.05
CA ALA C 358 27.75 -20.42 41.52
C ALA C 358 26.73 -20.27 40.39
N VAL C 359 26.98 -19.29 39.51
CA VAL C 359 26.14 -19.11 38.32
C VAL C 359 26.42 -20.20 37.29
N GLU C 360 27.68 -20.62 37.19
CA GLU C 360 28.08 -21.71 36.30
C GLU C 360 27.44 -23.04 36.69
N ASN C 361 27.49 -23.37 37.98
CA ASN C 361 26.91 -24.62 38.45
C ASN C 361 25.39 -24.56 38.29
N ARG C 362 24.82 -23.40 38.61
CA ARG C 362 23.36 -23.29 38.61
C ARG C 362 22.76 -23.66 37.25
N LEU C 363 23.39 -23.17 36.19
CA LEU C 363 22.96 -23.51 34.84
C LEU C 363 23.35 -24.93 34.47
N ARG C 364 24.49 -25.38 34.96
CA ARG C 364 24.86 -26.79 34.91
C ARG C 364 23.74 -27.66 35.47
N GLU C 365 23.10 -27.19 36.53
CA GLU C 365 22.02 -27.94 37.17
C GLU C 365 20.77 -27.72 36.33
N ALA C 366 20.65 -26.53 35.77
CA ALA C 366 19.46 -26.14 35.00
C ALA C 366 19.27 -26.95 33.72
N VAL C 367 20.36 -27.45 33.15
CA VAL C 367 20.32 -28.19 31.89
C VAL C 367 20.39 -29.72 32.07
N ARG C 368 20.51 -30.17 33.31
CA ARG C 368 20.56 -31.62 33.61
C ARG C 368 19.35 -32.35 33.04
N GLN C 369 18.23 -31.63 32.98
CA GLN C 369 16.95 -32.13 32.44
C GLN C 369 17.01 -32.40 30.95
N ASP C 370 17.60 -31.45 30.23
CA ASP C 370 17.59 -31.41 28.77
C ASP C 370 18.03 -32.74 28.16
N ARG C 371 17.36 -33.13 27.07
CA ARG C 371 17.66 -34.38 26.39
C ARG C 371 18.89 -34.26 25.48
N ALA C 372 19.19 -33.04 25.04
CA ALA C 372 20.33 -32.78 24.16
C ALA C 372 21.65 -32.78 24.94
N ARG C 373 22.73 -33.17 24.28
CA ARG C 373 24.07 -33.14 24.87
C ARG C 373 24.54 -31.69 24.99
N ILE C 374 24.82 -31.27 26.23
CA ILE C 374 25.19 -29.89 26.52
C ILE C 374 26.58 -29.79 27.13
N GLN C 375 27.35 -28.81 26.66
CA GLN C 375 28.68 -28.55 27.17
C GLN C 375 28.86 -27.08 27.51
N ILE C 376 29.23 -26.80 28.76
CA ILE C 376 29.37 -25.43 29.23
C ILE C 376 30.80 -25.14 29.68
N SER C 377 31.32 -24.00 29.26
CA SER C 377 32.64 -23.55 29.70
C SER C 377 32.52 -22.51 30.81
N HIS C 378 33.67 -22.09 31.35
CA HIS C 378 33.70 -21.15 32.46
C HIS C 378 33.56 -19.71 31.96
N ILE C 379 33.20 -18.81 32.87
CA ILE C 379 33.04 -17.41 32.52
C ILE C 379 34.40 -16.82 32.20
N SER C 380 34.61 -16.50 30.92
CA SER C 380 35.87 -15.95 30.44
C SER C 380 36.18 -14.61 31.12
N ARG C 381 37.42 -14.15 30.99
CA ARG C 381 37.82 -12.88 31.58
C ARG C 381 37.06 -11.68 31.01
N PHE C 382 36.33 -11.92 29.91
CA PHE C 382 35.47 -10.90 29.31
C PHE C 382 34.07 -10.93 29.90
N GLY C 383 33.79 -11.95 30.71
CA GLY C 383 32.48 -12.12 31.34
C GLY C 383 31.51 -12.88 30.45
N LEU C 384 32.06 -13.66 29.51
CA LEU C 384 31.24 -14.44 28.58
C LEU C 384 31.31 -15.94 28.89
N LEU C 385 30.16 -16.60 28.74
CA LEU C 385 30.07 -18.04 28.88
C LEU C 385 29.73 -18.68 27.54
N GLU C 386 30.64 -19.52 27.05
CA GLU C 386 30.40 -20.28 25.83
C GLU C 386 29.86 -21.65 26.18
N MET C 387 28.85 -22.08 25.42
CA MET C 387 28.28 -23.40 25.58
C MET C 387 27.74 -23.91 24.25
N SER C 388 27.75 -25.23 24.08
CA SER C 388 27.16 -25.84 22.90
C SER C 388 26.04 -26.79 23.25
N ARG C 389 25.08 -26.92 22.34
CA ARG C 389 23.96 -27.82 22.52
C ARG C 389 23.69 -28.57 21.22
N GLN C 390 23.62 -29.90 21.34
CA GLN C 390 23.28 -30.77 20.23
C GLN C 390 21.90 -30.42 19.67
N ARG C 391 21.81 -30.31 18.34
CA ARG C 391 20.55 -30.01 17.68
C ARG C 391 19.66 -31.24 17.63
N LEU C 392 18.48 -31.15 18.25
CA LEU C 392 17.52 -32.26 18.23
C LEU C 392 16.56 -32.20 17.04
N SER C 393 16.17 -30.99 16.65
CA SER C 393 15.29 -30.78 15.50
C SER C 393 15.42 -29.37 14.93
N LEU C 396 13.42 -22.83 16.80
CA LEU C 396 12.65 -21.59 16.82
C LEU C 396 12.61 -20.90 15.46
N GLY C 397 13.79 -20.65 14.89
CA GLY C 397 13.91 -19.82 13.69
C GLY C 397 14.07 -20.51 12.36
N GLU C 398 14.29 -21.82 12.36
CA GLU C 398 14.56 -22.55 11.11
C GLU C 398 13.31 -23.03 10.36
N SER C 399 12.44 -23.75 11.07
CA SER C 399 11.29 -24.40 10.43
C SER C 399 10.01 -23.56 10.47
N SER C 400 10.02 -22.53 11.30
CA SER C 400 8.84 -21.66 11.46
C SER C 400 9.10 -20.21 11.05
N HIS C 401 10.36 -19.87 10.77
CA HIS C 401 10.71 -18.48 10.47
C HIS C 401 11.45 -18.32 9.14
N HIS C 402 11.46 -17.10 8.62
CA HIS C 402 12.36 -16.71 7.55
C HIS C 402 13.00 -15.33 7.71
N VAL C 403 14.12 -15.15 7.03
CA VAL C 403 15.00 -13.99 7.18
C VAL C 403 14.33 -12.75 6.61
N CYS C 404 14.18 -11.72 7.46
CA CYS C 404 13.52 -10.48 7.06
C CYS C 404 13.91 -10.09 5.63
N PRO C 405 12.93 -10.07 4.73
CA PRO C 405 13.19 -9.89 3.30
C PRO C 405 13.61 -8.45 3.00
N ARG C 406 13.20 -7.52 3.85
CA ARG C 406 13.58 -6.11 3.68
C ARG C 406 15.04 -5.89 4.04
N CYS C 407 15.43 -6.35 5.22
CA CYS C 407 16.74 -6.00 5.78
C CYS C 407 17.76 -7.12 5.65
N SER C 408 17.34 -8.23 5.03
CA SER C 408 18.22 -9.37 4.82
C SER C 408 18.60 -9.95 6.18
N GLY C 409 17.63 -9.97 7.10
CA GLY C 409 17.95 -10.51 8.41
C GLY C 409 18.69 -9.82 9.54
N THR C 410 19.27 -8.66 9.23
CA THR C 410 19.89 -7.82 10.26
C THR C 410 19.11 -6.53 10.46
N GLY C 411 19.61 -5.69 11.37
CA GLY C 411 19.08 -4.34 11.52
C GLY C 411 19.69 -3.46 10.44
N THR C 412 18.91 -3.18 9.40
CA THR C 412 19.46 -2.47 8.25
C THR C 412 18.56 -1.33 7.78
N VAL C 413 18.52 -0.25 8.56
CA VAL C 413 17.86 0.98 8.13
C VAL C 413 18.83 2.15 8.12
N ARG C 414 19.46 2.39 6.97
CA ARG C 414 20.25 3.58 6.77
C ARG C 414 19.23 4.68 6.50
N ASP C 415 19.28 5.75 7.28
CA ASP C 415 18.38 6.88 7.09
C ASP C 415 18.45 7.29 5.63
N ASN C 416 17.30 7.58 5.04
CA ASN C 416 17.21 7.94 3.63
C ASN C 416 18.37 8.83 3.17
N GLU C 417 18.60 9.91 3.93
CA GLU C 417 19.59 10.92 3.61
C GLU C 417 21.01 10.36 3.56
N SER C 418 21.40 9.64 4.61
CA SER C 418 22.69 8.96 4.67
C SER C 418 22.82 7.94 3.54
N LEU C 419 21.76 7.18 3.30
CA LEU C 419 21.73 6.19 2.21
C LEU C 419 21.83 6.86 0.85
N SER C 420 21.15 8.00 0.70
CA SER C 420 21.14 8.75 -0.56
C SER C 420 22.53 9.28 -0.93
N LEU C 421 23.19 9.93 0.02
CA LEU C 421 24.53 10.50 -0.20
C LEU C 421 25.55 9.41 -0.57
N SER C 422 25.41 8.25 0.07
CA SER C 422 26.20 7.06 -0.23
C SER C 422 26.00 6.61 -1.67
N ILE C 423 24.74 6.59 -2.11
CA ILE C 423 24.39 6.25 -3.48
C ILE C 423 24.90 7.35 -4.43
N LEU C 424 24.68 8.60 -4.06
CA LEU C 424 25.12 9.74 -4.86
C LEU C 424 26.64 9.72 -5.12
N ARG C 425 27.40 9.40 -4.08
CA ARG C 425 28.84 9.24 -4.19
C ARG C 425 29.21 8.03 -5.05
N LEU C 426 28.40 6.98 -4.98
CA LEU C 426 28.62 5.77 -5.76
C LEU C 426 28.31 5.97 -7.25
N ILE C 427 27.31 6.81 -7.54
CA ILE C 427 26.99 7.19 -8.92
C ILE C 427 28.17 7.91 -9.57
N GLU C 428 28.73 8.87 -8.85
CA GLU C 428 29.85 9.70 -9.32
C GLU C 428 31.09 8.86 -9.62
N GLU C 429 31.42 7.95 -8.71
CA GLU C 429 32.57 7.07 -8.88
C GLU C 429 32.47 6.23 -10.15
N GLU C 430 31.26 5.81 -10.49
CA GLU C 430 31.00 5.09 -11.73
C GLU C 430 31.12 5.99 -12.95
N ALA C 431 30.63 7.22 -12.81
CA ALA C 431 30.61 8.20 -13.90
C ALA C 431 32.01 8.63 -14.35
N LEU C 432 32.97 8.47 -13.45
CA LEU C 432 34.37 8.83 -13.71
C LEU C 432 35.08 7.80 -14.57
N LYS C 433 34.69 6.53 -14.43
CA LYS C 433 35.35 5.42 -15.10
C LYS C 433 35.41 5.63 -16.60
N GLU C 434 36.60 5.42 -17.17
CA GLU C 434 36.81 5.55 -18.60
C GLU C 434 35.92 4.58 -19.36
N ASN C 435 35.35 5.04 -20.46
CA ASN C 435 34.45 4.25 -21.31
C ASN C 435 33.02 4.14 -20.75
N THR C 436 32.68 5.02 -19.81
CA THR C 436 31.33 5.10 -19.26
C THR C 436 30.46 5.99 -20.15
N GLN C 437 29.38 5.43 -20.67
CA GLN C 437 28.41 6.25 -21.40
C GLN C 437 27.34 6.78 -20.46
N GLU C 438 26.81 5.91 -19.61
CA GLU C 438 25.81 6.31 -18.63
C GLU C 438 25.87 5.48 -17.34
N VAL C 439 25.22 5.98 -16.29
CA VAL C 439 25.08 5.24 -15.04
C VAL C 439 23.63 5.22 -14.57
N HIS C 440 23.16 4.05 -14.16
CA HIS C 440 21.82 3.91 -13.63
C HIS C 440 21.83 3.61 -12.15
N ALA C 441 21.08 4.41 -11.40
CA ALA C 441 20.83 4.14 -10.00
C ALA C 441 19.36 3.79 -9.83
N ILE C 442 19.08 2.49 -9.74
CA ILE C 442 17.72 2.01 -9.51
C ILE C 442 17.51 1.96 -8.01
N VAL C 443 16.72 2.89 -7.52
CA VAL C 443 16.62 3.13 -6.08
C VAL C 443 15.18 3.11 -5.59
N PRO C 444 14.97 2.85 -4.28
CA PRO C 444 13.64 2.99 -3.69
C PRO C 444 13.11 4.39 -3.88
N VAL C 445 11.78 4.51 -3.97
CA VAL C 445 11.08 5.75 -4.29
C VAL C 445 11.55 6.98 -3.48
N PRO C 446 11.63 6.88 -2.14
CA PRO C 446 12.06 8.07 -1.39
C PRO C 446 13.51 8.49 -1.65
N ILE C 447 14.37 7.52 -1.98
CA ILE C 447 15.76 7.81 -2.32
C ILE C 447 15.85 8.65 -3.58
N ALA C 448 15.09 8.26 -4.62
CA ALA C 448 15.04 9.00 -5.88
C ALA C 448 14.41 10.38 -5.70
N SER C 449 13.39 10.48 -4.85
CA SER C 449 12.77 11.76 -4.52
C SER C 449 13.81 12.69 -3.89
N TYR C 450 14.56 12.16 -2.94
CA TYR C 450 15.60 12.92 -2.25
C TYR C 450 16.74 13.31 -3.19
N LEU C 451 17.22 12.34 -3.97
CA LEU C 451 18.33 12.57 -4.90
C LEU C 451 18.00 13.54 -6.02
N LEU C 452 16.77 13.48 -6.53
CA LEU C 452 16.38 14.27 -7.70
C LEU C 452 15.74 15.62 -7.36
N ASN C 453 15.60 15.90 -6.07
CA ASN C 453 15.15 17.22 -5.60
C ASN C 453 16.18 17.90 -4.70
N GLU C 454 16.38 17.33 -3.51
CA GLU C 454 17.34 17.87 -2.54
C GLU C 454 18.77 17.85 -3.07
N LYS C 455 19.09 16.84 -3.89
CA LYS C 455 20.44 16.69 -4.41
C LYS C 455 20.54 16.92 -5.93
N ARG C 456 19.55 17.60 -6.51
CA ARG C 456 19.54 17.86 -7.96
C ARG C 456 20.80 18.57 -8.43
N SER C 457 21.15 19.67 -7.75
CA SER C 457 22.37 20.43 -8.03
C SER C 457 23.57 19.50 -8.18
N ALA C 458 23.75 18.61 -7.20
CA ALA C 458 24.85 17.65 -7.19
C ALA C 458 24.76 16.68 -8.38
N VAL C 459 23.57 16.13 -8.63
CA VAL C 459 23.36 15.19 -9.75
C VAL C 459 23.70 15.87 -11.07
N ASN C 460 23.24 17.11 -11.24
CA ASN C 460 23.64 17.95 -12.37
C ASN C 460 25.15 18.10 -12.40
N ALA C 461 25.72 18.57 -11.30
CA ALA C 461 27.17 18.80 -11.16
C ALA C 461 28.02 17.62 -11.64
N ILE C 462 27.52 16.41 -11.44
CA ILE C 462 28.20 15.20 -11.92
C ILE C 462 28.18 15.15 -13.45
N GLU C 463 26.99 15.25 -14.04
CA GLU C 463 26.79 15.21 -15.49
C GLU C 463 27.59 16.29 -16.22
N THR C 464 27.59 17.51 -15.68
CA THR C 464 28.31 18.62 -16.30
C THR C 464 29.82 18.46 -16.21
N ARG C 465 30.31 17.94 -15.08
CA ARG C 465 31.74 17.66 -14.92
C ARG C 465 32.16 16.45 -15.74
N GLN C 466 31.34 15.41 -15.72
CA GLN C 466 31.55 14.24 -16.57
C GLN C 466 30.74 14.43 -17.84
N ASP C 467 31.20 15.37 -18.67
CA ASP C 467 30.48 15.73 -19.89
C ASP C 467 30.17 14.51 -20.74
N GLY C 468 28.89 14.37 -21.11
CA GLY C 468 28.43 13.24 -21.91
C GLY C 468 27.96 12.06 -21.11
N VAL C 469 28.10 12.12 -19.78
CA VAL C 469 27.68 11.02 -18.91
C VAL C 469 26.31 11.27 -18.27
N ARG C 470 25.34 10.48 -18.71
CA ARG C 470 24.00 10.50 -18.17
C ARG C 470 23.96 9.76 -16.84
N CYS C 471 23.29 10.37 -15.88
CA CYS C 471 22.92 9.70 -14.64
C CYS C 471 21.41 9.56 -14.64
N VAL C 472 20.94 8.32 -14.73
CA VAL C 472 19.50 8.04 -14.66
C VAL C 472 19.16 7.50 -13.28
N ILE C 473 18.47 8.32 -12.49
CA ILE C 473 18.02 7.93 -11.16
C ILE C 473 16.53 7.65 -11.20
N VAL C 474 16.19 6.37 -11.36
CA VAL C 474 14.81 5.93 -11.50
C VAL C 474 14.23 5.45 -10.18
N PRO C 475 13.10 6.04 -9.74
CA PRO C 475 12.39 5.49 -8.60
C PRO C 475 11.69 4.19 -8.97
N ASN C 476 11.65 3.25 -8.04
CA ASN C 476 11.16 1.91 -8.30
C ASN C 476 10.42 1.42 -7.06
N ASP C 477 9.10 1.33 -7.15
CA ASP C 477 8.27 0.98 -5.99
C ASP C 477 8.42 -0.48 -5.53
N GLN C 478 9.13 -1.29 -6.31
CA GLN C 478 9.40 -2.68 -5.95
C GLN C 478 10.58 -2.81 -4.97
N MET C 479 11.20 -1.67 -4.66
CA MET C 479 12.29 -1.61 -3.69
C MET C 479 11.87 -0.81 -2.46
N GLU C 480 12.45 -1.16 -1.30
CA GLU C 480 12.44 -0.27 -0.15
C GLU C 480 13.85 -0.09 0.41
N THR C 481 13.95 0.68 1.49
CA THR C 481 15.17 1.43 1.78
C THR C 481 16.42 0.64 1.38
N PRO C 482 16.72 -0.39 2.16
CA PRO C 482 18.11 -0.85 2.31
C PRO C 482 18.73 -1.35 1.01
N HIS C 483 17.93 -1.41 -0.05
CA HIS C 483 18.39 -2.01 -1.30
C HIS C 483 18.61 -0.93 -2.37
N TYR C 484 19.48 -1.23 -3.32
CA TYR C 484 19.58 -0.43 -4.54
C TYR C 484 20.53 -1.08 -5.55
N HIS C 485 20.52 -0.57 -6.77
CA HIS C 485 21.48 -0.97 -7.77
C HIS C 485 22.05 0.27 -8.45
N VAL C 486 23.37 0.33 -8.52
CA VAL C 486 24.06 1.33 -9.33
C VAL C 486 24.77 0.57 -10.45
N LEU C 487 24.18 0.59 -11.64
CA LEU C 487 24.72 -0.13 -12.79
C LEU C 487 25.39 0.81 -13.78
N ARG C 488 26.51 0.35 -14.32
CA ARG C 488 27.31 1.14 -15.25
C ARG C 488 27.02 0.74 -16.69
N VAL C 489 26.90 1.74 -17.57
CA VAL C 489 26.65 1.49 -18.99
C VAL C 489 27.82 2.00 -19.82
N ARG C 490 28.52 1.08 -20.46
CA ARG C 490 29.67 1.40 -21.30
C ARG C 490 29.26 2.11 -22.58
N LYS C 491 30.21 2.78 -23.23
CA LYS C 491 29.98 3.41 -24.52
C LYS C 491 29.62 2.33 -25.54
N GLY C 492 28.51 2.53 -26.25
CA GLY C 492 28.09 1.62 -27.32
C GLY C 492 27.01 0.62 -26.95
N GLU C 493 26.84 0.37 -25.65
CA GLU C 493 25.89 -0.64 -25.18
C GLU C 493 24.57 -0.07 -24.62
N GLU C 494 24.40 1.25 -24.70
CA GLU C 494 23.19 1.91 -24.24
C GLU C 494 22.04 1.74 -25.23
N THR C 495 20.82 1.82 -24.72
CA THR C 495 19.61 1.67 -25.53
C THR C 495 18.75 2.94 -25.40
N PRO C 496 17.71 3.07 -26.25
CA PRO C 496 16.77 4.17 -26.09
C PRO C 496 15.62 3.83 -25.15
N THR C 497 15.92 3.11 -24.07
CA THR C 497 14.91 2.69 -23.09
C THR C 497 14.49 3.85 -22.19
N LEU C 498 13.18 3.98 -21.98
CA LEU C 498 12.61 4.98 -21.10
C LEU C 498 13.06 4.73 -19.66
N SER C 499 13.32 5.81 -18.94
CA SER C 499 13.84 5.75 -17.56
C SER C 499 13.05 4.80 -16.66
N TYR C 500 11.72 4.87 -16.74
CA TYR C 500 10.86 4.05 -15.89
C TYR C 500 10.72 2.59 -16.36
N MET C 501 11.09 2.32 -17.61
CA MET C 501 11.11 0.96 -18.13
C MET C 501 12.49 0.32 -17.98
N LEU C 502 13.31 0.89 -17.08
CA LEU C 502 14.67 0.41 -16.85
C LEU C 502 14.84 -0.71 -15.81
N PRO C 503 14.20 -0.58 -14.62
CA PRO C 503 14.31 -1.66 -13.63
C PRO C 503 13.91 -3.03 -14.20
N LYS C 504 12.88 -3.03 -15.05
CA LYS C 504 12.41 -4.24 -15.73
C LYS C 504 13.48 -4.78 -16.70
N LEU C 505 14.17 -3.87 -17.40
CA LEU C 505 15.25 -4.24 -18.31
C LEU C 505 16.42 -4.87 -17.56
N HIS C 506 16.59 -4.47 -16.30
CA HIS C 506 17.69 -4.93 -15.46
C HIS C 506 17.40 -6.20 -14.68
N GLU C 507 16.12 -6.44 -14.34
CA GLU C 507 15.69 -7.66 -13.64
C GLU C 507 16.21 -8.93 -14.34
N GLU C 508 16.64 -8.76 -15.58
CA GLU C 508 17.40 -9.78 -16.32
C GLU C 508 18.70 -10.14 -15.58
N ALA C 509 19.13 -9.25 -14.68
CA ALA C 509 20.12 -9.60 -13.68
C ALA C 509 20.09 -8.63 -12.51
N MET D 1 52.41 4.16 -2.91
CA MET D 1 52.73 5.25 -2.00
C MET D 1 51.55 5.59 -1.09
N LYS D 2 51.81 5.65 0.20
CA LYS D 2 50.76 5.93 1.18
C LYS D 2 50.49 7.44 1.27
N ARG D 3 49.22 7.81 1.10
CA ARG D 3 48.82 9.21 1.20
C ARG D 3 47.69 9.39 2.20
N MET D 4 47.77 10.45 3.00
CA MET D 4 46.63 10.92 3.76
C MET D 4 45.83 11.85 2.84
N LEU D 5 44.54 11.62 2.73
CA LEU D 5 43.66 12.49 1.95
C LEU D 5 42.67 13.19 2.87
N ILE D 6 42.62 14.50 2.80
CA ILE D 6 41.70 15.28 3.63
C ILE D 6 40.64 15.99 2.77
N ASN D 7 39.42 15.46 2.83
CA ASN D 7 38.26 16.01 2.12
C ASN D 7 37.49 16.97 3.03
N ALA D 8 37.58 18.26 2.71
CA ALA D 8 37.01 19.31 3.55
C ALA D 8 36.11 20.30 2.79
N THR D 9 35.48 19.83 1.72
CA THR D 9 34.58 20.67 0.92
C THR D 9 33.20 20.81 1.57
N GLN D 10 32.87 19.88 2.45
CA GLN D 10 31.59 19.86 3.16
C GLN D 10 31.77 20.33 4.60
N GLN D 11 30.99 21.35 4.99
CA GLN D 11 31.15 21.97 6.30
C GLN D 11 30.85 20.99 7.43
N GLU D 12 29.95 20.04 7.15
CA GLU D 12 29.30 19.27 8.21
C GLU D 12 29.90 17.89 8.32
N GLU D 13 30.99 17.65 7.60
CA GLU D 13 31.70 16.38 7.66
C GLU D 13 33.13 16.52 7.17
N LEU D 14 34.07 16.68 8.11
CA LEU D 14 35.49 16.75 7.77
C LEU D 14 36.10 15.35 7.80
N ARG D 15 36.53 14.87 6.64
CA ARG D 15 36.95 13.48 6.47
C ARG D 15 38.44 13.32 6.20
N VAL D 16 39.01 12.28 6.82
CA VAL D 16 40.44 11.97 6.67
C VAL D 16 40.58 10.49 6.34
N ALA D 17 41.23 10.20 5.20
CA ALA D 17 41.46 8.83 4.79
C ALA D 17 42.95 8.55 4.62
N LEU D 18 43.41 7.45 5.20
CA LEU D 18 44.73 6.93 4.91
C LEU D 18 44.59 5.95 3.75
N VAL D 19 45.38 6.17 2.70
CA VAL D 19 45.25 5.39 1.47
C VAL D 19 46.60 4.86 1.01
N ASP D 20 46.66 3.55 0.76
CA ASP D 20 47.83 2.91 0.18
C ASP D 20 47.54 2.61 -1.29
N GLY D 21 48.08 3.45 -2.18
CA GLY D 21 47.75 3.40 -3.60
C GLY D 21 46.32 3.87 -3.79
N GLN D 22 45.41 2.92 -3.95
CA GLN D 22 43.97 3.20 -4.00
C GLN D 22 43.25 2.41 -2.90
N ARG D 23 44.02 1.68 -2.10
CA ARG D 23 43.45 0.89 -1.02
C ARG D 23 43.31 1.69 0.27
N LEU D 24 42.06 1.97 0.64
CA LEU D 24 41.72 2.62 1.90
C LEU D 24 42.08 1.68 3.06
N TYR D 25 42.76 2.21 4.08
CA TYR D 25 43.13 1.38 5.23
C TYR D 25 42.90 2.03 6.61
N ASP D 26 42.44 3.28 6.59
CA ASP D 26 41.98 3.96 7.79
C ASP D 26 41.06 5.10 7.37
N LEU D 27 40.18 5.49 8.28
CA LEU D 27 39.22 6.55 8.00
C LEU D 27 38.84 7.24 9.29
N ASP D 28 38.91 8.57 9.28
CA ASP D 28 38.46 9.35 10.40
C ASP D 28 37.52 10.45 9.93
N ILE D 29 36.39 10.57 10.63
CA ILE D 29 35.34 11.50 10.24
C ILE D 29 35.03 12.39 11.43
N GLU D 30 34.97 13.70 11.19
CA GLU D 30 34.61 14.64 12.24
C GLU D 30 33.54 15.62 11.77
N SER D 31 32.49 15.74 12.56
CA SER D 31 31.40 16.66 12.29
C SER D 31 31.37 17.76 13.34
N PRO D 32 31.04 19.00 12.93
CA PRO D 32 30.78 20.08 13.90
C PRO D 32 29.56 19.80 14.78
N GLU D 35 32.95 25.89 24.28
CA GLU D 35 33.54 24.70 23.69
C GLU D 35 34.63 24.10 24.58
N GLN D 36 35.51 23.31 23.96
CA GLN D 36 36.49 22.50 24.67
C GLN D 36 37.92 23.04 24.53
N LYS D 37 38.42 23.64 25.61
CA LYS D 37 39.76 24.23 25.65
C LYS D 37 40.59 23.71 26.82
N LYS D 38 41.31 22.64 26.55
CA LYS D 38 42.14 21.93 27.52
C LYS D 38 43.25 21.23 26.73
N ALA D 39 44.46 21.20 27.31
CA ALA D 39 45.69 20.73 26.64
C ALA D 39 46.22 21.80 25.67
N ASN D 40 45.63 22.99 25.74
CA ASN D 40 46.07 24.15 24.97
C ASN D 40 47.20 24.77 25.77
N ILE D 41 48.24 25.22 25.06
CA ILE D 41 49.38 25.86 25.71
C ILE D 41 49.41 27.34 25.33
N TYR D 42 49.70 28.19 26.31
CA TYR D 42 49.77 29.63 26.10
C TYR D 42 51.04 30.19 26.72
N LYS D 43 51.46 31.35 26.23
CA LYS D 43 52.34 32.21 27.00
C LYS D 43 51.41 33.10 27.81
N GLY D 44 51.65 33.17 29.11
CA GLY D 44 50.81 33.96 30.01
C GLY D 44 51.62 34.86 30.91
N LYS D 45 51.04 36.01 31.28
CA LYS D 45 51.68 36.93 32.20
C LYS D 45 51.02 36.83 33.57
N ILE D 46 51.83 36.64 34.60
CA ILE D 46 51.31 36.50 35.96
C ILE D 46 50.59 37.77 36.40
N THR D 47 49.26 37.69 36.37
CA THR D 47 48.38 38.79 36.76
C THR D 47 48.64 39.22 38.20
N ARG D 48 48.30 38.36 39.15
CA ARG D 48 48.44 38.69 40.57
C ARG D 48 48.89 37.48 41.39
N ILE D 49 49.54 37.76 42.53
CA ILE D 49 50.03 36.71 43.42
C ILE D 49 49.33 36.78 44.77
N GLU D 50 49.06 35.59 45.32
CA GLU D 50 48.47 35.44 46.64
C GLU D 50 49.30 34.41 47.41
N PRO D 51 49.95 34.84 48.51
CA PRO D 51 50.58 33.83 49.36
C PRO D 51 49.51 33.09 50.17
N SER D 52 48.33 33.70 50.24
CA SER D 52 47.19 33.18 51.00
C SER D 52 46.61 31.90 50.41
N LEU D 53 46.83 31.69 49.11
CA LEU D 53 46.34 30.49 48.43
C LEU D 53 47.49 29.63 47.92
N GLU D 54 48.72 29.99 48.30
CA GLU D 54 49.94 29.37 47.79
C GLU D 54 49.89 29.29 46.25
N ALA D 55 49.53 30.41 45.61
CA ALA D 55 49.21 30.41 44.18
C ALA D 55 49.24 31.79 43.52
N ALA D 56 49.28 31.80 42.19
CA ALA D 56 49.24 33.02 41.38
C ALA D 56 48.28 32.89 40.20
N PHE D 57 47.85 34.04 39.67
CA PHE D 57 46.92 34.09 38.54
C PHE D 57 47.63 34.45 37.25
N VAL D 58 47.12 33.93 36.13
CA VAL D 58 47.77 34.11 34.84
C VAL D 58 46.79 34.60 33.77
N ASP D 59 47.11 35.73 33.16
CA ASP D 59 46.41 36.20 31.98
C ASP D 59 46.96 35.46 30.78
N TYR D 60 46.30 34.36 30.42
CA TYR D 60 46.69 33.60 29.22
C TYR D 60 45.90 34.05 27.99
N GLY D 61 45.12 35.13 28.14
CA GLY D 61 44.42 35.74 27.02
C GLY D 61 42.91 35.59 27.04
N ALA D 62 42.38 34.85 28.02
CA ALA D 62 40.94 34.71 28.18
C ALA D 62 40.36 35.91 28.93
N GLU D 63 39.05 36.08 28.86
CA GLU D 63 38.35 37.17 29.57
C GLU D 63 38.52 37.06 31.09
N ARG D 64 38.76 35.84 31.56
CA ARG D 64 38.99 35.54 32.98
C ARG D 64 40.40 34.94 33.12
N HIS D 65 41.11 35.30 34.19
CA HIS D 65 42.47 34.80 34.39
C HIS D 65 42.49 33.36 34.92
N GLY D 66 43.53 32.62 34.55
CA GLY D 66 43.72 31.24 34.99
C GLY D 66 44.30 31.16 36.39
N PHE D 67 44.68 29.95 36.79
CA PHE D 67 45.07 29.69 38.17
C PHE D 67 46.27 28.76 38.26
N LEU D 68 47.34 29.26 38.90
CA LEU D 68 48.61 28.55 38.96
C LEU D 68 49.09 28.41 40.40
N PRO D 69 48.80 27.26 41.03
CA PRO D 69 49.24 26.94 42.39
C PRO D 69 50.76 26.76 42.50
N LEU D 70 51.30 26.94 43.70
CA LEU D 70 52.75 26.84 43.95
C LEU D 70 53.30 25.46 43.60
N LYS D 71 52.47 24.44 43.76
CA LYS D 71 52.85 23.05 43.47
C LYS D 71 53.15 22.84 41.97
N GLU D 72 52.74 23.81 41.15
CA GLU D 72 52.83 23.66 39.69
C GLU D 72 53.88 24.56 39.01
N ILE D 73 54.56 25.41 39.78
CA ILE D 73 55.66 26.22 39.25
C ILE D 73 56.90 25.35 39.08
N ALA D 74 57.51 25.42 37.89
CA ALA D 74 58.68 24.59 37.58
C ALA D 74 59.96 25.24 38.07
N ARG D 75 60.86 24.44 38.66
CA ARG D 75 62.15 24.91 39.17
C ARG D 75 62.79 25.93 38.23
N GLU D 76 62.57 25.74 36.93
CA GLU D 76 63.23 26.56 35.92
C GLU D 76 62.82 28.03 36.06
N TYR D 77 61.60 28.26 36.51
CA TYR D 77 61.06 29.61 36.58
C TYR D 77 61.53 30.34 37.83
N PHE D 78 61.76 29.58 38.90
CA PHE D 78 62.26 30.16 40.14
C PHE D 78 63.60 30.86 39.88
N PRO D 79 63.64 32.20 40.06
CA PRO D 79 64.91 32.95 40.01
C PRO D 79 65.99 32.31 40.88
N ARG D 87 60.09 24.47 52.01
CA ARG D 87 58.93 24.86 51.22
C ARG D 87 58.81 26.38 51.13
N PRO D 88 58.53 26.91 49.92
CA PRO D 88 58.47 28.35 49.70
C PRO D 88 57.05 28.95 49.75
N ASN D 89 57.00 30.29 49.80
CA ASN D 89 55.77 31.03 49.52
C ASN D 89 55.74 31.39 48.04
N ILE D 90 54.55 31.56 47.48
CA ILE D 90 54.39 32.00 46.10
C ILE D 90 54.92 33.41 45.90
N LYS D 91 55.00 34.15 47.01
CA LYS D 91 55.56 35.50 47.03
C LYS D 91 57.03 35.54 46.59
N ASP D 92 57.77 34.49 46.90
CA ASP D 92 59.22 34.44 46.65
C ASP D 92 59.60 33.95 45.26
N VAL D 93 58.65 33.32 44.57
CA VAL D 93 58.91 32.53 43.37
C VAL D 93 58.66 33.32 42.10
N LEU D 94 57.48 33.90 42.05
CA LEU D 94 57.01 34.59 40.85
C LEU D 94 56.77 36.08 41.11
N ARG D 95 56.82 36.86 40.06
CA ARG D 95 56.58 38.29 40.14
C ARG D 95 55.41 38.69 39.24
N GLU D 96 54.79 39.82 39.58
CA GLU D 96 53.73 40.41 38.77
C GLU D 96 54.26 40.72 37.37
N GLY D 97 53.49 40.32 36.36
CA GLY D 97 53.86 40.57 34.96
C GLY D 97 54.90 39.63 34.38
N GLN D 98 55.38 38.69 35.20
CA GLN D 98 56.36 37.71 34.75
C GLN D 98 55.73 36.72 33.78
N GLU D 99 56.34 36.62 32.60
CA GLU D 99 55.89 35.70 31.56
C GLU D 99 56.18 34.25 31.94
N VAL D 100 55.33 33.34 31.48
CA VAL D 100 55.41 31.93 31.87
C VAL D 100 54.71 31.05 30.83
N ILE D 101 55.32 29.92 30.47
CA ILE D 101 54.70 28.95 29.58
C ILE D 101 53.75 28.04 30.35
N VAL D 102 52.46 28.17 30.03
CA VAL D 102 51.38 27.57 30.81
C VAL D 102 50.46 26.70 29.96
N GLN D 103 50.01 25.59 30.55
CA GLN D 103 49.08 24.66 29.91
C GLN D 103 47.85 24.50 30.80
N ILE D 104 46.68 24.30 30.17
CA ILE D 104 45.44 24.09 30.92
C ILE D 104 45.32 22.65 31.42
N ASP D 105 45.09 22.51 32.72
CA ASP D 105 44.77 21.23 33.34
C ASP D 105 43.28 20.97 33.30
N LYS D 106 42.52 21.97 33.76
CA LYS D 106 41.09 21.83 33.99
C LYS D 106 40.38 23.05 33.44
N GLU D 107 39.30 22.81 32.70
CA GLU D 107 38.62 23.87 31.98
C GLU D 107 37.88 24.85 32.88
N GLU D 108 37.39 25.93 32.28
CA GLU D 108 36.63 26.94 33.01
C GLU D 108 35.31 26.36 33.52
N ARG D 109 35.04 26.57 34.81
CA ARG D 109 33.93 25.90 35.47
C ARG D 109 33.13 26.86 36.34
N GLY D 110 32.02 27.35 35.80
CA GLY D 110 31.32 28.49 36.39
C GLY D 110 32.25 29.66 36.65
N ASN D 111 32.42 30.01 37.92
CA ASN D 111 33.18 31.20 38.29
C ASN D 111 34.68 30.97 38.20
N LYS D 112 35.08 29.71 38.08
CA LYS D 112 36.47 29.32 38.32
C LYS D 112 37.27 29.32 37.02
N GLY D 113 38.27 30.18 36.95
CA GLY D 113 39.22 30.15 35.85
C GLY D 113 40.14 28.96 35.91
N ALA D 114 40.67 28.56 34.76
CA ALA D 114 41.29 27.25 34.60
C ALA D 114 42.43 26.93 35.56
N ALA D 115 42.44 25.71 36.09
CA ALA D 115 43.62 25.16 36.72
C ALA D 115 44.68 25.04 35.64
N LEU D 116 45.82 25.68 35.88
CA LEU D 116 46.92 25.68 34.93
C LEU D 116 48.14 25.03 35.54
N THR D 117 49.00 24.49 34.68
CA THR D 117 50.32 24.02 35.10
C THR D 117 51.40 24.55 34.17
N THR D 118 52.57 24.83 34.74
CA THR D 118 53.75 25.17 33.96
C THR D 118 54.38 23.88 33.46
N PHE D 119 54.10 22.80 34.20
CA PHE D 119 54.55 21.45 33.86
C PHE D 119 53.79 20.92 32.64
N ILE D 120 54.26 21.33 31.47
CA ILE D 120 53.61 21.00 30.19
C ILE D 120 53.75 19.51 29.85
N SER D 121 52.73 18.99 29.17
CA SER D 121 52.73 17.61 28.70
C SER D 121 52.19 17.53 27.26
N LEU D 122 53.00 16.97 26.37
CA LEU D 122 52.62 16.82 24.97
C LEU D 122 52.28 15.36 24.69
N ALA D 123 50.99 15.11 24.45
CA ALA D 123 50.52 13.77 24.13
C ALA D 123 50.55 13.54 22.63
N GLY D 124 51.27 12.50 22.20
CA GLY D 124 51.27 12.08 20.81
C GLY D 124 50.41 10.84 20.64
N SER D 125 50.69 10.08 19.59
CA SER D 125 49.99 8.82 19.33
C SER D 125 50.27 7.78 20.41
N TYR D 126 51.56 7.60 20.72
CA TYR D 126 52.02 6.51 21.57
C TYR D 126 52.73 6.97 22.83
N LEU D 127 53.24 8.19 22.78
CA LEU D 127 54.03 8.74 23.87
C LEU D 127 53.46 10.05 24.38
N VAL D 128 53.67 10.29 25.67
CA VAL D 128 53.35 11.58 26.28
C VAL D 128 54.64 12.16 26.82
N LEU D 129 55.22 13.10 26.09
CA LEU D 129 56.44 13.76 26.53
C LEU D 129 56.11 14.80 27.60
N MET D 130 56.82 14.72 28.72
CA MET D 130 56.73 15.73 29.77
C MET D 130 58.08 16.44 29.78
N PRO D 131 58.27 17.40 28.85
CA PRO D 131 59.61 17.95 28.61
C PRO D 131 60.08 18.77 29.81
N ASN D 132 59.17 18.93 30.77
CA ASN D 132 59.34 19.82 31.88
C ASN D 132 59.75 19.12 33.17
N ASN D 133 59.04 18.05 33.52
CA ASN D 133 59.40 17.29 34.70
C ASN D 133 59.77 15.83 34.43
N PRO D 134 61.01 15.46 34.79
CA PRO D 134 61.57 14.11 34.75
C PRO D 134 60.99 13.21 35.84
N ARG D 135 60.31 13.80 36.82
CA ARG D 135 59.73 13.05 37.92
C ARG D 135 58.50 12.24 37.48
N ALA D 136 58.01 12.51 36.28
CA ALA D 136 56.90 11.76 35.68
C ALA D 136 57.42 10.72 34.70
N GLY D 137 56.65 9.66 34.50
CA GLY D 137 57.02 8.66 33.50
C GLY D 137 56.59 7.24 33.83
N GLY D 138 56.34 6.46 32.79
CA GLY D 138 56.02 5.04 32.95
C GLY D 138 55.20 4.46 31.80
N ILE D 139 54.67 3.26 32.02
CA ILE D 139 53.77 2.63 31.06
C ILE D 139 52.32 2.68 31.55
N SER D 140 51.40 2.85 30.61
CA SER D 140 49.97 2.89 30.94
C SER D 140 49.61 1.81 31.95
N ARG D 141 48.81 2.16 32.94
CA ARG D 141 48.29 1.19 33.90
C ARG D 141 47.43 0.16 33.20
N ARG D 142 46.88 0.54 32.05
CA ARG D 142 46.03 -0.34 31.24
C ARG D 142 46.81 -1.44 30.50
N ILE D 143 48.12 -1.49 30.73
CA ILE D 143 49.00 -2.40 30.00
C ILE D 143 49.65 -3.31 31.05
N GLU D 144 49.66 -4.61 30.78
CA GLU D 144 50.10 -5.59 31.75
C GLU D 144 51.33 -6.34 31.26
N ASP D 146 53.26 -9.58 30.75
CA ASP D 146 53.88 -9.96 29.48
C ASP D 146 53.95 -8.77 28.53
N ASP D 147 52.83 -8.08 28.35
CA ASP D 147 52.80 -6.87 27.55
C ASP D 147 53.77 -5.82 28.09
N ARG D 148 53.83 -5.70 29.42
CA ARG D 148 54.69 -4.73 30.05
C ARG D 148 56.16 -5.11 29.90
N THR D 149 56.43 -6.41 29.86
CA THR D 149 57.79 -6.91 29.70
C THR D 149 58.53 -6.13 28.61
N GLU D 150 58.01 -6.19 27.39
CA GLU D 150 58.75 -5.74 26.22
C GLU D 150 58.70 -4.22 26.09
N LEU D 151 57.54 -3.65 26.35
CA LEU D 151 57.39 -2.19 26.38
C LEU D 151 58.47 -1.53 27.23
N LYS D 152 58.57 -1.95 28.50
CA LYS D 152 59.60 -1.47 29.42
C LYS D 152 61.01 -1.60 28.82
N GLU D 153 61.20 -2.58 27.94
CA GLU D 153 62.45 -2.73 27.20
C GLU D 153 62.51 -1.74 26.03
N ALA D 154 61.43 -1.64 25.26
CA ALA D 154 61.33 -0.66 24.17
C ALA D 154 61.37 0.77 24.74
N LEU D 155 60.79 0.93 25.92
CA LEU D 155 60.80 2.21 26.64
C LEU D 155 62.22 2.61 27.03
N ALA D 156 63.00 1.65 27.52
CA ALA D 156 64.39 1.91 27.92
C ALA D 156 65.27 2.37 26.74
N SER D 157 64.90 1.96 25.53
CA SER D 157 65.74 2.14 24.34
C SER D 157 65.64 3.50 23.64
N LEU D 158 64.56 4.24 23.88
CA LEU D 158 64.38 5.56 23.27
C LEU D 158 65.44 6.54 23.80
N GLU D 159 65.73 7.58 23.00
CA GLU D 159 66.69 8.59 23.39
C GLU D 159 65.99 9.80 24.01
N LEU D 160 65.87 9.79 25.34
CA LEU D 160 65.16 10.86 26.04
C LEU D 160 66.14 11.89 26.60
N PRO D 161 65.92 13.18 26.25
CA PRO D 161 66.70 14.24 26.88
C PRO D 161 66.58 14.23 28.41
N GLU D 162 67.66 14.61 29.06
CA GLU D 162 67.85 14.44 30.51
C GLU D 162 66.79 15.10 31.38
N GLY D 163 66.42 16.33 31.05
CA GLY D 163 65.52 17.14 31.88
C GLY D 163 64.05 16.79 31.78
N MET D 164 63.70 15.79 30.98
CA MET D 164 62.30 15.44 30.73
C MET D 164 61.95 13.98 31.02
N GLY D 165 60.70 13.78 31.46
CA GLY D 165 60.16 12.44 31.66
C GLY D 165 59.16 12.12 30.56
N LEU D 166 58.95 10.83 30.31
CA LEU D 166 58.00 10.42 29.27
C LEU D 166 57.20 9.17 29.63
N ILE D 167 55.96 9.12 29.13
CA ILE D 167 55.04 8.03 29.40
C ILE D 167 54.65 7.31 28.12
N VAL D 168 54.72 5.98 28.15
CA VAL D 168 54.20 5.15 27.06
C VAL D 168 52.68 4.99 27.22
N ARG D 169 51.96 5.28 26.14
CA ARG D 169 50.50 5.23 26.10
C ARG D 169 50.00 3.79 26.08
N THR D 170 48.68 3.61 26.13
CA THR D 170 48.06 2.29 25.93
C THR D 170 48.27 1.85 24.48
N ALA D 171 48.13 2.80 23.56
CA ALA D 171 48.37 2.57 22.14
C ALA D 171 49.81 2.19 21.83
N GLY D 172 50.68 2.26 22.84
CA GLY D 172 52.07 1.82 22.72
C GLY D 172 52.34 0.32 22.77
N VAL D 173 51.27 -0.43 23.04
CA VAL D 173 51.27 -1.91 23.16
C VAL D 173 51.93 -2.64 21.97
N GLY D 174 51.38 -2.48 20.76
CA GLY D 174 51.82 -3.27 19.60
C GLY D 174 52.99 -2.67 18.84
N LYS D 175 53.35 -1.43 19.19
CA LYS D 175 54.34 -0.67 18.43
C LYS D 175 55.78 -1.15 18.61
N SER D 176 56.59 -0.92 17.58
CA SER D 176 58.01 -1.25 17.59
C SER D 176 58.84 -0.10 18.15
N ALA D 177 60.05 -0.41 18.60
CA ALA D 177 60.95 0.60 19.15
C ALA D 177 61.26 1.68 18.11
N GLU D 178 61.20 1.31 16.84
CA GLU D 178 61.52 2.23 15.75
C GLU D 178 60.36 3.20 15.50
N ALA D 179 59.15 2.78 15.88
CA ALA D 179 57.98 3.62 15.73
C ALA D 179 57.80 4.55 16.93
N LEU D 180 58.04 4.03 18.12
CA LEU D 180 57.99 4.83 19.34
C LEU D 180 59.01 5.97 19.28
N GLN D 181 60.18 5.68 18.72
CA GLN D 181 61.25 6.68 18.56
C GLN D 181 60.79 7.85 17.68
N TRP D 182 60.10 7.52 16.59
CA TRP D 182 59.61 8.50 15.64
C TRP D 182 58.55 9.43 16.28
N ASP D 183 57.83 8.90 17.26
CA ASP D 183 56.88 9.67 18.06
C ASP D 183 57.64 10.60 19.00
N LEU D 184 58.55 10.01 19.79
CA LEU D 184 59.41 10.75 20.71
C LEU D 184 60.02 12.00 20.05
N SER D 185 60.51 11.81 18.82
CA SER D 185 61.04 12.90 18.02
C SER D 185 59.99 14.00 17.76
N PHE D 186 58.87 13.60 17.12
CA PHE D 186 57.79 14.53 16.79
C PHE D 186 57.30 15.36 17.97
N ARG D 187 57.40 14.79 19.17
CA ARG D 187 57.09 15.52 20.40
C ARG D 187 58.19 16.53 20.72
N LEU D 188 59.44 16.05 20.74
CA LEU D 188 60.61 16.91 20.98
C LEU D 188 60.62 18.14 20.08
N LYS D 189 60.38 17.90 18.79
CA LYS D 189 60.33 18.96 17.78
C LYS D 189 59.17 19.93 18.02
N HIS D 190 58.00 19.39 18.41
CA HIS D 190 56.86 20.24 18.79
C HIS D 190 57.21 21.06 20.04
N TRP D 191 57.90 20.44 20.99
CA TRP D 191 58.31 21.14 22.21
C TRP D 191 59.34 22.24 21.94
N GLU D 192 60.17 22.04 20.92
CA GLU D 192 61.12 23.08 20.52
C GLU D 192 60.43 24.27 19.87
N ALA D 193 59.30 24.01 19.21
CA ALA D 193 58.49 25.06 18.59
C ALA D 193 57.64 25.82 19.61
N ILE D 194 57.31 25.14 20.71
CA ILE D 194 56.51 25.74 21.78
C ILE D 194 57.28 26.83 22.52
N LYS D 195 58.46 26.47 23.03
CA LYS D 195 59.28 27.41 23.81
C LYS D 195 60.00 28.47 22.96
N LYS D 196 59.83 28.40 21.64
CA LYS D 196 60.46 29.35 20.72
C LYS D 196 59.46 30.37 20.14
N ALA D 197 58.19 29.97 20.05
CA ALA D 197 57.12 30.87 19.65
C ALA D 197 56.72 31.79 20.80
N ALA D 198 57.23 31.47 21.99
CA ALA D 198 56.96 32.24 23.20
C ALA D 198 58.14 33.15 23.57
N GLU D 199 59.36 32.65 23.35
CA GLU D 199 60.57 33.45 23.57
C GLU D 199 60.66 34.61 22.59
N SER D 200 59.89 34.54 21.50
CA SER D 200 59.87 35.58 20.47
C SER D 200 58.94 36.74 20.83
N ARG D 201 57.83 36.43 21.49
CA ARG D 201 56.84 37.44 21.85
C ARG D 201 56.62 37.74 23.32
N PRO D 202 55.55 38.49 23.61
CA PRO D 202 55.34 39.03 24.96
C PRO D 202 54.16 38.31 25.61
N ALA D 203 53.69 38.82 26.73
CA ALA D 203 52.45 38.32 27.35
C ALA D 203 51.27 38.41 26.38
N PRO D 204 50.17 37.74 26.74
CA PRO D 204 50.09 36.27 26.63
C PRO D 204 49.10 35.84 25.57
N PHE D 205 49.31 34.66 25.00
CA PHE D 205 48.75 34.33 23.69
C PHE D 205 48.94 32.85 23.37
N LEU D 206 48.14 32.34 22.44
CA LEU D 206 47.94 30.90 22.30
C LEU D 206 49.08 30.26 21.53
N ILE D 207 49.47 29.06 21.95
CA ILE D 207 50.52 28.30 21.26
C ILE D 207 50.00 26.96 20.71
N HIS D 208 49.46 26.11 21.58
CA HIS D 208 48.89 24.83 21.16
C HIS D 208 47.38 24.80 21.35
N GLN D 209 46.65 24.83 20.23
CA GLN D 209 45.24 24.46 20.24
C GLN D 209 45.39 23.01 20.69
N GLU D 210 44.66 22.63 21.74
CA GLU D 210 44.82 21.31 22.32
C GLU D 210 44.13 20.32 21.39
N SER D 211 42.91 20.66 20.99
CA SER D 211 42.20 19.85 20.00
C SER D 211 41.53 20.37 18.73
N ASN D 212 42.21 20.22 17.60
CA ASN D 212 41.58 20.43 16.30
C ASN D 212 41.84 19.29 15.33
N VAL D 213 40.81 18.90 14.59
CA VAL D 213 40.83 17.65 13.83
C VAL D 213 42.14 17.52 13.05
N ILE D 214 42.74 18.65 12.70
CA ILE D 214 43.99 18.67 11.95
C ILE D 214 45.19 18.48 12.88
N VAL D 215 45.07 18.99 14.10
CA VAL D 215 46.05 18.71 15.14
C VAL D 215 46.09 17.21 15.42
N ARG D 216 44.92 16.58 15.52
CA ARG D 216 44.82 15.15 15.80
C ARG D 216 45.29 14.26 14.65
N ALA D 217 44.77 14.47 13.45
CA ALA D 217 45.18 13.72 12.27
C ALA D 217 46.71 13.72 12.12
N PHE D 218 47.31 14.88 12.35
CA PHE D 218 48.76 15.03 12.28
C PHE D 218 49.48 14.45 13.48
N ARG D 219 48.80 14.44 14.62
CA ARG D 219 49.35 13.86 15.85
C ARG D 219 49.24 12.34 15.81
N ASP D 220 48.21 11.84 15.14
CA ASP D 220 47.89 10.41 15.19
C ASP D 220 48.39 9.60 13.99
N TYR D 221 48.37 10.20 12.80
CA TYR D 221 48.44 9.43 11.56
C TYR D 221 49.74 9.49 10.77
N LEU D 222 50.50 10.57 10.94
CA LEU D 222 51.69 10.77 10.12
C LEU D 222 52.79 9.78 10.47
N ARG D 223 52.93 8.72 9.69
CA ARG D 223 54.08 7.83 9.83
C ARG D 223 55.02 8.06 8.64
N GLN D 224 56.30 7.80 8.81
CA GLN D 224 57.31 8.13 7.80
C GLN D 224 56.99 7.59 6.39
N ASP D 225 56.15 6.56 6.34
CA ASP D 225 55.69 5.96 5.09
C ASP D 225 54.68 6.84 4.32
N ILE D 226 54.30 7.97 4.92
CA ILE D 226 53.34 8.88 4.31
C ILE D 226 54.01 9.87 3.35
N GLY D 227 53.61 9.79 2.09
CA GLY D 227 54.21 10.59 1.03
C GLY D 227 53.53 11.93 0.80
N GLU D 228 52.20 11.92 0.75
CA GLU D 228 51.45 13.13 0.45
C GLU D 228 50.26 13.35 1.38
N ILE D 229 49.94 14.61 1.61
CA ILE D 229 48.72 15.00 2.31
C ILE D 229 47.94 15.95 1.41
N LEU D 230 47.04 15.40 0.61
CA LEU D 230 46.22 16.22 -0.28
C LEU D 230 45.03 16.78 0.49
N ILE D 231 44.85 18.09 0.40
CA ILE D 231 43.72 18.77 1.05
C ILE D 231 42.94 19.50 -0.04
N ASP D 232 41.62 19.31 -0.05
CA ASP D 232 40.77 19.88 -1.10
C ASP D 232 40.14 21.24 -0.77
N ASN D 233 40.71 21.93 0.21
CA ASN D 233 40.23 23.24 0.65
C ASN D 233 41.40 24.18 0.97
N PRO D 234 41.59 25.25 0.17
CA PRO D 234 42.68 26.21 0.35
C PRO D 234 42.73 26.84 1.74
N LYS D 235 41.55 27.20 2.28
CA LYS D 235 41.45 27.79 3.60
C LYS D 235 42.00 26.85 4.69
N VAL D 236 41.61 25.59 4.60
CA VAL D 236 42.05 24.54 5.53
C VAL D 236 43.52 24.19 5.34
N LEU D 237 43.97 24.15 4.08
CA LEU D 237 45.37 23.83 3.77
C LEU D 237 46.32 24.79 4.48
N GLU D 238 46.00 26.08 4.46
CA GLU D 238 46.79 27.10 5.14
C GLU D 238 46.82 26.86 6.65
N LEU D 239 45.68 26.46 7.21
CA LEU D 239 45.61 26.05 8.62
C LEU D 239 46.51 24.85 8.90
N ALA D 240 46.52 23.89 7.96
CA ALA D 240 47.32 22.66 8.10
C ALA D 240 48.83 22.91 8.11
N ARG D 241 49.26 23.91 7.32
CA ARG D 241 50.68 24.30 7.27
C ARG D 241 51.12 24.92 8.57
N GLN D 242 50.33 25.88 9.05
CA GLN D 242 50.51 26.47 10.37
C GLN D 242 50.55 25.37 11.41
N HIS D 243 49.70 24.37 11.21
CA HIS D 243 49.59 23.23 12.13
C HIS D 243 50.76 22.25 12.05
N ILE D 244 51.38 22.16 10.89
CA ILE D 244 52.56 21.30 10.72
C ILE D 244 53.81 21.98 11.28
N ALA D 245 53.97 23.28 10.97
CA ALA D 245 55.09 24.08 11.47
C ALA D 245 55.01 24.24 12.99
N ALA D 246 53.81 24.55 13.49
CA ALA D 246 53.58 24.64 14.93
C ALA D 246 53.78 23.29 15.60
N LEU D 247 53.29 22.23 14.96
CA LEU D 247 53.53 20.86 15.42
C LEU D 247 54.99 20.43 15.24
N GLY D 248 55.85 21.43 15.02
CA GLY D 248 57.30 21.25 14.93
C GLY D 248 57.79 20.25 13.90
N ARG D 249 57.25 20.31 12.69
CA ARG D 249 57.63 19.33 11.65
C ARG D 249 57.64 19.87 10.21
N PRO D 250 58.64 20.74 9.89
CA PRO D 250 58.76 21.41 8.58
C PRO D 250 58.97 20.48 7.37
N ASP D 251 59.57 19.30 7.59
CA ASP D 251 59.85 18.34 6.52
C ASP D 251 58.60 17.82 5.79
N PHE D 252 57.44 17.96 6.44
CA PHE D 252 56.16 17.59 5.83
C PHE D 252 55.45 18.78 5.15
N SER D 253 56.07 19.96 5.21
CA SER D 253 55.45 21.18 4.67
C SER D 253 55.42 21.20 3.15
N SER D 254 56.43 20.61 2.52
CA SER D 254 56.49 20.46 1.06
C SER D 254 55.51 19.41 0.56
N LYS D 255 55.13 18.51 1.47
CA LYS D 255 54.29 17.36 1.13
C LYS D 255 52.79 17.65 1.11
N ILE D 256 52.38 18.68 1.87
CA ILE D 256 50.99 19.15 1.84
C ILE D 256 50.75 19.84 0.49
N LYS D 257 49.78 19.32 -0.27
CA LYS D 257 49.46 19.87 -1.58
C LYS D 257 47.97 20.14 -1.70
N LEU D 258 47.62 21.20 -2.41
CA LEU D 258 46.22 21.54 -2.62
C LEU D 258 45.64 20.64 -3.71
N TYR D 259 44.48 20.06 -3.42
CA TYR D 259 43.74 19.36 -4.47
C TYR D 259 42.84 20.36 -5.20
N THR D 260 42.92 20.34 -6.53
CA THR D 260 42.19 21.31 -7.36
C THR D 260 41.13 20.69 -8.26
N GLY D 261 41.30 19.41 -8.60
CA GLY D 261 40.40 18.71 -9.52
C GLY D 261 38.91 18.86 -9.22
N GLU D 262 38.11 18.90 -10.29
CA GLU D 262 36.66 19.08 -10.17
C GLU D 262 35.99 17.84 -9.58
N ILE D 263 36.41 16.67 -10.05
CA ILE D 263 36.08 15.39 -9.45
C ILE D 263 36.55 15.44 -7.98
N PRO D 264 35.61 15.34 -7.02
CA PRO D 264 35.94 15.48 -5.60
C PRO D 264 37.06 14.53 -5.16
N LEU D 265 37.84 14.98 -4.18
CA LEU D 265 39.07 14.29 -3.75
C LEU D 265 38.91 12.78 -3.57
N PHE D 266 37.93 12.40 -2.75
CA PHE D 266 37.70 11.00 -2.40
C PHE D 266 37.22 10.16 -3.58
N SER D 267 36.42 10.77 -4.45
CA SER D 267 35.92 10.10 -5.64
C SER D 267 37.03 9.82 -6.65
N HIS D 268 38.00 10.72 -6.74
CA HIS D 268 39.15 10.53 -7.63
C HIS D 268 40.06 9.38 -7.17
N TYR D 269 40.08 9.13 -5.86
CA TYR D 269 40.86 8.03 -5.30
C TYR D 269 40.05 6.74 -5.09
N GLN D 270 38.78 6.77 -5.52
CA GLN D 270 37.91 5.58 -5.53
C GLN D 270 37.55 5.05 -4.14
N ILE D 271 37.62 5.90 -3.12
CA ILE D 271 37.45 5.44 -1.74
C ILE D 271 36.05 5.63 -1.17
N GLU D 272 35.23 6.44 -1.82
CA GLU D 272 33.86 6.70 -1.37
C GLU D 272 33.05 5.41 -1.19
N SER D 273 33.25 4.44 -2.08
CA SER D 273 32.52 3.17 -2.06
C SER D 273 32.93 2.25 -0.92
N GLN D 274 34.25 2.07 -0.73
CA GLN D 274 34.79 1.25 0.34
C GLN D 274 34.51 1.87 1.71
N ILE D 275 34.42 3.19 1.72
CA ILE D 275 33.96 3.94 2.90
C ILE D 275 32.56 3.47 3.29
N GLU D 276 31.72 3.26 2.28
CA GLU D 276 30.37 2.76 2.48
C GLU D 276 30.35 1.23 2.74
N SER D 277 31.50 0.57 2.55
CA SER D 277 31.60 -0.87 2.80
C SER D 277 31.71 -1.21 4.28
N ALA D 278 32.04 -0.20 5.11
CA ALA D 278 32.02 -0.35 6.56
C ALA D 278 30.63 -0.79 7.03
N PHE D 279 29.68 -0.77 6.08
CA PHE D 279 28.27 -1.07 6.32
C PHE D 279 27.85 -2.45 5.81
N GLN D 280 28.65 -3.04 4.91
CA GLN D 280 28.36 -4.38 4.40
C GLN D 280 28.37 -5.43 5.51
N ARG D 281 27.43 -6.37 5.40
CA ARG D 281 27.32 -7.45 6.37
C ARG D 281 28.35 -8.53 6.08
N GLU D 282 28.51 -8.86 4.80
CA GLU D 282 29.44 -9.88 4.33
C GLU D 282 30.59 -9.24 3.55
N VAL D 283 31.81 -9.71 3.82
CA VAL D 283 33.01 -9.22 3.14
C VAL D 283 33.79 -10.40 2.58
N ARG D 284 33.99 -10.42 1.26
CA ARG D 284 34.73 -11.51 0.62
C ARG D 284 36.22 -11.47 0.96
N LEU D 285 36.80 -12.66 1.07
CA LEU D 285 38.23 -12.81 1.29
C LEU D 285 38.92 -13.04 -0.05
N PRO D 286 40.21 -12.68 -0.17
CA PRO D 286 40.97 -12.84 -1.41
C PRO D 286 40.87 -14.24 -2.04
N SER D 287 40.82 -15.29 -1.22
CA SER D 287 40.81 -16.67 -1.72
C SER D 287 39.41 -17.25 -2.02
N GLY D 288 38.38 -16.43 -1.89
CA GLY D 288 37.02 -16.85 -2.25
C GLY D 288 36.06 -17.00 -1.09
N GLY D 289 36.60 -17.09 0.13
CA GLY D 289 35.81 -17.16 1.34
C GLY D 289 35.24 -15.81 1.72
N SER D 290 34.71 -15.70 2.94
CA SER D 290 34.11 -14.47 3.42
C SER D 290 33.94 -14.45 4.93
N ILE D 291 33.80 -13.25 5.47
CA ILE D 291 33.40 -13.08 6.86
C ILE D 291 31.99 -12.49 6.91
N VAL D 292 31.22 -12.91 7.91
CA VAL D 292 29.90 -12.34 8.17
C VAL D 292 29.95 -11.71 9.56
N ILE D 293 29.70 -10.40 9.61
CA ILE D 293 29.76 -9.65 10.85
C ILE D 293 28.34 -9.30 11.28
N ASP D 294 27.90 -9.91 12.37
CA ASP D 294 26.59 -9.60 12.93
C ASP D 294 26.75 -8.91 14.27
N SER D 295 25.91 -7.92 14.54
CA SER D 295 25.93 -7.24 15.82
C SER D 295 24.64 -7.48 16.59
N THR D 296 24.80 -7.74 17.88
CA THR D 296 23.68 -8.04 18.77
C THR D 296 23.63 -6.99 19.88
N GLU D 297 22.80 -7.26 20.89
CA GLU D 297 22.75 -6.43 22.09
C GLU D 297 24.10 -6.40 22.81
N ALA D 298 24.60 -7.58 23.17
CA ALA D 298 25.78 -7.71 24.03
C ALA D 298 27.11 -7.61 23.30
N LEU D 299 27.12 -7.96 22.01
CA LEU D 299 28.38 -8.15 21.30
C LEU D 299 28.27 -8.11 19.77
N THR D 300 29.42 -8.15 19.13
CA THR D 300 29.55 -8.33 17.69
C THR D 300 30.16 -9.71 17.45
N ALA D 301 29.50 -10.53 16.65
CA ALA D 301 30.01 -11.85 16.32
C ALA D 301 30.47 -11.90 14.86
N ILE D 302 31.58 -12.59 14.61
CA ILE D 302 32.10 -12.74 13.25
C ILE D 302 32.21 -14.21 12.85
N ASP D 303 31.41 -14.61 11.86
CA ASP D 303 31.52 -15.95 11.27
C ASP D 303 32.45 -15.92 10.07
N ILE D 304 32.96 -17.09 9.69
CA ILE D 304 33.88 -17.24 8.57
C ILE D 304 33.50 -18.43 7.70
N ASN D 305 33.25 -18.17 6.42
CA ASN D 305 32.92 -19.21 5.44
C ASN D 305 34.07 -19.40 4.46
N SER D 306 34.19 -20.61 3.91
CA SER D 306 35.23 -20.90 2.92
C SER D 306 34.71 -20.89 1.48
N ALA D 307 35.62 -21.10 0.52
CA ALA D 307 35.37 -20.81 -0.90
C ALA D 307 34.47 -21.81 -1.64
N ARG D 308 34.95 -23.04 -1.83
CA ARG D 308 34.23 -24.04 -2.61
C ARG D 308 34.69 -25.46 -2.30
N ASP D 314 43.39 -29.56 -0.26
CA ASP D 314 43.40 -29.90 1.15
C ASP D 314 42.31 -29.17 1.94
N ILE D 315 41.59 -29.92 2.76
CA ILE D 315 40.57 -29.38 3.65
C ILE D 315 41.25 -28.63 4.80
N GLU D 316 42.31 -29.24 5.34
CA GLU D 316 43.09 -28.65 6.42
C GLU D 316 43.82 -27.38 5.97
N GLU D 317 44.36 -27.41 4.76
CA GLU D 317 45.08 -26.26 4.20
C GLU D 317 44.13 -25.12 3.83
N THR D 318 42.92 -25.46 3.38
CA THR D 318 41.89 -24.46 3.09
C THR D 318 41.40 -23.80 4.38
N ALA D 319 41.02 -24.63 5.36
CA ALA D 319 40.60 -24.13 6.67
C ALA D 319 41.61 -23.14 7.24
N PHE D 320 42.89 -23.51 7.12
CA PHE D 320 44.01 -22.72 7.63
C PHE D 320 44.24 -21.42 6.85
N ASN D 321 44.37 -21.53 5.52
CA ASN D 321 44.58 -20.34 4.67
C ASN D 321 43.43 -19.34 4.75
N THR D 322 42.19 -19.83 4.73
CA THR D 322 41.01 -18.97 4.85
C THR D 322 41.02 -18.19 6.17
N ASN D 323 41.34 -18.87 7.27
CA ASN D 323 41.40 -18.25 8.59
C ASN D 323 42.45 -17.16 8.71
N LEU D 324 43.60 -17.37 8.07
CA LEU D 324 44.68 -16.37 8.06
C LEU D 324 44.23 -15.11 7.33
N GLU D 325 43.66 -15.30 6.14
CA GLU D 325 43.10 -14.21 5.34
C GLU D 325 41.99 -13.50 6.12
N ALA D 326 41.20 -14.28 6.84
CA ALA D 326 40.11 -13.75 7.67
C ALA D 326 40.65 -12.87 8.79
N ALA D 327 41.69 -13.35 9.48
CA ALA D 327 42.34 -12.59 10.54
C ALA D 327 42.79 -11.21 10.07
N ASP D 328 43.40 -11.16 8.88
CA ASP D 328 43.79 -9.91 8.25
C ASP D 328 42.59 -9.00 8.02
N GLU D 329 41.54 -9.56 7.41
CA GLU D 329 40.36 -8.78 7.04
C GLU D 329 39.54 -8.34 8.25
N ILE D 330 39.42 -9.21 9.25
CA ILE D 330 38.79 -8.84 10.52
C ILE D 330 39.47 -7.60 11.09
N ALA D 331 40.81 -7.62 11.14
CA ALA D 331 41.58 -6.52 11.69
C ALA D 331 41.14 -5.19 11.09
N ARG D 332 41.23 -5.08 9.76
CA ARG D 332 41.04 -3.81 9.08
C ARG D 332 39.56 -3.44 9.02
N GLN D 333 38.70 -4.45 9.07
CA GLN D 333 37.27 -4.23 9.30
C GLN D 333 37.02 -3.66 10.69
N LEU D 334 37.78 -4.14 11.67
CA LEU D 334 37.72 -3.61 13.03
C LEU D 334 38.01 -2.11 13.06
N ARG D 335 38.89 -1.67 12.16
CA ARG D 335 39.29 -0.25 12.10
C ARG D 335 38.27 0.62 11.37
N LEU D 336 38.02 0.34 10.10
CA LEU D 336 37.11 1.14 9.28
C LEU D 336 35.72 1.25 9.91
N ARG D 337 35.28 0.18 10.56
CA ARG D 337 33.97 0.16 11.20
C ARG D 337 33.99 0.91 12.52
N ASP D 338 35.13 0.89 13.19
CA ASP D 338 35.24 1.38 14.57
C ASP D 338 34.37 0.55 15.51
N LEU D 339 34.51 -0.77 15.43
CA LEU D 339 33.82 -1.68 16.35
C LEU D 339 34.45 -1.63 17.73
N GLY D 340 33.64 -1.28 18.73
CA GLY D 340 34.10 -1.27 20.11
C GLY D 340 33.44 -2.39 20.91
N GLY D 341 33.98 -2.66 22.10
CA GLY D 341 33.36 -3.58 23.02
C GLY D 341 33.70 -5.02 22.71
N LEU D 342 32.83 -5.93 23.11
CA LEU D 342 33.12 -7.36 23.05
C LEU D 342 32.92 -7.91 21.64
N ILE D 343 33.88 -8.70 21.17
CA ILE D 343 33.83 -9.28 19.83
C ILE D 343 34.21 -10.76 19.85
N VAL D 344 33.35 -11.59 19.25
CA VAL D 344 33.56 -13.03 19.18
C VAL D 344 33.76 -13.46 17.73
N ILE D 345 34.76 -14.31 17.49
CA ILE D 345 35.07 -14.79 16.13
C ILE D 345 34.99 -16.31 16.04
N ASP D 346 34.24 -16.80 15.07
CA ASP D 346 34.15 -18.24 14.80
C ASP D 346 34.99 -18.60 13.57
N PHE D 347 36.29 -18.78 13.80
CA PHE D 347 37.18 -19.28 12.77
C PHE D 347 36.76 -20.69 12.40
N ILE D 348 36.95 -21.04 11.13
CA ILE D 348 36.73 -22.41 10.67
C ILE D 348 37.55 -23.36 11.53
N ASP D 349 36.92 -24.46 11.94
CA ASP D 349 37.55 -25.47 12.79
C ASP D 349 38.89 -25.92 12.19
N MET D 350 39.91 -25.96 13.06
CA MET D 350 41.24 -26.43 12.67
C MET D 350 41.67 -27.49 13.67
N THR D 351 42.00 -28.68 13.17
CA THR D 351 42.33 -29.80 14.04
C THR D 351 43.75 -29.75 14.67
N PRO D 352 44.77 -29.28 13.91
CA PRO D 352 46.08 -29.16 14.56
C PRO D 352 46.16 -27.92 15.45
N VAL D 353 46.75 -28.07 16.63
CA VAL D 353 46.83 -26.98 17.61
C VAL D 353 47.59 -25.77 17.09
N ARG D 354 48.72 -26.00 16.42
CA ARG D 354 49.56 -24.91 15.91
C ARG D 354 48.88 -24.07 14.83
N HIS D 355 47.95 -24.69 14.08
CA HIS D 355 47.09 -23.96 13.13
C HIS D 355 46.26 -22.93 13.89
N GLN D 356 45.86 -23.27 15.11
CA GLN D 356 45.12 -22.37 15.99
C GLN D 356 46.01 -21.26 16.53
N ARG D 357 47.18 -21.64 17.06
CA ARG D 357 48.16 -20.69 17.58
C ARG D 357 48.69 -19.77 16.48
N ALA D 358 48.77 -20.29 15.26
CA ALA D 358 49.21 -19.51 14.10
C ALA D 358 48.17 -18.47 13.68
N VAL D 359 46.89 -18.83 13.79
CA VAL D 359 45.81 -17.91 13.46
C VAL D 359 45.60 -16.88 14.56
N GLU D 360 45.90 -17.29 15.79
CA GLU D 360 45.85 -16.37 16.93
C GLU D 360 46.89 -15.27 16.81
N ASN D 361 48.13 -15.67 16.57
CA ASN D 361 49.24 -14.73 16.52
C ASN D 361 48.88 -13.67 15.49
N ARG D 362 48.29 -14.10 14.38
CA ARG D 362 47.91 -13.19 13.31
C ARG D 362 47.04 -12.05 13.82
N LEU D 363 45.82 -12.39 14.22
CA LEU D 363 44.93 -11.40 14.83
C LEU D 363 45.62 -10.64 15.94
N ARG D 364 46.71 -11.20 16.46
CA ARG D 364 47.53 -10.53 17.45
C ARG D 364 48.52 -9.57 16.80
N GLU D 365 48.86 -9.85 15.55
CA GLU D 365 49.76 -8.98 14.78
C GLU D 365 48.98 -8.03 13.88
N ALA D 366 47.98 -8.58 13.20
CA ALA D 366 47.10 -7.77 12.33
C ALA D 366 46.59 -6.49 13.01
N VAL D 367 46.29 -6.59 14.30
CA VAL D 367 45.75 -5.46 15.06
C VAL D 367 46.82 -4.60 15.73
N ARG D 368 48.08 -5.00 15.55
CA ARG D 368 49.22 -4.28 16.12
C ARG D 368 49.24 -2.80 15.76
N GLN D 369 48.91 -2.49 14.51
CA GLN D 369 48.94 -1.12 14.01
C GLN D 369 47.69 -0.30 14.35
N ASP D 370 46.65 -0.98 14.82
CA ASP D 370 45.43 -0.33 15.30
C ASP D 370 45.77 0.50 16.54
N ARG D 371 45.20 1.71 16.60
CA ARG D 371 45.43 2.60 17.74
C ARG D 371 44.68 2.17 18.99
N ALA D 372 43.59 1.44 18.80
CA ALA D 372 42.71 1.06 19.91
C ALA D 372 43.33 0.01 20.81
N ARG D 373 42.95 0.04 22.09
CA ARG D 373 43.34 -0.98 23.04
C ARG D 373 42.62 -2.27 22.72
N ILE D 374 43.38 -3.30 22.38
CA ILE D 374 42.81 -4.58 21.94
C ILE D 374 43.31 -5.73 22.80
N GLN D 375 42.37 -6.55 23.28
CA GLN D 375 42.71 -7.76 24.02
C GLN D 375 42.17 -8.97 23.31
N ILE D 376 43.05 -9.95 23.06
CA ILE D 376 42.67 -11.16 22.34
C ILE D 376 42.97 -12.40 23.17
N SER D 377 41.98 -13.27 23.30
CA SER D 377 42.17 -14.54 23.99
C SER D 377 42.48 -15.67 23.00
N HIS D 378 42.61 -16.88 23.52
CA HIS D 378 42.86 -18.05 22.69
C HIS D 378 41.59 -18.53 22.00
N ILE D 379 41.74 -19.51 21.11
CA ILE D 379 40.60 -20.19 20.53
C ILE D 379 40.08 -21.20 21.57
N SER D 380 38.82 -21.01 21.98
CA SER D 380 38.19 -21.87 22.98
C SER D 380 37.83 -23.22 22.37
N ARG D 381 37.60 -24.22 23.23
CA ARG D 381 37.29 -25.58 22.79
C ARG D 381 36.06 -25.69 21.88
N PHE D 382 35.31 -24.60 21.80
CA PHE D 382 34.15 -24.50 20.91
C PHE D 382 34.53 -23.88 19.56
N GLY D 383 35.80 -23.49 19.41
CA GLY D 383 36.30 -22.87 18.19
C GLY D 383 36.11 -21.36 18.15
N LEU D 384 35.84 -20.77 19.32
CA LEU D 384 35.55 -19.34 19.41
C LEU D 384 36.72 -18.54 19.96
N LEU D 385 36.95 -17.39 19.35
CA LEU D 385 37.93 -16.43 19.83
C LEU D 385 37.21 -15.17 20.32
N GLU D 386 37.35 -14.89 21.61
CA GLU D 386 36.79 -13.67 22.20
C GLU D 386 37.86 -12.59 22.22
N MET D 387 37.47 -11.38 21.84
CA MET D 387 38.38 -10.24 21.89
C MET D 387 37.64 -8.98 22.29
N SER D 388 38.37 -7.97 22.77
CA SER D 388 37.77 -6.68 23.06
C SER D 388 38.56 -5.53 22.47
N ARG D 389 37.85 -4.51 22.03
CA ARG D 389 38.47 -3.35 21.40
C ARG D 389 37.89 -2.08 22.01
N GLN D 390 38.79 -1.25 22.57
CA GLN D 390 38.41 0.05 23.08
C GLN D 390 37.93 0.93 21.94
N ARG D 391 36.82 1.64 22.14
CA ARG D 391 36.24 2.44 21.07
C ARG D 391 36.81 3.85 21.04
N LEU D 392 37.22 4.29 19.84
CA LEU D 392 37.79 5.61 19.63
C LEU D 392 36.71 6.61 19.25
N SER D 399 22.97 5.99 15.30
CA SER D 399 23.54 7.07 14.50
C SER D 399 22.95 7.09 13.10
N SER D 400 23.65 6.47 12.15
CA SER D 400 23.15 6.32 10.78
C SER D 400 21.92 5.41 10.73
N HIS D 401 21.81 4.51 11.71
CA HIS D 401 20.81 3.46 11.69
C HIS D 401 19.52 3.74 12.44
N HIS D 402 18.39 3.44 11.78
CA HIS D 402 17.14 3.18 12.49
C HIS D 402 16.79 1.69 12.41
N VAL D 403 16.04 1.21 13.40
CA VAL D 403 15.68 -0.21 13.52
C VAL D 403 15.02 -0.71 12.24
N CYS D 404 15.15 -2.01 11.96
CA CYS D 404 14.34 -2.60 10.91
C CYS D 404 12.86 -2.46 11.26
N PRO D 405 12.04 -2.01 10.30
CA PRO D 405 10.61 -1.82 10.56
C PRO D 405 9.69 -3.00 10.21
N ARG D 406 10.14 -3.88 9.33
CA ARG D 406 9.45 -5.14 9.08
C ARG D 406 9.54 -6.02 10.32
N CYS D 407 10.76 -6.40 10.68
CA CYS D 407 11.01 -7.04 11.98
C CYS D 407 11.33 -5.94 12.98
N SER D 408 10.85 -6.11 14.20
CA SER D 408 11.25 -5.25 15.31
C SER D 408 12.48 -5.91 15.92
N GLY D 409 13.64 -5.68 15.31
CA GLY D 409 14.86 -6.19 15.89
C GLY D 409 15.27 -7.64 15.72
N THR D 410 14.32 -8.47 15.30
CA THR D 410 14.62 -9.89 15.17
C THR D 410 15.46 -10.39 14.00
N GLY D 411 15.31 -9.74 12.85
CA GLY D 411 16.02 -10.14 11.65
C GLY D 411 15.34 -11.31 10.96
N THR D 412 14.15 -11.66 11.44
CA THR D 412 13.40 -12.80 10.91
C THR D 412 11.88 -12.61 10.97
N VAL D 413 11.16 -13.64 10.53
CA VAL D 413 9.71 -13.58 10.34
C VAL D 413 9.11 -14.97 10.48
N ARG D 414 8.18 -15.10 11.42
CA ARG D 414 7.38 -16.30 11.56
C ARG D 414 6.71 -16.63 10.23
N ASP D 415 6.89 -17.86 9.75
CA ASP D 415 6.30 -18.31 8.48
C ASP D 415 4.79 -18.15 8.48
N ASN D 416 4.22 -17.97 7.29
CA ASN D 416 2.78 -17.71 7.14
C ASN D 416 1.90 -18.66 7.94
N GLU D 417 2.14 -19.96 7.79
CA GLU D 417 1.33 -21.01 8.42
C GLU D 417 1.44 -20.97 9.94
N SER D 418 2.67 -20.85 10.45
CA SER D 418 2.92 -20.74 11.88
C SER D 418 2.25 -19.51 12.47
N LEU D 419 2.32 -18.39 11.73
CA LEU D 419 1.70 -17.14 12.16
C LEU D 419 0.18 -17.20 12.07
N SER D 420 -0.33 -17.85 11.02
CA SER D 420 -1.77 -18.02 10.83
C SER D 420 -2.40 -18.78 11.98
N LEU D 421 -1.76 -19.88 12.37
CA LEU D 421 -2.25 -20.72 13.47
C LEU D 421 -2.17 -20.00 14.82
N SER D 422 -1.16 -19.12 14.96
CA SER D 422 -1.04 -18.27 16.13
C SER D 422 -2.23 -17.31 16.23
N ILE D 423 -2.56 -16.67 15.11
CA ILE D 423 -3.68 -15.74 15.02
C ILE D 423 -5.00 -16.46 15.25
N LEU D 424 -5.20 -17.59 14.57
CA LEU D 424 -6.42 -18.39 14.70
C LEU D 424 -6.72 -18.76 16.15
N ARG D 425 -5.71 -19.30 16.83
CA ARG D 425 -5.80 -19.58 18.26
C ARG D 425 -6.22 -18.34 19.03
N LEU D 426 -5.64 -17.20 18.66
CA LEU D 426 -5.91 -15.93 19.31
C LEU D 426 -7.33 -15.44 19.04
N ILE D 427 -7.84 -15.70 17.84
CA ILE D 427 -9.23 -15.36 17.49
C ILE D 427 -10.20 -16.15 18.36
N GLU D 428 -9.95 -17.45 18.48
CA GLU D 428 -10.77 -18.35 19.30
C GLU D 428 -10.83 -17.88 20.76
N GLU D 429 -9.67 -17.52 21.32
CA GLU D 429 -9.57 -17.04 22.69
C GLU D 429 -10.41 -15.79 22.96
N GLU D 430 -10.47 -14.90 21.97
CA GLU D 430 -11.32 -13.71 22.06
C GLU D 430 -12.79 -14.08 21.87
N ALA D 431 -13.05 -15.11 21.07
CA ALA D 431 -14.41 -15.57 20.77
C ALA D 431 -15.09 -16.26 21.95
N LEU D 432 -14.28 -16.69 22.93
CA LEU D 432 -14.78 -17.37 24.12
C LEU D 432 -15.19 -16.39 25.23
N LYS D 433 -14.56 -15.22 25.24
CA LYS D 433 -14.83 -14.19 26.24
C LYS D 433 -16.31 -13.84 26.30
N GLU D 434 -16.85 -13.76 27.51
CA GLU D 434 -18.25 -13.38 27.71
C GLU D 434 -18.50 -11.96 27.21
N ASN D 435 -19.65 -11.75 26.60
CA ASN D 435 -20.06 -10.44 26.05
C ASN D 435 -19.35 -10.08 24.74
N THR D 436 -18.90 -11.11 24.01
CA THR D 436 -18.26 -10.92 22.70
C THR D 436 -19.31 -10.97 21.59
N GLN D 437 -19.30 -9.96 20.72
CA GLN D 437 -20.21 -9.93 19.58
C GLN D 437 -19.49 -10.36 18.32
N GLU D 438 -18.43 -9.63 17.99
CA GLU D 438 -17.62 -9.92 16.82
C GLU D 438 -16.16 -9.79 17.25
N VAL D 439 -15.27 -10.48 16.54
CA VAL D 439 -13.84 -10.35 16.79
C VAL D 439 -13.13 -10.22 15.45
N HIS D 440 -12.46 -9.09 15.25
CA HIS D 440 -11.95 -8.71 13.95
C HIS D 440 -10.46 -9.00 13.82
N ALA D 441 -10.13 -9.88 12.88
CA ALA D 441 -8.75 -10.18 12.56
C ALA D 441 -8.33 -9.35 11.35
N ILE D 442 -7.42 -8.40 11.58
CA ILE D 442 -6.86 -7.60 10.51
C ILE D 442 -5.44 -8.09 10.24
N VAL D 443 -5.31 -8.85 9.15
CA VAL D 443 -4.07 -9.55 8.83
C VAL D 443 -3.60 -9.24 7.41
N PRO D 444 -2.29 -9.41 7.14
CA PRO D 444 -1.74 -9.36 5.80
C PRO D 444 -2.47 -10.30 4.84
N VAL D 445 -2.43 -9.98 3.55
CA VAL D 445 -3.16 -10.72 2.52
C VAL D 445 -2.95 -12.25 2.56
N PRO D 446 -1.69 -12.73 2.50
CA PRO D 446 -1.53 -14.19 2.47
C PRO D 446 -1.93 -14.89 3.77
N ILE D 447 -1.98 -14.15 4.87
CA ILE D 447 -2.46 -14.69 6.14
C ILE D 447 -3.98 -14.92 6.06
N ALA D 448 -4.70 -13.95 5.52
CA ALA D 448 -6.15 -14.06 5.33
C ALA D 448 -6.49 -15.18 4.34
N SER D 449 -5.73 -15.27 3.26
CA SER D 449 -5.92 -16.31 2.24
C SER D 449 -5.79 -17.71 2.83
N TYR D 450 -4.77 -17.90 3.67
CA TYR D 450 -4.54 -19.17 4.36
C TYR D 450 -5.66 -19.45 5.36
N LEU D 451 -5.97 -18.46 6.20
CA LEU D 451 -7.01 -18.61 7.22
C LEU D 451 -8.40 -18.86 6.65
N LEU D 452 -8.68 -18.27 5.49
CA LEU D 452 -10.01 -18.36 4.89
C LEU D 452 -10.12 -19.44 3.80
N ASN D 453 -9.09 -20.24 3.65
CA ASN D 453 -9.14 -21.41 2.76
C ASN D 453 -8.57 -22.66 3.41
N GLU D 454 -7.27 -22.63 3.72
CA GLU D 454 -6.62 -23.74 4.39
C GLU D 454 -7.18 -23.96 5.80
N LYS D 455 -7.73 -22.91 6.39
CA LYS D 455 -8.27 -23.00 7.75
C LYS D 455 -9.77 -22.67 7.88
N ARG D 456 -10.49 -22.62 6.77
CA ARG D 456 -11.92 -22.26 6.78
C ARG D 456 -12.74 -23.10 7.77
N SER D 457 -12.54 -24.42 7.71
CA SER D 457 -13.24 -25.37 8.59
C SER D 457 -13.12 -25.00 10.07
N ALA D 458 -11.90 -24.71 10.51
CA ALA D 458 -11.61 -24.34 11.89
C ALA D 458 -12.26 -23.02 12.29
N VAL D 459 -12.15 -22.03 11.41
CA VAL D 459 -12.79 -20.71 11.62
C VAL D 459 -14.30 -20.88 11.73
N ASN D 460 -14.86 -21.69 10.83
CA ASN D 460 -16.26 -22.07 10.89
C ASN D 460 -16.60 -22.78 12.19
N ALA D 461 -15.75 -23.73 12.59
CA ALA D 461 -15.89 -24.47 13.85
C ALA D 461 -15.93 -23.54 15.07
N ILE D 462 -15.18 -22.44 15.00
CA ILE D 462 -15.21 -21.42 16.05
C ILE D 462 -16.57 -20.72 16.10
N GLU D 463 -17.03 -20.24 14.94
CA GLU D 463 -18.33 -19.57 14.81
C GLU D 463 -19.50 -20.45 15.26
N THR D 464 -19.47 -21.74 14.92
CA THR D 464 -20.55 -22.65 15.27
C THR D 464 -20.50 -23.15 16.72
N ARG D 465 -19.30 -23.24 17.30
CA ARG D 465 -19.17 -23.57 18.72
C ARG D 465 -19.49 -22.37 19.61
N GLN D 466 -19.12 -21.19 19.16
CA GLN D 466 -19.45 -19.95 19.86
C GLN D 466 -20.61 -19.28 19.13
N ASP D 467 -21.81 -19.84 19.32
CA ASP D 467 -23.02 -19.41 18.61
C ASP D 467 -23.25 -17.91 18.70
N GLY D 468 -23.38 -17.29 17.54
CA GLY D 468 -23.69 -15.86 17.46
C GLY D 468 -22.49 -14.93 17.37
N VAL D 469 -21.28 -15.50 17.39
CA VAL D 469 -20.05 -14.71 17.28
C VAL D 469 -19.53 -14.74 15.85
N ARG D 470 -19.31 -13.55 15.29
CA ARG D 470 -18.82 -13.39 13.93
C ARG D 470 -17.32 -13.20 13.94
N CYS D 471 -16.61 -14.09 13.25
CA CYS D 471 -15.17 -13.95 13.06
C CYS D 471 -14.90 -13.33 11.70
N VAL D 472 -14.53 -12.05 11.70
CA VAL D 472 -14.21 -11.34 10.46
C VAL D 472 -12.70 -11.27 10.27
N ILE D 473 -12.20 -12.08 9.34
CA ILE D 473 -10.79 -12.08 8.97
C ILE D 473 -10.65 -11.35 7.64
N VAL D 474 -10.23 -10.08 7.72
CA VAL D 474 -10.14 -9.21 6.55
C VAL D 474 -8.69 -9.05 6.08
N PRO D 475 -8.41 -9.41 4.82
CA PRO D 475 -7.11 -9.15 4.19
C PRO D 475 -6.85 -7.65 4.04
N ASN D 476 -5.61 -7.26 4.27
CA ASN D 476 -5.23 -5.86 4.32
C ASN D 476 -3.84 -5.69 3.70
N ASP D 477 -3.79 -5.18 2.47
CA ASP D 477 -2.52 -5.08 1.74
C ASP D 477 -1.61 -3.93 2.21
N GLN D 478 -2.03 -3.23 3.27
CA GLN D 478 -1.18 -2.22 3.91
C GLN D 478 -0.30 -2.84 5.00
N MET D 479 -0.41 -4.15 5.17
CA MET D 479 0.47 -4.89 6.06
C MET D 479 1.09 -6.10 5.37
N GLU D 480 2.23 -6.54 5.88
CA GLU D 480 2.81 -7.82 5.46
C GLU D 480 2.88 -8.88 6.56
N THR D 481 3.71 -9.89 6.33
CA THR D 481 3.71 -10.99 7.29
C THR D 481 3.74 -10.66 8.78
N PRO D 482 4.52 -9.65 9.14
CA PRO D 482 4.99 -9.50 10.53
C PRO D 482 4.05 -8.61 11.32
N HIS D 483 2.82 -8.44 10.82
CA HIS D 483 1.93 -7.50 11.48
C HIS D 483 0.48 -7.97 11.40
N TYR D 484 -0.24 -7.84 12.52
CA TYR D 484 -1.65 -8.20 12.56
C TYR D 484 -2.36 -7.50 13.71
N HIS D 485 -3.69 -7.49 13.67
CA HIS D 485 -4.50 -7.12 14.82
C HIS D 485 -5.65 -8.08 15.02
N VAL D 486 -5.91 -8.44 16.28
CA VAL D 486 -7.11 -9.18 16.63
C VAL D 486 -7.86 -8.33 17.66
N LEU D 487 -8.83 -7.56 17.16
CA LEU D 487 -9.64 -6.68 18.00
C LEU D 487 -10.97 -7.33 18.33
N ARG D 488 -11.43 -7.13 19.55
CA ARG D 488 -12.64 -7.74 20.07
C ARG D 488 -13.78 -6.73 20.09
N VAL D 489 -14.96 -7.14 19.64
CA VAL D 489 -16.13 -6.27 19.61
C VAL D 489 -17.18 -6.80 20.59
N ARG D 490 -17.52 -5.97 21.58
CA ARG D 490 -18.51 -6.33 22.59
C ARG D 490 -19.94 -6.28 22.04
N LYS D 491 -20.86 -6.90 22.75
CA LYS D 491 -22.29 -6.83 22.41
C LYS D 491 -22.77 -5.39 22.55
N GLY D 492 -23.38 -4.87 21.49
CA GLY D 492 -23.93 -3.52 21.50
C GLY D 492 -23.12 -2.45 20.79
N GLU D 493 -21.84 -2.74 20.54
CA GLU D 493 -20.94 -1.76 19.91
C GLU D 493 -20.55 -2.10 18.46
N GLU D 494 -21.24 -3.06 17.87
CA GLU D 494 -21.01 -3.46 16.48
C GLU D 494 -21.72 -2.53 15.50
N THR D 495 -21.19 -2.45 14.29
CA THR D 495 -21.75 -1.60 13.23
C THR D 495 -22.06 -2.43 11.98
N PRO D 496 -22.81 -1.86 11.02
CA PRO D 496 -23.04 -2.59 9.76
C PRO D 496 -21.94 -2.30 8.74
N THR D 497 -20.68 -2.34 9.18
CA THR D 497 -19.55 -2.01 8.32
C THR D 497 -19.10 -3.19 7.47
N LEU D 498 -18.78 -2.89 6.21
CA LEU D 498 -18.25 -3.87 5.28
C LEU D 498 -16.86 -4.33 5.72
N SER D 499 -16.61 -5.63 5.59
CA SER D 499 -15.38 -6.27 6.05
C SER D 499 -14.13 -5.53 5.57
N TYR D 500 -14.12 -5.19 4.28
CA TYR D 500 -12.97 -4.53 3.66
C TYR D 500 -12.88 -3.04 4.01
N MET D 501 -13.94 -2.49 4.59
CA MET D 501 -13.91 -1.12 5.10
C MET D 501 -13.66 -1.08 6.61
N LEU D 502 -13.24 -2.22 7.16
CA LEU D 502 -12.94 -2.34 8.59
C LEU D 502 -11.54 -1.88 9.01
N PRO D 503 -10.47 -2.26 8.26
CA PRO D 503 -9.14 -1.77 8.62
C PRO D 503 -9.07 -0.25 8.74
N LYS D 504 -9.77 0.44 7.84
CA LYS D 504 -9.88 1.90 7.86
C LYS D 504 -10.64 2.39 9.10
N LEU D 505 -11.59 1.59 9.56
CA LEU D 505 -12.40 1.94 10.73
C LEU D 505 -11.59 1.97 12.03
N HIS D 506 -10.68 0.99 12.20
CA HIS D 506 -9.90 0.89 13.43
C HIS D 506 -8.58 1.65 13.37
N GLU D 507 -8.35 2.36 12.27
CA GLU D 507 -7.24 3.30 12.16
C GLU D 507 -7.45 4.42 13.19
N GLU D 508 -8.68 4.94 13.24
CA GLU D 508 -9.05 5.95 14.22
C GLU D 508 -9.26 5.33 15.60
#